data_4LGV
#
_entry.id   4LGV
#
_cell.length_a   55.220
_cell.length_b   170.210
_cell.length_c   225.030
_cell.angle_alpha   90.000
_cell.angle_beta   90.000
_cell.angle_gamma   90.000
#
_symmetry.space_group_name_H-M   'P 21 21 21'
#
loop_
_entity.id
_entity.type
_entity.pdbx_description
1 polymer 'Glucose-6-phosphate 1-dehydrogenase'
2 non-polymer GLYCEROL
3 non-polymer 'CHLORIDE ION'
4 non-polymer 'SULFATE ION'
5 non-polymer 1,2-ETHANEDIOL
6 water water
#
_entity_poly.entity_id   1
_entity_poly.type   'polypeptide(L)'
_entity_poly.pdbx_seq_one_letter_code
;MAHHHHHHMGTLEAQTQGPGSMADDDSHPSDLLVIFGITGDLARKMTFRALYRLERREELEHPIIGVASDDITLDQLLDR
AREAIKATGETFDDAVFDRLAGRLSYLSGDVTDTGLYSELAEKIGGDSRPLYYLEMPPSLFAPIVENLAKADLLERARVA
VEKPFGHDLESARDLNARLRAVLDEDQILRVDHFLGKQPVEELQYLRFANNALAKLWDRDSISEIHITMAEDFGIEDRGK
FYDAVGAVRDVVQNHLLQVLALVAMEPPVGAGADDLNDKKAEVFRAMPSLDPEHCVRGQYRGYTEVPGVAKDSTTETYVA
LRTEIDNWRWAGVPIFLRAGKALPHKVTEVRMFLHHVPGFSFLPNRRPPEPNQIVLRIDPDPGMRLQLSAQVGDSWHDVH
LDSSFAVDLGEPVRPYERLLYAAFNGDRQLFAREDAIEETWRIVQPVLDKPSRIHQYEQGSWGPEAAQALVHGRHAWQQP
WLPQSTSTKR
;
_entity_poly.pdbx_strand_id   A,B,C,D
#
loop_
_chem_comp.id
_chem_comp.type
_chem_comp.name
_chem_comp.formula
CL non-polymer 'CHLORIDE ION' 'Cl -1'
EDO non-polymer 1,2-ETHANEDIOL 'C2 H6 O2'
GOL non-polymer GLYCEROL 'C3 H8 O3'
SO4 non-polymer 'SULFATE ION' 'O4 S -2'
#
# COMPACT_ATOMS: atom_id res chain seq x y z
N HIS A 28 30.71 -28.68 5.94
CA HIS A 28 32.03 -29.16 6.49
C HIS A 28 33.18 -28.28 6.01
N PRO A 29 33.90 -27.63 6.94
CA PRO A 29 35.08 -26.89 6.54
C PRO A 29 36.21 -27.81 6.03
N SER A 30 37.19 -27.21 5.36
CA SER A 30 38.36 -27.90 4.91
C SER A 30 39.29 -28.14 6.07
N ASP A 31 40.26 -29.04 5.92
CA ASP A 31 41.30 -29.26 6.95
C ASP A 31 42.72 -29.27 6.33
N LEU A 32 42.86 -28.67 5.15
CA LEU A 32 44.15 -28.59 4.49
C LEU A 32 44.04 -27.57 3.43
N LEU A 33 45.03 -26.69 3.36
CA LEU A 33 45.00 -25.63 2.37
C LEU A 33 46.15 -25.88 1.37
N VAL A 34 45.82 -25.94 0.09
CA VAL A 34 46.79 -26.12 -0.95
C VAL A 34 46.74 -24.94 -1.90
N ILE A 35 47.85 -24.20 -2.02
CA ILE A 35 47.86 -22.96 -2.79
C ILE A 35 48.70 -23.10 -4.03
N PHE A 36 48.06 -23.11 -5.20
CA PHE A 36 48.78 -23.06 -6.45
C PHE A 36 49.06 -21.62 -6.79
N GLY A 37 50.34 -21.33 -7.04
CA GLY A 37 50.79 -19.98 -7.43
C GLY A 37 51.40 -19.20 -6.27
N ILE A 38 51.98 -19.91 -5.31
CA ILE A 38 52.45 -19.33 -4.05
C ILE A 38 53.65 -18.39 -4.22
N THR A 39 54.32 -18.43 -5.36
CA THR A 39 55.42 -17.50 -5.66
C THR A 39 55.02 -16.35 -6.57
N GLY A 40 53.73 -16.24 -6.90
CA GLY A 40 53.27 -15.16 -7.78
C GLY A 40 52.94 -13.84 -7.10
N ASP A 41 52.47 -12.88 -7.91
CA ASP A 41 52.25 -11.50 -7.44
C ASP A 41 51.15 -11.37 -6.39
N LEU A 42 50.06 -12.07 -6.58
CA LEU A 42 48.98 -11.97 -5.61
C LEU A 42 49.41 -12.54 -4.25
N ALA A 43 50.16 -13.64 -4.27
CA ALA A 43 50.70 -14.19 -3.02
C ALA A 43 51.59 -13.17 -2.32
N ARG A 44 52.40 -12.47 -3.10
CA ARG A 44 53.29 -11.49 -2.57
C ARG A 44 52.55 -10.25 -2.06
N LYS A 45 51.55 -9.77 -2.82
CA LYS A 45 50.86 -8.52 -2.45
C LYS A 45 49.90 -8.80 -1.28
N MET A 46 49.18 -9.93 -1.32
CA MET A 46 48.07 -10.19 -0.44
C MET A 46 48.15 -11.50 0.34
N THR A 47 48.40 -12.64 -0.33
CA THR A 47 48.09 -13.92 0.34
C THR A 47 48.94 -14.20 1.57
N PHE A 48 50.25 -13.97 1.47
CA PHE A 48 51.13 -14.15 2.62
C PHE A 48 50.73 -13.30 3.83
N ARG A 49 50.47 -12.03 3.60
CA ARG A 49 49.96 -11.14 4.65
C ARG A 49 48.65 -11.64 5.28
N ALA A 50 47.72 -12.08 4.44
CA ALA A 50 46.43 -12.60 4.92
C ALA A 50 46.60 -13.86 5.78
N LEU A 51 47.48 -14.79 5.36
CA LEU A 51 47.76 -15.94 6.16
C LEU A 51 48.41 -15.57 7.51
N TYR A 52 49.35 -14.63 7.44
CA TYR A 52 50.01 -14.12 8.66
C TYR A 52 48.98 -13.56 9.63
N ARG A 53 48.04 -12.78 9.10
CA ARG A 53 47.02 -12.13 9.99
C ARG A 53 46.07 -13.16 10.59
N LEU A 54 45.75 -14.19 9.82
CA LEU A 54 44.89 -15.25 10.33
C LEU A 54 45.65 -15.99 11.43
N GLU A 55 46.94 -16.21 11.22
CA GLU A 55 47.78 -16.83 12.26
C GLU A 55 47.85 -16.00 13.51
N ARG A 56 48.06 -14.71 13.37
CA ARG A 56 48.01 -13.84 14.53
C ARG A 56 46.69 -13.93 15.32
N ARG A 57 45.57 -14.00 14.62
CA ARG A 57 44.24 -14.13 15.26
C ARG A 57 43.96 -15.59 15.71
N GLU A 58 44.95 -16.47 15.55
CA GLU A 58 44.85 -17.87 15.92
C GLU A 58 43.77 -18.61 15.13
N GLU A 59 43.54 -18.21 13.89
CA GLU A 59 42.51 -18.82 13.06
C GLU A 59 43.03 -19.86 12.06
N LEU A 60 44.35 -20.05 11.97
CA LEU A 60 44.92 -21.15 11.16
C LEU A 60 45.15 -22.37 12.06
N GLU A 61 44.60 -23.51 11.66
CA GLU A 61 44.70 -24.73 12.48
C GLU A 61 45.19 -25.94 11.70
N HIS A 62 45.55 -25.75 10.44
CA HIS A 62 45.81 -26.84 9.53
C HIS A 62 47.04 -26.57 8.64
N PRO A 63 47.67 -27.61 8.12
CA PRO A 63 48.80 -27.43 7.23
C PRO A 63 48.46 -26.71 5.90
N ILE A 64 49.50 -26.09 5.35
CA ILE A 64 49.41 -25.35 4.13
C ILE A 64 50.50 -25.83 3.21
N ILE A 65 50.11 -26.28 2.03
CA ILE A 65 51.07 -26.72 1.01
C ILE A 65 51.10 -25.68 -0.09
N GLY A 66 52.24 -25.03 -0.28
CA GLY A 66 52.47 -24.14 -1.41
C GLY A 66 52.95 -24.90 -2.62
N VAL A 67 52.40 -24.54 -3.80
CA VAL A 67 52.81 -25.13 -5.07
C VAL A 67 53.14 -24.07 -6.12
N ALA A 68 54.26 -24.25 -6.81
CA ALA A 68 54.69 -23.37 -7.88
C ALA A 68 55.73 -24.07 -8.78
N SER A 69 56.06 -23.46 -9.90
CA SER A 69 57.14 -23.95 -10.75
C SER A 69 58.54 -23.61 -10.26
N ASP A 70 58.69 -22.59 -9.42
CA ASP A 70 60.05 -22.20 -9.03
C ASP A 70 60.82 -23.35 -8.35
N ASP A 71 62.06 -23.55 -8.77
CA ASP A 71 62.91 -24.55 -8.16
C ASP A 71 63.63 -23.90 -7.01
N ILE A 72 62.96 -23.84 -5.87
CA ILE A 72 63.51 -23.26 -4.66
C ILE A 72 63.22 -24.19 -3.51
N THR A 73 63.87 -23.97 -2.40
CA THR A 73 63.65 -24.77 -1.20
C THR A 73 62.54 -24.10 -0.36
N LEU A 74 62.07 -24.82 0.65
CA LEU A 74 61.17 -24.29 1.65
C LEU A 74 61.75 -23.04 2.35
N ASP A 75 63.03 -23.08 2.73
CA ASP A 75 63.65 -21.90 3.35
C ASP A 75 63.59 -20.67 2.47
N GLN A 76 63.86 -20.86 1.18
CA GLN A 76 63.78 -19.73 0.25
C GLN A 76 62.35 -19.18 0.13
N LEU A 77 61.39 -20.08 0.18
CA LEU A 77 60.01 -19.66 0.21
C LEU A 77 59.68 -18.85 1.46
N LEU A 78 60.17 -19.29 2.60
CA LEU A 78 59.97 -18.58 3.86
C LEU A 78 60.54 -17.18 3.85
N ASP A 79 61.71 -17.05 3.22
CA ASP A 79 62.30 -15.72 3.05
C ASP A 79 61.35 -14.86 2.19
N ARG A 80 60.82 -15.44 1.12
CA ARG A 80 59.89 -14.71 0.27
C ARG A 80 58.65 -14.27 1.04
N ALA A 81 58.13 -15.18 1.86
CA ALA A 81 56.96 -14.87 2.66
C ALA A 81 57.20 -13.78 3.69
N ARG A 82 58.36 -13.83 4.30
CA ARG A 82 58.77 -12.87 5.29
C ARG A 82 58.88 -11.46 4.68
N GLU A 83 59.61 -11.35 3.60
CA GLU A 83 59.73 -10.08 2.91
C GLU A 83 58.38 -9.55 2.44
N ALA A 84 57.55 -10.42 1.90
CA ALA A 84 56.30 -9.98 1.37
C ALA A 84 55.44 -9.37 2.47
N ILE A 85 55.46 -10.01 3.63
CA ILE A 85 54.66 -9.53 4.75
C ILE A 85 55.16 -8.18 5.24
N LYS A 86 56.46 -8.07 5.44
CA LYS A 86 57.06 -6.84 5.88
C LYS A 86 56.83 -5.72 4.88
N ALA A 87 56.90 -6.03 3.61
CA ALA A 87 56.74 -4.99 2.56
C ALA A 87 55.38 -4.32 2.60
N THR A 88 54.35 -5.05 3.00
CA THR A 88 52.99 -4.47 3.08
C THR A 88 52.81 -3.42 4.19
N GLY A 89 53.74 -3.34 5.14
CA GLY A 89 53.60 -2.41 6.28
C GLY A 89 52.94 -3.06 7.51
N GLU A 90 52.50 -4.31 7.37
CA GLU A 90 51.99 -5.10 8.50
C GLU A 90 53.01 -5.17 9.66
N THR A 91 52.52 -4.97 10.89
CA THR A 91 53.35 -5.15 12.08
C THR A 91 53.84 -6.61 12.12
N PHE A 92 55.15 -6.79 12.17
CA PHE A 92 55.78 -8.12 12.07
C PHE A 92 56.19 -8.65 13.45
N ASP A 93 55.65 -9.80 13.79
CA ASP A 93 55.97 -10.50 15.04
C ASP A 93 56.53 -11.86 14.65
N ASP A 94 57.77 -12.08 15.01
CA ASP A 94 58.54 -13.22 14.61
C ASP A 94 57.99 -14.53 15.17
N ALA A 95 57.43 -14.53 16.37
CA ALA A 95 56.77 -15.72 16.92
C ALA A 95 55.57 -16.12 16.10
N VAL A 96 54.78 -15.14 15.64
CA VAL A 96 53.63 -15.38 14.80
C VAL A 96 54.09 -15.97 13.50
N PHE A 97 55.14 -15.38 12.92
CA PHE A 97 55.64 -15.84 11.64
C PHE A 97 56.15 -17.28 11.76
N ASP A 98 56.82 -17.58 12.87
CA ASP A 98 57.32 -18.94 13.08
C ASP A 98 56.21 -19.98 13.14
N ARG A 99 55.06 -19.61 13.73
CA ARG A 99 53.89 -20.54 13.73
C ARG A 99 53.41 -20.77 12.31
N LEU A 100 53.39 -19.72 11.51
CA LEU A 100 52.95 -19.87 10.14
C LEU A 100 53.94 -20.77 9.38
N ALA A 101 55.23 -20.51 9.52
CA ALA A 101 56.25 -21.31 8.84
C ALA A 101 56.14 -22.77 9.21
N GLY A 102 55.84 -23.03 10.47
CA GLY A 102 55.61 -24.40 10.96
C GLY A 102 54.51 -25.17 10.26
N ARG A 103 53.53 -24.46 9.69
CA ARG A 103 52.41 -25.09 8.97
C ARG A 103 52.71 -25.28 7.47
N LEU A 104 53.72 -24.59 6.97
CA LEU A 104 53.94 -24.46 5.54
C LEU A 104 54.88 -25.53 4.98
N SER A 105 54.50 -26.15 3.87
CA SER A 105 55.43 -26.96 3.07
C SER A 105 55.39 -26.44 1.64
N TYR A 106 56.34 -26.89 0.83
CA TYR A 106 56.46 -26.43 -0.56
C TYR A 106 56.72 -27.57 -1.51
N LEU A 107 56.06 -27.47 -2.65
CA LEU A 107 56.16 -28.45 -3.69
C LEU A 107 56.32 -27.77 -5.04
N SER A 108 57.42 -28.10 -5.72
CA SER A 108 57.83 -27.53 -7.00
CA SER A 108 57.76 -27.51 -6.99
C SER A 108 57.50 -28.45 -8.17
N GLY A 109 56.96 -27.87 -9.25
CA GLY A 109 56.78 -28.65 -10.46
C GLY A 109 55.95 -27.93 -11.48
N ASP A 110 55.67 -28.63 -12.58
CA ASP A 110 54.88 -28.11 -13.67
C ASP A 110 53.44 -28.58 -13.47
N VAL A 111 52.54 -27.63 -13.42
CA VAL A 111 51.11 -27.90 -13.18
C VAL A 111 50.42 -28.60 -14.32
N THR A 112 51.03 -28.66 -15.49
CA THR A 112 50.50 -29.47 -16.59
C THR A 112 51.03 -30.90 -16.57
N ASP A 113 51.95 -31.24 -15.67
CA ASP A 113 52.55 -32.59 -15.62
C ASP A 113 51.94 -33.46 -14.50
N THR A 114 51.58 -34.69 -14.85
CA THR A 114 51.02 -35.62 -13.87
C THR A 114 51.92 -35.91 -12.66
N GLY A 115 53.23 -35.90 -12.84
CA GLY A 115 54.17 -36.15 -11.73
C GLY A 115 53.98 -35.25 -10.51
N LEU A 116 53.66 -33.98 -10.77
CA LEU A 116 53.43 -33.06 -9.67
C LEU A 116 52.29 -33.55 -8.78
N TYR A 117 51.24 -34.08 -9.41
CA TYR A 117 50.03 -34.50 -8.73
C TYR A 117 50.21 -35.81 -7.98
N SER A 118 51.03 -36.72 -8.51
CA SER A 118 51.44 -37.92 -7.78
C SER A 118 52.15 -37.54 -6.51
N GLU A 119 53.06 -36.60 -6.64
CA GLU A 119 53.76 -36.07 -5.46
C GLU A 119 52.79 -35.40 -4.43
N LEU A 120 51.88 -34.60 -4.95
CA LEU A 120 50.85 -33.99 -4.12
C LEU A 120 50.02 -35.05 -3.42
N ALA A 121 49.73 -36.15 -4.13
CA ALA A 121 48.87 -37.21 -3.58
C ALA A 121 49.53 -37.88 -2.38
N GLU A 122 50.86 -37.91 -2.33
CA GLU A 122 51.53 -38.44 -1.13
C GLU A 122 51.31 -37.55 0.07
N LYS A 123 51.34 -36.22 -0.15
CA LYS A 123 51.24 -35.25 0.96
C LYS A 123 49.81 -35.14 1.47
N ILE A 124 48.84 -35.65 0.72
CA ILE A 124 47.42 -35.49 1.04
C ILE A 124 46.79 -36.83 1.33
N GLY A 125 46.26 -37.02 2.53
CA GLY A 125 45.75 -38.32 2.91
C GLY A 125 44.36 -38.58 2.37
N GLY A 126 44.05 -39.87 2.22
CA GLY A 126 42.72 -40.31 1.83
C GLY A 126 41.60 -39.81 2.71
N ASP A 127 41.93 -39.33 3.92
CA ASP A 127 40.94 -38.73 4.83
C ASP A 127 40.89 -37.18 4.76
N SER A 128 41.68 -36.54 3.88
CA SER A 128 41.77 -35.07 3.86
C SER A 128 40.56 -34.37 3.24
N ARG A 129 40.32 -33.13 3.67
CA ARG A 129 39.30 -32.31 3.03
C ARG A 129 40.01 -31.04 2.53
N PRO A 130 40.66 -31.14 1.38
CA PRO A 130 41.44 -29.99 0.93
C PRO A 130 40.65 -28.85 0.32
N LEU A 131 41.09 -27.62 0.63
CA LEU A 131 40.77 -26.45 -0.19
C LEU A 131 41.93 -26.20 -1.13
N TYR A 132 41.70 -26.24 -2.43
CA TYR A 132 42.72 -25.86 -3.42
C TYR A 132 42.48 -24.45 -3.87
N TYR A 133 43.44 -23.57 -3.62
CA TYR A 133 43.30 -22.15 -3.94
C TYR A 133 44.23 -21.82 -5.09
N LEU A 134 43.65 -21.44 -6.22
CA LEU A 134 44.42 -21.26 -7.44
C LEU A 134 44.67 -19.80 -7.72
N GLU A 135 45.84 -19.30 -7.33
CA GLU A 135 46.23 -17.94 -7.69
C GLU A 135 47.21 -18.04 -8.84
N MET A 136 46.69 -18.47 -9.97
CA MET A 136 47.51 -18.69 -11.14
C MET A 136 46.80 -18.12 -12.36
N PRO A 137 47.54 -17.99 -13.46
CA PRO A 137 46.88 -17.58 -14.70
C PRO A 137 45.63 -18.41 -15.03
N PRO A 138 44.58 -17.76 -15.51
CA PRO A 138 43.32 -18.49 -15.75
C PRO A 138 43.39 -19.61 -16.76
N SER A 139 44.27 -19.48 -17.74
CA SER A 139 44.46 -20.59 -18.73
C SER A 139 44.90 -21.88 -18.05
N LEU A 140 45.36 -21.79 -16.80
CA LEU A 140 45.75 -23.00 -16.07
C LEU A 140 44.72 -23.58 -15.08
N PHE A 141 43.56 -22.93 -14.91
CA PHE A 141 42.56 -23.44 -13.95
C PHE A 141 42.10 -24.84 -14.32
N ALA A 142 41.70 -24.99 -15.58
CA ALA A 142 41.11 -26.23 -16.01
C ALA A 142 42.16 -27.34 -16.02
N PRO A 143 43.35 -27.05 -16.56
CA PRO A 143 44.37 -28.11 -16.51
C PRO A 143 44.69 -28.60 -15.11
N ILE A 144 44.75 -27.69 -14.13
CA ILE A 144 45.03 -28.06 -12.75
C ILE A 144 43.90 -28.94 -12.19
N VAL A 145 42.68 -28.49 -12.38
CA VAL A 145 41.51 -29.19 -11.83
C VAL A 145 41.33 -30.57 -12.52
N GLU A 146 41.57 -30.60 -13.81
CA GLU A 146 41.53 -31.87 -14.56
C GLU A 146 42.62 -32.82 -14.07
N ASN A 147 43.78 -32.28 -13.73
CA ASN A 147 44.86 -33.09 -13.17
C ASN A 147 44.58 -33.55 -11.75
N LEU A 148 43.92 -32.69 -10.96
CA LEU A 148 43.52 -33.09 -9.62
C LEU A 148 42.52 -34.25 -9.71
N ALA A 149 41.60 -34.15 -10.66
CA ALA A 149 40.65 -35.25 -10.92
C ALA A 149 41.36 -36.57 -11.31
N LYS A 150 42.26 -36.51 -12.31
CA LYS A 150 42.95 -37.74 -12.80
C LYS A 150 43.68 -38.41 -11.65
N ALA A 151 44.17 -37.62 -10.69
CA ALA A 151 44.84 -38.20 -9.54
C ALA A 151 43.90 -38.46 -8.39
N ASP A 152 42.61 -38.35 -8.63
CA ASP A 152 41.62 -38.68 -7.59
C ASP A 152 41.82 -37.83 -6.34
N LEU A 153 41.98 -36.54 -6.50
CA LEU A 153 42.21 -35.65 -5.35
C LEU A 153 41.10 -34.64 -5.09
N LEU A 154 39.91 -34.87 -5.65
CA LEU A 154 38.79 -33.91 -5.56
C LEU A 154 37.61 -34.31 -4.66
N GLU A 155 37.58 -35.55 -4.19
CA GLU A 155 36.56 -36.01 -3.27
C GLU A 155 36.75 -35.19 -2.01
N ARG A 156 35.66 -34.58 -1.57
CA ARG A 156 35.68 -33.77 -0.35
C ARG A 156 36.51 -32.52 -0.46
N ALA A 157 36.82 -32.13 -1.69
CA ALA A 157 37.58 -30.93 -1.92
C ALA A 157 36.66 -29.78 -2.31
N ARG A 158 37.19 -28.58 -2.15
CA ARG A 158 36.68 -27.41 -2.84
C ARG A 158 37.82 -26.77 -3.59
N VAL A 159 37.48 -25.98 -4.61
CA VAL A 159 38.46 -25.29 -5.42
C VAL A 159 38.06 -23.82 -5.50
N ALA A 160 38.99 -22.96 -5.06
CA ALA A 160 38.76 -21.52 -5.12
C ALA A 160 39.62 -20.96 -6.25
N VAL A 161 38.98 -20.30 -7.20
CA VAL A 161 39.68 -19.75 -8.35
C VAL A 161 39.75 -18.24 -8.30
N GLU A 162 40.97 -17.71 -8.49
CA GLU A 162 41.11 -16.24 -8.52
C GLU A 162 40.56 -15.66 -9.78
N LYS A 163 39.95 -14.50 -9.67
CA LYS A 163 39.57 -13.69 -10.80
C LYS A 163 40.77 -13.41 -11.73
N PRO A 164 40.57 -13.34 -13.05
CA PRO A 164 39.30 -13.47 -13.75
C PRO A 164 38.93 -14.91 -14.02
N PHE A 165 37.64 -15.13 -14.14
CA PHE A 165 37.09 -16.42 -14.53
C PHE A 165 36.18 -16.15 -15.72
N GLY A 166 36.76 -15.65 -16.80
CA GLY A 166 36.05 -15.39 -18.01
C GLY A 166 36.15 -13.93 -18.28
N HIS A 167 36.06 -13.58 -19.57
CA HIS A 167 36.06 -12.19 -19.98
C HIS A 167 34.81 -11.83 -20.77
N ASP A 168 33.92 -12.80 -20.94
CA ASP A 168 32.62 -12.59 -21.59
C ASP A 168 31.77 -13.86 -21.42
N LEU A 169 30.56 -13.85 -21.94
CA LEU A 169 29.62 -14.92 -21.69
C LEU A 169 30.17 -16.23 -22.19
N GLU A 170 30.65 -16.24 -23.44
CA GLU A 170 31.15 -17.49 -24.08
C GLU A 170 32.37 -18.05 -23.32
N SER A 171 33.34 -17.18 -23.00
CA SER A 171 34.54 -17.63 -22.31
C SER A 171 34.23 -18.12 -20.87
N ALA A 172 33.31 -17.46 -20.19
CA ALA A 172 32.88 -17.94 -18.85
C ALA A 172 32.18 -19.29 -18.93
N ARG A 173 31.30 -19.47 -19.92
CA ARG A 173 30.63 -20.75 -20.12
C ARG A 173 31.61 -21.88 -20.41
N ASP A 174 32.63 -21.62 -21.24
CA ASP A 174 33.63 -22.65 -21.57
C ASP A 174 34.43 -23.05 -20.35
N LEU A 175 34.90 -22.07 -19.60
CA LEU A 175 35.67 -22.35 -18.42
C LEU A 175 34.82 -23.16 -17.49
N ASN A 176 33.63 -22.66 -17.24
CA ASN A 176 32.71 -23.33 -16.35
C ASN A 176 32.37 -24.78 -16.70
N ALA A 177 32.21 -25.05 -17.99
CA ALA A 177 31.88 -26.41 -18.48
C ALA A 177 33.01 -27.35 -18.13
N ARG A 178 34.25 -26.88 -18.28
CA ARG A 178 35.39 -27.71 -17.96
C ARG A 178 35.51 -28.02 -16.46
N LEU A 179 35.22 -27.04 -15.61
CA LEU A 179 35.21 -27.26 -14.16
C LEU A 179 34.06 -28.18 -13.71
N ARG A 180 32.87 -27.95 -14.26
CA ARG A 180 31.69 -28.70 -13.83
C ARG A 180 31.71 -30.16 -14.32
N ALA A 181 32.56 -30.45 -15.31
CA ALA A 181 32.74 -31.83 -15.70
C ALA A 181 33.30 -32.66 -14.53
N VAL A 182 34.09 -32.05 -13.64
CA VAL A 182 34.67 -32.80 -12.51
C VAL A 182 34.28 -32.28 -11.11
N LEU A 183 33.67 -31.11 -11.03
CA LEU A 183 33.25 -30.52 -9.75
C LEU A 183 31.76 -30.22 -9.76
N ASP A 184 31.11 -30.44 -8.63
CA ASP A 184 29.81 -29.83 -8.36
C ASP A 184 29.95 -28.33 -8.17
N GLU A 185 28.86 -27.63 -8.40
CA GLU A 185 28.83 -26.18 -8.26
C GLU A 185 29.26 -25.79 -6.87
N ASP A 186 28.83 -26.55 -5.87
CA ASP A 186 29.10 -26.15 -4.49
C ASP A 186 30.58 -26.43 -4.08
N GLN A 187 31.37 -26.99 -4.97
CA GLN A 187 32.81 -27.13 -4.72
C GLN A 187 33.58 -25.98 -5.38
N ILE A 188 32.87 -25.17 -6.17
CA ILE A 188 33.50 -24.10 -6.90
C ILE A 188 33.30 -22.75 -6.19
N LEU A 189 34.41 -22.08 -5.86
CA LEU A 189 34.38 -20.78 -5.21
C LEU A 189 35.12 -19.76 -6.07
N ARG A 190 34.35 -18.86 -6.66
CA ARG A 190 34.93 -17.89 -7.57
C ARG A 190 35.31 -16.64 -6.79
N VAL A 191 36.61 -16.43 -6.57
CA VAL A 191 37.10 -15.41 -5.66
C VAL A 191 37.22 -14.06 -6.37
N ASP A 192 36.46 -13.08 -5.86
CA ASP A 192 36.52 -11.71 -6.37
C ASP A 192 36.67 -10.83 -5.16
N HIS A 193 37.85 -10.21 -5.02
CA HIS A 193 38.17 -9.44 -3.83
CA HIS A 193 38.19 -9.46 -3.83
C HIS A 193 37.17 -8.38 -3.52
N PHE A 194 36.58 -7.76 -4.57
CA PHE A 194 35.53 -6.75 -4.35
C PHE A 194 34.35 -7.28 -3.51
N LEU A 195 33.93 -8.50 -3.77
CA LEU A 195 32.81 -9.11 -3.02
C LEU A 195 33.05 -9.26 -1.54
N GLY A 196 34.33 -9.40 -1.17
CA GLY A 196 34.74 -9.42 0.23
C GLY A 196 34.42 -8.17 0.97
N LYS A 197 34.11 -7.08 0.27
CA LYS A 197 33.70 -5.83 0.89
C LYS A 197 32.21 -5.74 1.14
N GLN A 198 31.46 -6.69 0.63
CA GLN A 198 30.03 -6.55 0.68
C GLN A 198 29.46 -6.95 2.03
N PRO A 199 28.67 -6.05 2.64
CA PRO A 199 28.04 -6.35 3.90
C PRO A 199 26.75 -7.11 3.67
N VAL A 200 26.88 -8.36 3.24
CA VAL A 200 25.78 -9.20 2.80
C VAL A 200 24.74 -9.42 3.92
N GLU A 201 25.18 -9.84 5.09
CA GLU A 201 24.25 -10.13 6.18
C GLU A 201 23.65 -8.87 6.71
N GLU A 202 24.46 -7.81 6.80
CA GLU A 202 24.04 -6.58 7.46
C GLU A 202 23.08 -5.78 6.63
N LEU A 203 23.26 -5.81 5.32
CA LEU A 203 22.32 -5.13 4.45
C LEU A 203 20.97 -5.86 4.38
N GLN A 204 20.99 -7.21 4.45
CA GLN A 204 19.76 -7.94 4.57
C GLN A 204 19.05 -7.59 5.84
N TYR A 205 19.78 -7.49 6.93
CA TYR A 205 19.13 -7.21 8.21
C TYR A 205 18.52 -5.84 8.14
N LEU A 206 19.27 -4.90 7.54
CA LEU A 206 18.80 -3.52 7.45
C LEU A 206 17.46 -3.47 6.76
N ARG A 207 17.35 -4.22 5.68
CA ARG A 207 16.16 -4.22 4.81
C ARG A 207 15.00 -5.02 5.34
N PHE A 208 15.30 -6.12 6.00
CA PHE A 208 14.28 -7.12 6.26
C PHE A 208 13.83 -7.13 7.67
N ALA A 209 14.57 -6.44 8.55
CA ALA A 209 14.21 -6.44 9.97
C ALA A 209 13.66 -5.10 10.42
N ASN A 210 13.74 -4.09 9.54
CA ASN A 210 13.23 -2.72 9.87
C ASN A 210 12.01 -2.36 9.01
N ASN A 211 10.84 -2.39 9.62
CA ASN A 211 9.65 -2.16 8.85
C ASN A 211 9.56 -0.73 8.29
N ALA A 212 10.22 0.23 8.95
CA ALA A 212 10.21 1.59 8.48
C ALA A 212 10.88 1.64 7.11
N LEU A 213 11.83 0.75 6.85
CA LEU A 213 12.50 0.72 5.56
C LEU A 213 11.83 -0.22 4.61
N ALA A 214 11.43 -1.40 5.09
CA ALA A 214 10.81 -2.38 4.20
C ALA A 214 9.57 -1.79 3.57
N LYS A 215 8.79 -1.00 4.30
CA LYS A 215 7.63 -0.34 3.72
C LYS A 215 7.94 0.57 2.55
N LEU A 216 9.14 1.13 2.50
CA LEU A 216 9.53 2.06 1.46
C LEU A 216 10.23 1.38 0.28
N TRP A 217 10.49 0.09 0.38
CA TRP A 217 11.49 -0.52 -0.51
C TRP A 217 10.91 -1.15 -1.78
N ASP A 218 10.15 -0.36 -2.51
CA ASP A 218 9.55 -0.75 -3.78
C ASP A 218 9.18 0.49 -4.64
N ARG A 219 8.73 0.26 -5.88
CA ARG A 219 8.46 1.33 -6.84
C ARG A 219 7.37 2.29 -6.43
N ASP A 220 6.60 1.96 -5.39
CA ASP A 220 5.54 2.85 -4.97
C ASP A 220 6.15 3.99 -4.18
N SER A 221 7.34 3.78 -3.61
CA SER A 221 8.00 4.86 -2.90
C SER A 221 9.23 5.36 -3.63
N ILE A 222 9.93 4.47 -4.32
CA ILE A 222 11.26 4.77 -4.88
C ILE A 222 11.10 5.13 -6.33
N SER A 223 11.63 6.29 -6.73
CA SER A 223 11.54 6.72 -8.15
C SER A 223 12.75 6.38 -8.98
N GLU A 224 13.90 6.27 -8.35
CA GLU A 224 15.13 6.15 -9.07
C GLU A 224 16.24 5.66 -8.15
N ILE A 225 17.22 4.96 -8.73
CA ILE A 225 18.37 4.48 -7.99
C ILE A 225 19.66 4.88 -8.68
N HIS A 226 20.65 5.38 -7.91
CA HIS A 226 21.99 5.68 -8.44
C HIS A 226 23.02 4.89 -7.66
N ILE A 227 23.84 4.16 -8.38
CA ILE A 227 24.94 3.41 -7.79
C ILE A 227 26.27 4.03 -8.21
N THR A 228 27.06 4.44 -7.25
CA THR A 228 28.33 5.09 -7.50
C THR A 228 29.43 4.27 -6.89
N MET A 229 30.41 3.88 -7.70
CA MET A 229 31.63 3.31 -7.20
C MET A 229 32.83 4.14 -7.65
N ALA A 230 33.42 4.87 -6.72
CA ALA A 230 34.54 5.74 -7.02
C ALA A 230 35.81 5.30 -6.30
N GLU A 231 36.91 5.29 -7.03
CA GLU A 231 38.23 5.09 -6.42
C GLU A 231 39.09 6.33 -6.75
N ASP A 232 39.78 6.86 -5.75
CA ASP A 232 40.56 8.08 -5.90
C ASP A 232 42.01 7.76 -6.23
N PHE A 233 42.21 6.72 -7.03
CA PHE A 233 43.56 6.32 -7.45
C PHE A 233 43.44 5.71 -8.84
N GLY A 234 44.56 5.70 -9.55
CA GLY A 234 44.66 5.14 -10.87
C GLY A 234 45.13 3.70 -10.77
N ILE A 235 45.71 3.20 -11.84
CA ILE A 235 46.27 1.85 -11.89
C ILE A 235 47.75 1.91 -11.47
N GLU A 236 48.03 1.43 -10.26
CA GLU A 236 49.38 1.51 -9.67
C GLU A 236 50.31 0.42 -10.24
N ASP A 237 49.75 -0.75 -10.50
CA ASP A 237 50.55 -1.87 -11.01
C ASP A 237 49.68 -2.69 -11.94
N ARG A 238 50.31 -3.62 -12.63
CA ARG A 238 49.58 -4.56 -13.44
C ARG A 238 48.74 -3.83 -14.53
N GLY A 239 49.31 -2.76 -15.07
CA GLY A 239 48.68 -2.01 -16.18
C GLY A 239 48.32 -2.87 -17.36
N LYS A 240 49.19 -3.82 -17.67
CA LYS A 240 48.96 -4.70 -18.78
C LYS A 240 47.72 -5.55 -18.55
N PHE A 241 47.53 -5.98 -17.31
CA PHE A 241 46.34 -6.79 -16.92
C PHE A 241 45.06 -5.96 -16.98
N TYR A 242 45.09 -4.77 -16.38
CA TYR A 242 43.92 -3.90 -16.43
C TYR A 242 43.51 -3.53 -17.87
N ASP A 243 44.50 -3.27 -18.73
CA ASP A 243 44.22 -2.83 -20.11
C ASP A 243 43.46 -3.86 -20.94
N ALA A 244 43.54 -5.13 -20.54
CA ALA A 244 42.79 -6.21 -21.19
C ALA A 244 41.40 -6.46 -20.53
N VAL A 245 41.13 -5.78 -19.41
CA VAL A 245 39.93 -6.03 -18.62
C VAL A 245 38.95 -4.86 -18.73
N GLY A 246 39.32 -3.70 -18.16
CA GLY A 246 38.48 -2.52 -18.24
C GLY A 246 37.47 -2.49 -17.08
N ALA A 247 36.93 -1.30 -16.82
CA ALA A 247 36.04 -1.06 -15.67
C ALA A 247 34.80 -1.93 -15.69
N VAL A 248 34.13 -2.05 -16.82
CA VAL A 248 32.95 -2.93 -16.90
C VAL A 248 33.25 -4.34 -16.39
N ARG A 249 34.29 -4.97 -16.92
CA ARG A 249 34.61 -6.34 -16.50
C ARG A 249 35.14 -6.39 -15.08
N ASP A 250 35.82 -5.31 -14.69
CA ASP A 250 36.52 -5.27 -13.41
C ASP A 250 35.56 -5.16 -12.24
N VAL A 251 34.60 -4.24 -12.32
CA VAL A 251 33.70 -3.93 -11.18
C VAL A 251 32.20 -4.06 -11.41
N VAL A 252 31.77 -3.94 -12.65
CA VAL A 252 30.34 -3.95 -12.95
C VAL A 252 29.72 -5.33 -13.02
N GLN A 253 30.29 -6.18 -13.86
CA GLN A 253 29.76 -7.49 -14.18
C GLN A 253 29.42 -8.33 -12.96
N ASN A 254 30.30 -8.32 -11.99
CA ASN A 254 30.16 -9.14 -10.78
C ASN A 254 29.83 -8.26 -9.57
N HIS A 255 30.78 -7.43 -9.15
CA HIS A 255 30.64 -6.66 -7.89
C HIS A 255 29.38 -5.80 -7.81
N LEU A 256 29.24 -4.86 -8.73
CA LEU A 256 28.19 -3.88 -8.60
C LEU A 256 26.83 -4.47 -8.90
N LEU A 257 26.75 -5.35 -9.89
CA LEU A 257 25.46 -6.05 -10.14
C LEU A 257 25.08 -6.94 -8.97
N GLN A 258 26.04 -7.51 -8.29
CA GLN A 258 25.74 -8.30 -7.07
C GLN A 258 25.21 -7.38 -5.96
N VAL A 259 25.79 -6.18 -5.84
CA VAL A 259 25.34 -5.19 -4.87
C VAL A 259 23.89 -4.75 -5.17
N LEU A 260 23.62 -4.49 -6.44
CA LEU A 260 22.27 -4.17 -6.86
C LEU A 260 21.31 -5.28 -6.47
N ALA A 261 21.70 -6.52 -6.73
CA ALA A 261 20.82 -7.64 -6.43
C ALA A 261 20.50 -7.75 -4.95
N LEU A 262 21.50 -7.49 -4.11
CA LEU A 262 21.27 -7.51 -2.68
C LEU A 262 20.25 -6.45 -2.29
N VAL A 263 20.34 -5.29 -2.93
CA VAL A 263 19.49 -4.15 -2.64
C VAL A 263 18.08 -4.43 -3.14
N ALA A 264 17.97 -5.14 -4.26
CA ALA A 264 16.70 -5.28 -4.98
C ALA A 264 15.95 -6.60 -4.80
N MET A 265 16.63 -7.63 -4.32
CA MET A 265 16.02 -8.97 -4.25
C MET A 265 14.87 -9.07 -3.28
N GLU A 266 14.00 -10.04 -3.57
CA GLU A 266 13.00 -10.51 -2.63
C GLU A 266 13.73 -11.21 -1.47
N PRO A 267 13.08 -11.26 -0.31
CA PRO A 267 13.70 -11.92 0.82
C PRO A 267 13.85 -13.42 0.61
N PRO A 268 15.03 -13.98 0.87
CA PRO A 268 15.19 -15.44 0.88
C PRO A 268 14.27 -16.15 1.81
N VAL A 269 13.90 -17.41 1.45
CA VAL A 269 13.07 -18.25 2.35
C VAL A 269 13.84 -19.05 3.34
N GLY A 270 15.16 -19.00 3.27
CA GLY A 270 16.02 -19.65 4.24
C GLY A 270 17.30 -18.84 4.43
N ALA A 271 18.13 -19.30 5.35
CA ALA A 271 19.33 -18.62 5.73
C ALA A 271 20.54 -19.08 4.96
N GLY A 272 20.46 -20.11 4.18
CA GLY A 272 21.67 -20.62 3.49
C GLY A 272 22.09 -19.84 2.27
N ALA A 273 23.29 -20.14 1.81
CA ALA A 273 23.85 -19.48 0.63
C ALA A 273 23.03 -19.71 -0.62
N ASP A 274 22.51 -20.91 -0.82
CA ASP A 274 21.78 -21.16 -2.05
C ASP A 274 20.41 -20.47 -2.05
N ASP A 275 19.80 -20.32 -0.87
CA ASP A 275 18.59 -19.55 -0.77
C ASP A 275 18.88 -18.09 -1.14
N LEU A 276 20.00 -17.56 -0.72
CA LEU A 276 20.36 -16.21 -1.02
C LEU A 276 20.62 -16.05 -2.54
N ASN A 277 21.40 -16.97 -3.08
CA ASN A 277 21.71 -16.98 -4.48
C ASN A 277 20.51 -17.25 -5.41
N ASP A 278 19.51 -18.02 -4.96
CA ASP A 278 18.24 -18.09 -5.66
C ASP A 278 17.65 -16.67 -5.80
N LYS A 279 17.70 -15.84 -4.75
CA LYS A 279 17.02 -14.57 -4.83
C LYS A 279 17.77 -13.59 -5.75
N LYS A 280 19.11 -13.65 -5.69
CA LYS A 280 19.89 -12.78 -6.51
C LYS A 280 19.63 -13.13 -7.99
N ALA A 281 19.65 -14.42 -8.33
CA ALA A 281 19.47 -14.84 -9.69
C ALA A 281 18.13 -14.34 -10.22
N GLU A 282 17.08 -14.44 -9.42
CA GLU A 282 15.78 -13.93 -9.84
C GLU A 282 15.83 -12.46 -10.29
N VAL A 283 16.62 -11.66 -9.59
CA VAL A 283 16.75 -10.26 -9.94
C VAL A 283 17.29 -10.16 -11.34
N PHE A 284 18.41 -10.84 -11.58
CA PHE A 284 19.12 -10.70 -12.86
C PHE A 284 18.23 -11.19 -14.01
N ARG A 285 17.41 -12.21 -13.74
CA ARG A 285 16.53 -12.75 -14.81
C ARG A 285 15.46 -11.79 -15.25
N ALA A 286 15.20 -10.75 -14.47
CA ALA A 286 14.20 -9.76 -14.80
C ALA A 286 14.86 -8.51 -15.33
N MET A 287 16.17 -8.55 -15.53
CA MET A 287 16.88 -7.41 -16.09
C MET A 287 17.16 -7.62 -17.59
N PRO A 288 16.79 -6.66 -18.42
CA PRO A 288 17.17 -6.71 -19.82
C PRO A 288 18.67 -6.42 -19.99
N SER A 289 19.23 -6.89 -21.09
CA SER A 289 20.60 -6.54 -21.44
CA SER A 289 20.60 -6.56 -21.42
C SER A 289 20.78 -5.05 -21.58
N LEU A 290 21.97 -4.57 -21.28
CA LEU A 290 22.25 -3.14 -21.38
C LEU A 290 22.07 -2.61 -22.81
N ASP A 291 21.57 -1.36 -22.88
CA ASP A 291 21.55 -0.55 -24.10
C ASP A 291 22.88 0.22 -24.27
N PRO A 292 23.73 -0.16 -25.24
CA PRO A 292 25.04 0.54 -25.44
C PRO A 292 24.93 2.06 -25.68
N GLU A 293 23.78 2.55 -26.15
CA GLU A 293 23.54 3.97 -26.36
C GLU A 293 23.33 4.70 -25.06
N HIS A 294 23.04 3.96 -24.01
CA HIS A 294 22.87 4.58 -22.69
C HIS A 294 24.07 4.23 -21.79
N CYS A 295 25.22 3.98 -22.42
CA CYS A 295 26.43 3.63 -21.73
C CYS A 295 27.56 4.58 -22.15
N VAL A 296 28.22 5.20 -21.17
CA VAL A 296 29.25 6.18 -21.40
C VAL A 296 30.57 5.63 -20.86
N ARG A 297 31.59 5.63 -21.71
CA ARG A 297 32.88 5.06 -21.36
C ARG A 297 33.93 6.16 -21.28
N GLY A 298 34.71 6.11 -20.21
CA GLY A 298 35.72 7.12 -19.95
C GLY A 298 37.11 6.53 -19.76
N GLN A 299 38.11 7.37 -19.95
CA GLN A 299 39.50 7.01 -19.74
C GLN A 299 40.24 8.21 -19.21
N TYR A 300 40.87 8.04 -18.06
CA TYR A 300 41.49 9.17 -17.45
C TYR A 300 42.79 9.58 -18.21
N ARG A 301 43.04 10.89 -18.25
CA ARG A 301 44.22 11.46 -18.91
C ARG A 301 45.45 11.04 -18.14
N GLY A 302 46.38 10.39 -18.86
CA GLY A 302 47.56 9.78 -18.23
C GLY A 302 47.54 8.26 -18.21
N TYR A 303 46.37 7.68 -18.46
CA TYR A 303 46.20 6.22 -18.42
C TYR A 303 47.10 5.54 -19.44
N THR A 304 47.18 6.12 -20.64
CA THR A 304 48.00 5.58 -21.69
C THR A 304 49.52 5.64 -21.41
N GLU A 305 49.95 6.43 -20.43
CA GLU A 305 51.36 6.47 -20.03
C GLU A 305 51.68 5.49 -18.86
N VAL A 306 50.68 4.73 -18.40
CA VAL A 306 50.93 3.70 -17.38
C VAL A 306 51.67 2.50 -18.01
N PRO A 307 52.76 2.06 -17.39
CA PRO A 307 53.51 0.94 -17.99
C PRO A 307 52.63 -0.31 -18.20
N GLY A 308 52.74 -0.91 -19.39
CA GLY A 308 51.90 -2.04 -19.82
C GLY A 308 50.68 -1.64 -20.62
N VAL A 309 50.28 -0.37 -20.57
CA VAL A 309 49.11 0.09 -21.30
C VAL A 309 49.53 0.55 -22.70
N ALA A 310 48.82 0.07 -23.72
CA ALA A 310 49.07 0.44 -25.11
C ALA A 310 48.78 1.93 -25.34
N LYS A 311 49.64 2.56 -26.16
CA LYS A 311 49.64 4.01 -26.35
C LYS A 311 48.32 4.49 -26.98
N ASP A 312 47.71 3.60 -27.76
CA ASP A 312 46.41 3.86 -28.40
C ASP A 312 45.22 3.09 -27.75
N SER A 313 45.36 2.66 -26.49
CA SER A 313 44.30 1.90 -25.81
C SER A 313 42.93 2.58 -25.86
N THR A 314 41.89 1.82 -26.12
CA THR A 314 40.52 2.32 -25.97
C THR A 314 39.83 1.66 -24.78
N THR A 315 40.62 1.10 -23.86
CA THR A 315 40.07 0.48 -22.63
C THR A 315 39.56 1.56 -21.67
N GLU A 316 38.40 1.30 -21.08
CA GLU A 316 37.75 2.30 -20.21
C GLU A 316 38.23 2.11 -18.79
N THR A 317 38.52 3.22 -18.12
CA THR A 317 38.77 3.22 -16.70
C THR A 317 37.53 3.73 -15.95
N TYR A 318 36.50 4.11 -16.69
CA TYR A 318 35.25 4.68 -16.12
C TYR A 318 34.08 4.24 -16.96
N VAL A 319 32.94 3.94 -16.31
CA VAL A 319 31.68 3.67 -17.03
C VAL A 319 30.52 4.26 -16.31
N ALA A 320 29.56 4.76 -17.06
CA ALA A 320 28.30 5.14 -16.53
C ALA A 320 27.23 4.53 -17.43
N LEU A 321 26.18 3.99 -16.83
CA LEU A 321 25.19 3.24 -17.60
C LEU A 321 23.79 3.29 -16.96
N ARG A 322 22.81 2.93 -17.76
CA ARG A 322 21.45 2.86 -17.32
C ARG A 322 20.96 1.43 -17.47
N THR A 323 20.26 0.95 -16.45
CA THR A 323 19.62 -0.35 -16.51
C THR A 323 18.28 -0.31 -15.74
N GLU A 324 17.69 -1.47 -15.55
CA GLU A 324 16.38 -1.55 -14.91
C GLU A 324 16.13 -2.98 -14.47
N ILE A 325 15.17 -3.14 -13.57
CA ILE A 325 14.71 -4.46 -13.12
C ILE A 325 13.19 -4.52 -13.36
N ASP A 326 12.78 -5.32 -14.33
CA ASP A 326 11.42 -5.27 -14.86
C ASP A 326 10.51 -6.27 -14.16
N ASN A 327 10.28 -6.05 -12.87
CA ASN A 327 9.40 -6.94 -12.10
C ASN A 327 8.39 -6.16 -11.26
N TRP A 328 7.62 -6.83 -10.42
CA TRP A 328 6.59 -6.15 -9.63
C TRP A 328 7.14 -5.11 -8.66
N ARG A 329 8.36 -5.32 -8.15
CA ARG A 329 8.92 -4.44 -7.12
C ARG A 329 9.56 -3.20 -7.74
N TRP A 330 10.16 -3.34 -8.91
CA TRP A 330 11.00 -2.28 -9.46
C TRP A 330 10.66 -1.75 -10.89
N ALA A 331 9.63 -2.26 -11.52
CA ALA A 331 9.35 -1.86 -12.93
C ALA A 331 9.24 -0.34 -13.02
N GLY A 332 9.86 0.23 -14.05
CA GLY A 332 9.79 1.67 -14.31
C GLY A 332 10.77 2.52 -13.49
N VAL A 333 11.55 1.90 -12.60
CA VAL A 333 12.50 2.64 -11.77
C VAL A 333 13.82 2.62 -12.51
N PRO A 334 14.27 3.76 -13.07
CA PRO A 334 15.56 3.75 -13.69
C PRO A 334 16.68 3.55 -12.68
N ILE A 335 17.66 2.74 -13.07
CA ILE A 335 18.81 2.48 -12.26
C ILE A 335 20.05 2.96 -13.01
N PHE A 336 20.75 3.94 -12.44
CA PHE A 336 21.95 4.49 -13.03
C PHE A 336 23.15 4.03 -12.22
N LEU A 337 24.20 3.69 -12.93
CA LEU A 337 25.40 3.19 -12.32
C LEU A 337 26.63 3.90 -12.90
N ARG A 338 27.56 4.30 -12.03
CA ARG A 338 28.82 4.87 -12.45
C ARG A 338 29.93 4.30 -11.61
N ALA A 339 31.01 3.93 -12.28
CA ALA A 339 32.19 3.38 -11.63
C ALA A 339 33.45 3.87 -12.35
N GLY A 340 34.48 4.21 -11.60
CA GLY A 340 35.71 4.63 -12.23
C GLY A 340 36.92 4.88 -11.39
N LYS A 341 38.07 4.81 -12.05
CA LYS A 341 39.38 5.11 -11.47
C LYS A 341 39.67 6.60 -11.51
N ALA A 342 40.50 7.05 -10.58
CA ALA A 342 40.95 8.43 -10.53
C ALA A 342 39.77 9.41 -10.41
N LEU A 343 38.84 9.08 -9.53
CA LEU A 343 37.74 9.98 -9.23
C LEU A 343 38.09 10.71 -7.94
N PRO A 344 37.25 11.66 -7.50
CA PRO A 344 37.67 12.49 -6.37
C PRO A 344 37.76 11.82 -5.01
N HIS A 345 37.03 10.74 -4.81
CA HIS A 345 37.00 10.06 -3.51
C HIS A 345 36.95 8.55 -3.64
N LYS A 346 37.22 7.87 -2.53
CA LYS A 346 37.00 6.43 -2.44
C LYS A 346 35.68 6.14 -1.74
N VAL A 347 34.66 5.76 -2.50
CA VAL A 347 33.32 5.51 -1.91
C VAL A 347 32.48 4.71 -2.87
N THR A 348 31.72 3.79 -2.30
CA THR A 348 30.70 3.03 -3.03
C THR A 348 29.39 3.26 -2.35
N GLU A 349 28.42 3.73 -3.12
CA GLU A 349 27.15 4.20 -2.59
C GLU A 349 25.98 3.71 -3.45
N VAL A 350 24.89 3.37 -2.79
CA VAL A 350 23.63 3.10 -3.45
C VAL A 350 22.67 4.17 -2.94
N ARG A 351 22.19 5.02 -3.84
CA ARG A 351 21.37 6.16 -3.43
C ARG A 351 19.99 5.96 -4.02
N MET A 352 19.00 5.86 -3.15
CA MET A 352 17.63 5.62 -3.62
C MET A 352 16.79 6.87 -3.41
N PHE A 353 16.25 7.43 -4.50
CA PHE A 353 15.44 8.62 -4.47
C PHE A 353 14.00 8.24 -4.28
N LEU A 354 13.32 8.85 -3.32
CA LEU A 354 11.85 8.62 -3.19
C LEU A 354 11.09 9.55 -4.09
N HIS A 355 9.87 9.17 -4.50
CA HIS A 355 8.97 10.15 -5.10
C HIS A 355 8.68 11.24 -4.07
N HIS A 356 8.38 12.41 -4.59
CA HIS A 356 7.76 13.45 -3.74
C HIS A 356 6.42 13.00 -3.24
N VAL A 357 5.99 13.54 -2.12
CA VAL A 357 4.60 13.33 -1.71
C VAL A 357 3.75 13.87 -2.87
N PRO A 358 2.78 13.10 -3.35
CA PRO A 358 2.04 13.56 -4.54
C PRO A 358 1.06 14.66 -4.21
N GLY A 359 0.70 15.41 -5.22
CA GLY A 359 -0.37 16.38 -5.09
C GLY A 359 -0.01 17.70 -4.47
N PHE A 360 -1.03 18.54 -4.30
CA PHE A 360 -0.87 19.85 -3.66
C PHE A 360 0.22 20.75 -4.25
N SER A 361 0.41 20.71 -5.57
CA SER A 361 1.29 21.69 -6.25
C SER A 361 0.84 23.12 -6.04
N PHE A 362 -0.46 23.33 -5.85
CA PHE A 362 -1.00 24.68 -5.65
C PHE A 362 -0.71 25.24 -4.24
N LEU A 363 -0.07 24.49 -3.37
CA LEU A 363 0.19 24.98 -2.02
C LEU A 363 1.68 25.10 -1.79
N PRO A 364 2.07 26.12 -1.03
CA PRO A 364 3.48 26.23 -0.60
C PRO A 364 3.79 25.27 0.55
N ASN A 365 5.07 24.94 0.70
CA ASN A 365 5.52 24.16 1.85
C ASN A 365 4.97 22.72 1.94
N ARG A 366 4.78 22.11 0.77
CA ARG A 366 4.49 20.68 0.71
C ARG A 366 5.54 19.91 -0.04
N ARG A 367 6.56 20.61 -0.54
CA ARG A 367 7.51 20.02 -1.42
C ARG A 367 8.92 20.62 -1.24
N PRO A 368 9.85 19.84 -0.66
CA PRO A 368 11.24 20.30 -0.54
C PRO A 368 11.90 20.34 -1.91
N PRO A 369 13.05 21.03 -2.05
CA PRO A 369 13.70 21.18 -3.37
C PRO A 369 14.20 19.85 -3.90
N GLU A 370 14.59 18.94 -3.01
CA GLU A 370 14.87 17.54 -3.39
C GLU A 370 14.03 16.57 -2.55
N PRO A 371 13.66 15.44 -3.13
CA PRO A 371 12.83 14.44 -2.47
C PRO A 371 13.66 13.73 -1.44
N ASN A 372 13.00 13.05 -0.53
CA ASN A 372 13.68 12.21 0.45
C ASN A 372 14.58 11.21 -0.28
N GLN A 373 15.65 10.81 0.40
CA GLN A 373 16.57 9.80 -0.13
C GLN A 373 17.04 8.83 0.95
N ILE A 374 17.21 7.58 0.54
CA ILE A 374 17.85 6.57 1.35
C ILE A 374 19.20 6.32 0.75
N VAL A 375 20.27 6.56 1.51
CA VAL A 375 21.62 6.38 1.02
C VAL A 375 22.33 5.26 1.78
N LEU A 376 22.83 4.28 1.06
CA LEU A 376 23.61 3.20 1.62
C LEU A 376 25.07 3.34 1.19
N ARG A 377 25.97 3.65 2.11
CA ARG A 377 27.38 3.58 1.83
C ARG A 377 27.83 2.13 2.05
N ILE A 378 28.27 1.49 0.98
CA ILE A 378 28.67 0.08 0.98
C ILE A 378 30.10 -0.01 1.45
N ASP A 379 30.92 0.98 1.07
CA ASP A 379 32.35 0.98 1.34
C ASP A 379 32.89 2.40 1.09
N PRO A 380 33.86 2.83 1.91
CA PRO A 380 34.26 2.24 3.15
C PRO A 380 33.30 2.62 4.22
N ASP A 381 33.53 2.07 5.42
CA ASP A 381 32.84 2.53 6.62
C ASP A 381 31.33 2.51 6.39
N PRO A 382 30.80 1.32 6.18
CA PRO A 382 29.41 1.19 5.75
C PRO A 382 28.42 1.87 6.69
N GLY A 383 27.35 2.40 6.09
CA GLY A 383 26.32 3.05 6.86
C GLY A 383 25.10 3.39 6.04
N MET A 384 24.13 3.99 6.71
CA MET A 384 22.94 4.42 6.04
C MET A 384 22.65 5.85 6.41
N ARG A 385 22.25 6.61 5.41
CA ARG A 385 21.76 7.96 5.65
C ARG A 385 20.36 8.09 5.12
N LEU A 386 19.46 8.57 5.96
CA LEU A 386 18.14 8.94 5.50
C LEU A 386 18.09 10.49 5.37
N GLN A 387 17.82 10.99 4.17
CA GLN A 387 17.70 12.45 3.95
C GLN A 387 16.26 12.91 3.93
N LEU A 388 15.94 13.81 4.84
CA LEU A 388 14.59 14.34 4.99
C LEU A 388 14.68 15.87 5.02
N SER A 389 13.52 16.53 5.15
CA SER A 389 13.46 17.98 5.20
C SER A 389 12.75 18.43 6.46
N ALA A 390 13.14 19.60 6.99
CA ALA A 390 12.60 20.10 8.23
C ALA A 390 12.41 21.58 8.20
N GLN A 391 11.42 22.06 8.93
CA GLN A 391 11.13 23.48 9.06
C GLN A 391 11.60 23.99 10.43
N VAL A 392 12.38 25.07 10.42
CA VAL A 392 12.82 25.74 11.64
C VAL A 392 12.63 27.21 11.39
N GLY A 393 11.65 27.80 12.09
CA GLY A 393 11.24 29.17 11.83
C GLY A 393 10.66 29.26 10.44
N ASP A 394 11.06 30.27 9.67
CA ASP A 394 10.68 30.39 8.25
C ASP A 394 11.81 29.90 7.35
N SER A 395 12.66 29.02 7.89
CA SER A 395 13.70 28.33 7.12
C SER A 395 13.29 26.84 6.89
N TRP A 396 13.72 26.28 5.75
CA TRP A 396 13.59 24.84 5.48
C TRP A 396 14.97 24.32 5.13
N HIS A 397 15.33 23.16 5.63
CA HIS A 397 16.64 22.64 5.36
C HIS A 397 16.69 21.12 5.37
N ASP A 398 17.75 20.62 4.79
CA ASP A 398 17.93 19.19 4.71
C ASP A 398 18.34 18.68 6.07
N VAL A 399 17.85 17.49 6.38
CA VAL A 399 18.13 16.83 7.58
C VAL A 399 18.79 15.48 7.22
N HIS A 400 19.95 15.19 7.81
CA HIS A 400 20.71 13.96 7.57
C HIS A 400 20.68 13.04 8.77
N LEU A 401 19.94 11.92 8.65
CA LEU A 401 19.79 10.94 9.72
C LEU A 401 20.74 9.79 9.42
N ASP A 402 21.90 9.83 10.06
CA ASP A 402 23.02 8.94 9.76
C ASP A 402 23.23 7.88 10.80
N SER A 403 23.56 6.68 10.34
CA SER A 403 23.96 5.61 11.23
C SER A 403 24.88 4.63 10.50
N SER A 404 25.63 3.90 11.29
CA SER A 404 26.55 2.91 10.84
C SER A 404 25.90 1.53 10.90
N PHE A 405 26.39 0.63 10.06
CA PHE A 405 26.09 -0.78 10.15
C PHE A 405 27.28 -1.55 9.61
N ALA A 406 27.35 -2.82 9.92
CA ALA A 406 28.46 -3.69 9.55
C ALA A 406 29.78 -3.13 10.07
N VAL A 407 30.88 -3.36 9.34
CA VAL A 407 32.24 -2.95 9.78
C VAL A 407 33.04 -2.48 8.57
N ASP A 408 34.05 -1.65 8.83
CA ASP A 408 34.83 -1.07 7.79
C ASP A 408 35.80 -2.12 7.17
N LEU A 409 35.62 -2.33 5.88
CA LEU A 409 36.45 -3.22 5.06
C LEU A 409 37.13 -2.42 3.93
N GLY A 410 37.45 -1.15 4.20
CA GLY A 410 38.09 -0.28 3.21
C GLY A 410 39.50 -0.72 2.82
N GLU A 411 40.35 -0.99 3.82
CA GLU A 411 41.71 -1.43 3.55
C GLU A 411 41.63 -2.80 2.81
N PRO A 412 42.26 -2.90 1.62
CA PRO A 412 42.12 -4.11 0.77
C PRO A 412 42.46 -5.42 1.46
N VAL A 413 43.38 -5.43 2.44
CA VAL A 413 43.68 -6.72 3.11
C VAL A 413 42.48 -7.41 3.80
N ARG A 414 41.57 -6.61 4.38
CA ARG A 414 40.45 -7.13 5.19
C ARG A 414 39.47 -7.94 4.37
N PRO A 415 39.08 -7.41 3.23
CA PRO A 415 38.27 -8.23 2.35
C PRO A 415 38.93 -9.49 1.91
N TYR A 416 40.19 -9.40 1.59
CA TYR A 416 40.90 -10.55 1.10
C TYR A 416 40.99 -11.66 2.15
N GLU A 417 41.38 -11.35 3.36
CA GLU A 417 41.40 -12.37 4.44
C GLU A 417 40.00 -12.92 4.78
N ARG A 418 38.99 -12.06 4.74
CA ARG A 418 37.63 -12.52 4.97
C ARG A 418 37.22 -13.58 3.93
N LEU A 419 37.55 -13.37 2.67
CA LEU A 419 37.21 -14.34 1.62
C LEU A 419 37.94 -15.65 1.77
N LEU A 420 39.21 -15.57 2.17
CA LEU A 420 40.05 -16.78 2.31
C LEU A 420 39.53 -17.62 3.43
N TYR A 421 39.21 -16.94 4.53
CA TYR A 421 38.68 -17.65 5.70
C TYR A 421 37.34 -18.28 5.36
N ALA A 422 36.47 -17.52 4.69
CA ALA A 422 35.15 -18.04 4.35
C ALA A 422 35.30 -19.27 3.41
N ALA A 423 36.22 -19.18 2.46
CA ALA A 423 36.40 -20.26 1.52
C ALA A 423 36.80 -21.50 2.27
N PHE A 424 37.74 -21.36 3.20
CA PHE A 424 38.27 -22.47 3.93
C PHE A 424 37.16 -23.13 4.74
N ASN A 425 36.26 -22.32 5.29
CA ASN A 425 35.14 -22.82 6.11
C ASN A 425 33.90 -23.16 5.32
N GLY A 426 33.97 -23.11 4.00
CA GLY A 426 32.83 -23.49 3.14
C GLY A 426 31.61 -22.56 3.20
N ASP A 427 31.82 -21.32 3.59
CA ASP A 427 30.76 -20.32 3.61
C ASP A 427 30.71 -19.63 2.23
N ARG A 428 29.65 -19.89 1.47
CA ARG A 428 29.57 -19.47 0.08
C ARG A 428 28.80 -18.17 -0.21
N GLN A 429 28.45 -17.43 0.82
CA GLN A 429 27.65 -16.23 0.65
C GLN A 429 28.31 -15.14 -0.20
N LEU A 430 29.64 -15.10 -0.12
CA LEU A 430 30.41 -14.08 -0.81
C LEU A 430 31.00 -14.54 -2.14
N PHE A 431 30.52 -15.68 -2.64
CA PHE A 431 31.02 -16.26 -3.87
C PHE A 431 29.85 -16.45 -4.83
N ALA A 432 29.90 -15.75 -5.95
CA ALA A 432 28.85 -15.78 -6.92
C ALA A 432 28.66 -17.19 -7.48
N ARG A 433 27.41 -17.53 -7.69
CA ARG A 433 27.04 -18.83 -8.19
C ARG A 433 26.90 -18.76 -9.71
N GLU A 434 27.06 -19.90 -10.35
CA GLU A 434 27.13 -20.01 -11.79
C GLU A 434 25.98 -19.33 -12.55
N ASP A 435 24.76 -19.55 -12.08
CA ASP A 435 23.59 -18.98 -12.77
C ASP A 435 23.68 -17.42 -12.75
N ALA A 436 24.11 -16.84 -11.65
CA ALA A 436 24.27 -15.39 -11.58
C ALA A 436 25.39 -14.89 -12.50
N ILE A 437 26.47 -15.64 -12.53
CA ILE A 437 27.57 -15.29 -13.40
C ILE A 437 27.05 -15.18 -14.85
N GLU A 438 26.33 -16.19 -15.31
CA GLU A 438 25.87 -16.23 -16.70
C GLU A 438 24.84 -15.15 -16.99
N GLU A 439 23.96 -14.87 -16.07
CA GLU A 439 23.04 -13.78 -16.27
C GLU A 439 23.73 -12.44 -16.32
N THR A 440 24.73 -12.21 -15.48
CA THR A 440 25.40 -10.89 -15.49
C THR A 440 26.23 -10.70 -16.73
N TRP A 441 26.81 -11.79 -17.27
CA TRP A 441 27.50 -11.70 -18.56
C TRP A 441 26.50 -11.40 -19.69
N ARG A 442 25.32 -12.02 -19.68
CA ARG A 442 24.30 -11.69 -20.67
C ARG A 442 23.97 -10.20 -20.59
N ILE A 443 23.79 -9.70 -19.37
CA ILE A 443 23.43 -8.30 -19.17
C ILE A 443 24.44 -7.34 -19.77
N VAL A 444 25.73 -7.57 -19.53
CA VAL A 444 26.78 -6.61 -19.95
C VAL A 444 27.28 -6.82 -21.38
N GLN A 445 27.01 -8.00 -21.95
CA GLN A 445 27.60 -8.34 -23.25
C GLN A 445 27.49 -7.25 -24.35
N PRO A 446 26.33 -6.58 -24.46
CA PRO A 446 26.16 -5.68 -25.60
C PRO A 446 27.12 -4.51 -25.54
N VAL A 447 27.44 -4.08 -24.32
CA VAL A 447 28.44 -3.04 -24.11
C VAL A 447 29.86 -3.52 -24.44
N LEU A 448 30.14 -4.81 -24.21
CA LEU A 448 31.43 -5.36 -24.58
C LEU A 448 31.56 -5.47 -26.09
N ASP A 449 30.47 -5.85 -26.75
CA ASP A 449 30.45 -6.09 -28.19
C ASP A 449 30.47 -4.78 -28.96
N LYS A 450 29.72 -3.78 -28.51
CA LYS A 450 29.63 -2.50 -29.23
C LYS A 450 29.97 -1.38 -28.27
N PRO A 451 31.26 -1.29 -27.86
CA PRO A 451 31.67 -0.27 -26.90
C PRO A 451 31.52 1.11 -27.51
N SER A 452 30.99 2.05 -26.74
CA SER A 452 30.82 3.42 -27.24
C SER A 452 32.19 4.14 -27.14
N ARG A 453 32.32 5.25 -27.87
CA ARG A 453 33.59 5.98 -28.00
C ARG A 453 34.08 6.46 -26.61
N ILE A 454 35.39 6.41 -26.42
CA ILE A 454 36.03 6.81 -25.18
C ILE A 454 35.96 8.32 -24.96
N HIS A 455 35.53 8.76 -23.78
CA HIS A 455 35.63 10.16 -23.40
C HIS A 455 36.76 10.31 -22.40
N GLN A 456 37.66 11.26 -22.64
CA GLN A 456 38.76 11.55 -21.71
C GLN A 456 38.23 12.35 -20.53
N TYR A 457 38.82 12.14 -19.37
CA TYR A 457 38.50 12.96 -18.21
C TYR A 457 39.75 13.13 -17.39
N GLU A 458 39.79 14.23 -16.65
CA GLU A 458 40.91 14.57 -15.79
C GLU A 458 40.89 13.73 -14.52
N GLN A 459 42.08 13.32 -14.07
CA GLN A 459 42.23 12.68 -12.77
C GLN A 459 41.76 13.65 -11.73
N GLY A 460 40.96 13.16 -10.79
CA GLY A 460 40.45 13.99 -9.72
C GLY A 460 39.12 14.61 -10.07
N SER A 461 38.67 14.46 -11.31
CA SER A 461 37.31 14.93 -11.69
C SER A 461 36.31 13.81 -11.44
N TRP A 462 35.02 14.12 -11.61
CA TRP A 462 33.95 13.11 -11.48
C TRP A 462 33.76 12.28 -12.73
N GLY A 463 34.55 12.56 -13.77
CA GLY A 463 34.47 11.80 -14.97
C GLY A 463 33.99 12.63 -16.14
N PRO A 464 33.83 12.00 -17.29
CA PRO A 464 33.35 12.69 -18.48
C PRO A 464 31.99 13.37 -18.29
N GLU A 465 31.84 14.54 -18.90
CA GLU A 465 30.59 15.30 -18.84
C GLU A 465 29.41 14.56 -19.52
N ALA A 466 29.71 13.66 -20.46
CA ALA A 466 28.66 12.85 -21.06
C ALA A 466 27.91 11.97 -20.04
N ALA A 467 28.54 11.63 -18.91
CA ALA A 467 27.82 10.94 -17.85
C ALA A 467 26.72 11.80 -17.21
N GLN A 468 26.85 13.13 -17.29
CA GLN A 468 25.78 14.04 -16.83
C GLN A 468 24.56 13.95 -17.75
N ALA A 469 24.82 13.81 -19.04
CA ALA A 469 23.73 13.78 -20.04
C ALA A 469 22.87 12.53 -19.85
N LEU A 470 23.48 11.44 -19.41
CA LEU A 470 22.76 10.21 -19.13
C LEU A 470 21.50 10.38 -18.26
N VAL A 471 21.62 11.23 -17.24
CA VAL A 471 20.55 11.46 -16.27
C VAL A 471 19.76 12.76 -16.56
N HIS A 472 19.85 13.28 -17.79
CA HIS A 472 19.31 14.61 -18.10
C HIS A 472 17.84 14.87 -17.79
N GLY A 473 16.93 13.98 -18.13
CA GLY A 473 15.52 14.11 -17.70
C GLY A 473 15.20 13.49 -16.33
N ARG A 474 16.22 13.15 -15.55
CA ARG A 474 16.04 12.43 -14.26
C ARG A 474 16.70 13.19 -13.12
N HIS A 475 17.13 12.50 -12.07
CA HIS A 475 17.80 13.15 -10.93
C HIS A 475 19.26 13.33 -11.23
N ALA A 476 19.77 14.52 -10.95
CA ALA A 476 21.19 14.78 -11.09
C ALA A 476 22.02 13.86 -10.21
N TRP A 477 23.20 13.47 -10.67
CA TRP A 477 24.16 12.80 -9.82
C TRP A 477 24.43 13.70 -8.61
N GLN A 478 24.29 13.15 -7.41
CA GLN A 478 24.48 13.90 -6.17
C GLN A 478 25.91 13.68 -5.65
N GLN A 479 26.36 14.59 -4.81
CA GLN A 479 27.64 14.41 -4.09
CA GLN A 479 27.62 14.41 -4.13
C GLN A 479 27.48 13.21 -3.17
N PRO A 480 28.42 12.27 -3.24
CA PRO A 480 28.28 11.09 -2.41
C PRO A 480 28.47 11.38 -0.96
N TRP A 481 27.82 10.57 -0.13
CA TRP A 481 27.98 10.64 1.28
C TRP A 481 29.31 10.03 1.74
N LEU A 482 30.23 10.89 2.15
CA LEU A 482 31.56 10.45 2.62
C LEU A 482 31.63 10.20 4.12
N PRO A 483 32.52 9.28 4.54
CA PRO A 483 32.83 9.12 5.96
C PRO A 483 33.37 10.40 6.55
N GLN A 484 33.09 10.61 7.85
CA GLN A 484 33.56 11.77 8.65
C GLN A 484 34.99 11.61 9.17
N SER B 27 12.11 -31.36 -24.26
CA SER B 27 12.25 -30.50 -25.49
C SER B 27 11.53 -31.15 -26.68
N HIS B 28 11.61 -32.48 -26.80
CA HIS B 28 10.79 -33.20 -27.77
C HIS B 28 9.65 -33.99 -27.10
N PRO B 29 8.47 -34.03 -27.74
CA PRO B 29 7.43 -34.93 -27.32
C PRO B 29 7.86 -36.36 -27.63
N SER B 30 7.18 -37.31 -27.01
CA SER B 30 7.42 -38.72 -27.22
C SER B 30 6.79 -39.09 -28.50
N ASP B 31 7.18 -40.23 -29.05
CA ASP B 31 6.60 -40.73 -30.31
C ASP B 31 6.25 -42.21 -30.19
N LEU B 32 6.09 -42.68 -28.96
CA LEU B 32 5.72 -44.06 -28.73
C LEU B 32 5.24 -44.12 -27.31
N LEU B 33 4.11 -44.79 -27.10
CA LEU B 33 3.56 -44.97 -25.77
C LEU B 33 3.63 -46.42 -25.36
N VAL B 34 4.33 -46.68 -24.25
CA VAL B 34 4.47 -48.03 -23.74
C VAL B 34 3.81 -48.11 -22.36
N ILE B 35 2.78 -48.94 -22.23
CA ILE B 35 1.99 -48.98 -20.99
C ILE B 35 2.20 -50.27 -20.26
N PHE B 36 2.93 -50.21 -19.13
CA PHE B 36 3.00 -51.36 -18.23
C PHE B 36 1.76 -51.42 -17.39
N GLY B 37 1.10 -52.59 -17.40
CA GLY B 37 -0.12 -52.84 -16.58
C GLY B 37 -1.41 -52.67 -17.39
N ILE B 38 -1.34 -52.93 -18.68
CA ILE B 38 -2.46 -52.66 -19.59
C ILE B 38 -3.70 -53.54 -19.36
N THR B 39 -3.54 -54.64 -18.65
CA THR B 39 -4.70 -55.47 -18.27
C THR B 39 -5.21 -55.22 -16.86
N GLY B 40 -4.65 -54.23 -16.16
CA GLY B 40 -5.06 -53.94 -14.78
C GLY B 40 -6.31 -53.10 -14.67
N ASP B 41 -6.74 -52.85 -13.43
CA ASP B 41 -7.97 -52.12 -13.16
C ASP B 41 -7.99 -50.66 -13.66
N LEU B 42 -6.92 -49.91 -13.49
CA LEU B 42 -6.91 -48.51 -13.93
C LEU B 42 -7.02 -48.41 -15.45
N ALA B 43 -6.32 -49.29 -16.17
CA ALA B 43 -6.48 -49.38 -17.63
C ALA B 43 -7.91 -49.65 -18.00
N ARG B 44 -8.54 -50.57 -17.27
CA ARG B 44 -9.91 -50.89 -17.55
C ARG B 44 -10.86 -49.74 -17.21
N LYS B 45 -10.63 -49.10 -16.07
CA LYS B 45 -11.59 -48.06 -15.60
C LYS B 45 -11.37 -46.77 -16.40
N MET B 46 -10.11 -46.37 -16.60
CA MET B 46 -9.77 -45.04 -17.12
C MET B 46 -8.94 -45.02 -18.41
N THR B 47 -7.87 -45.80 -18.46
CA THR B 47 -6.90 -45.58 -19.54
C THR B 47 -7.44 -45.86 -20.94
N PHE B 48 -8.09 -46.98 -21.13
CA PHE B 48 -8.66 -47.32 -22.44
C PHE B 48 -9.66 -46.27 -22.94
N ARG B 49 -10.57 -45.88 -22.08
CA ARG B 49 -11.48 -44.77 -22.42
C ARG B 49 -10.75 -43.47 -22.80
N ALA B 50 -9.76 -43.10 -22.01
CA ALA B 50 -8.99 -41.90 -22.30
C ALA B 50 -8.29 -42.00 -23.65
N LEU B 51 -7.71 -43.15 -23.96
CA LEU B 51 -7.08 -43.34 -25.29
C LEU B 51 -8.10 -43.22 -26.42
N TYR B 52 -9.26 -43.83 -26.20
CA TYR B 52 -10.36 -43.78 -27.17
C TYR B 52 -10.78 -42.33 -27.44
N ARG B 53 -10.91 -41.53 -26.38
CA ARG B 53 -11.34 -40.14 -26.54
C ARG B 53 -10.26 -39.30 -27.26
N LEU B 54 -8.99 -39.58 -26.99
CA LEU B 54 -7.94 -38.87 -27.70
C LEU B 54 -8.00 -39.24 -29.17
N GLU B 55 -8.27 -40.51 -29.46
CA GLU B 55 -8.41 -40.98 -30.82
C GLU B 55 -9.56 -40.29 -31.50
N ARG B 56 -10.69 -40.17 -30.82
CA ARG B 56 -11.83 -39.48 -31.40
C ARG B 56 -11.52 -38.03 -31.76
N ARG B 57 -10.76 -37.34 -30.91
CA ARG B 57 -10.32 -35.97 -31.19
C ARG B 57 -9.16 -35.91 -32.19
N GLU B 58 -8.74 -37.08 -32.71
CA GLU B 58 -7.65 -37.19 -33.66
C GLU B 58 -6.31 -36.73 -33.10
N GLU B 59 -6.12 -36.93 -31.79
CA GLU B 59 -4.89 -36.53 -31.13
C GLU B 59 -3.87 -37.66 -30.92
N LEU B 60 -4.21 -38.91 -31.23
CA LEU B 60 -3.21 -40.02 -31.19
C LEU B 60 -2.54 -40.13 -32.54
N GLU B 61 -1.21 -40.09 -32.57
CA GLU B 61 -0.48 -40.16 -33.83
C GLU B 61 0.59 -41.22 -33.86
N HIS B 62 0.69 -42.03 -32.80
CA HIS B 62 1.83 -42.91 -32.61
C HIS B 62 1.42 -44.29 -32.08
N PRO B 63 2.26 -45.31 -32.29
CA PRO B 63 1.93 -46.61 -31.79
C PRO B 63 1.92 -46.71 -30.24
N ILE B 64 1.15 -47.68 -29.77
CA ILE B 64 1.01 -47.99 -28.36
C ILE B 64 1.32 -49.46 -28.13
N ILE B 65 2.26 -49.75 -27.26
CA ILE B 65 2.61 -51.08 -26.89
C ILE B 65 2.09 -51.33 -25.48
N GLY B 66 1.16 -52.25 -25.36
CA GLY B 66 0.70 -52.71 -24.05
C GLY B 66 1.56 -53.87 -23.52
N VAL B 67 1.87 -53.81 -22.23
CA VAL B 67 2.67 -54.84 -21.58
C VAL B 67 1.93 -55.33 -20.33
N ALA B 68 1.85 -56.63 -20.18
CA ALA B 68 1.31 -57.26 -18.99
C ALA B 68 1.75 -58.71 -18.93
N SER B 69 1.50 -59.36 -17.80
CA SER B 69 1.88 -60.73 -17.61
C SER B 69 0.87 -61.69 -18.26
N ASP B 70 -0.36 -61.23 -18.50
CA ASP B 70 -1.37 -62.15 -19.00
C ASP B 70 -0.94 -62.81 -20.33
N ASP B 71 -1.11 -64.12 -20.40
CA ASP B 71 -0.82 -64.86 -21.62
C ASP B 71 -2.07 -64.82 -22.52
N ILE B 72 -2.23 -63.73 -23.27
CA ILE B 72 -3.40 -63.56 -24.12
C ILE B 72 -2.94 -63.08 -25.46
N THR B 73 -3.81 -63.16 -26.44
CA THR B 73 -3.51 -62.64 -27.75
C THR B 73 -3.89 -61.15 -27.87
N LEU B 74 -3.43 -60.52 -28.93
CA LEU B 74 -3.82 -59.15 -29.24
C LEU B 74 -5.34 -59.01 -29.38
N ASP B 75 -5.99 -59.98 -30.03
CA ASP B 75 -7.45 -59.95 -30.19
C ASP B 75 -8.15 -59.95 -28.83
N GLN B 76 -7.70 -60.78 -27.91
CA GLN B 76 -8.27 -60.78 -26.58
C GLN B 76 -8.09 -59.41 -25.88
N LEU B 77 -6.93 -58.80 -26.06
CA LEU B 77 -6.70 -57.50 -25.46
C LEU B 77 -7.64 -56.48 -26.06
N LEU B 78 -7.82 -56.52 -27.38
CA LEU B 78 -8.77 -55.63 -28.05
C LEU B 78 -10.17 -55.78 -27.58
N ASP B 79 -10.55 -57.05 -27.37
CA ASP B 79 -11.85 -57.31 -26.80
C ASP B 79 -11.98 -56.66 -25.44
N ARG B 80 -10.94 -56.80 -24.62
CA ARG B 80 -10.95 -56.22 -23.28
C ARG B 80 -11.07 -54.72 -23.33
N ALA B 81 -10.30 -54.11 -24.23
CA ALA B 81 -10.36 -52.68 -24.42
C ALA B 81 -11.76 -52.19 -24.85
N ARG B 82 -12.36 -52.93 -25.77
CA ARG B 82 -13.68 -52.62 -26.30
C ARG B 82 -14.72 -52.65 -25.18
N GLU B 83 -14.76 -53.74 -24.43
CA GLU B 83 -15.68 -53.86 -23.31
C GLU B 83 -15.45 -52.79 -22.27
N ALA B 84 -14.19 -52.48 -21.99
CA ALA B 84 -13.86 -51.50 -20.96
C ALA B 84 -14.41 -50.13 -21.35
N ILE B 85 -14.26 -49.78 -22.61
CA ILE B 85 -14.74 -48.49 -23.09
C ILE B 85 -16.26 -48.41 -23.03
N LYS B 86 -16.92 -49.44 -23.51
CA LYS B 86 -18.38 -49.48 -23.48
C LYS B 86 -18.91 -49.45 -22.05
N ALA B 87 -18.25 -50.14 -21.14
CA ALA B 87 -18.69 -50.20 -19.76
C ALA B 87 -18.76 -48.81 -19.11
N THR B 88 -17.90 -47.89 -19.53
CA THR B 88 -17.86 -46.55 -18.91
C THR B 88 -19.04 -45.67 -19.28
N GLY B 89 -19.78 -46.04 -20.32
CA GLY B 89 -20.91 -45.22 -20.78
C GLY B 89 -20.51 -44.27 -21.90
N GLU B 90 -19.24 -44.28 -22.27
CA GLU B 90 -18.76 -43.53 -23.43
C GLU B 90 -19.53 -43.92 -24.69
N THR B 91 -19.90 -42.91 -25.49
CA THR B 91 -20.49 -43.17 -26.79
C THR B 91 -19.47 -43.95 -27.63
N PHE B 92 -19.87 -45.12 -28.11
CA PHE B 92 -18.99 -46.01 -28.85
C PHE B 92 -19.19 -45.91 -30.35
N ASP B 93 -18.11 -45.58 -31.05
CA ASP B 93 -18.07 -45.52 -32.51
C ASP B 93 -16.99 -46.52 -32.98
N ASP B 94 -17.41 -47.50 -33.76
CA ASP B 94 -16.56 -48.59 -34.24
C ASP B 94 -15.37 -48.15 -35.09
N ALA B 95 -15.58 -47.13 -35.92
CA ALA B 95 -14.51 -46.58 -36.75
C ALA B 95 -13.41 -45.96 -35.90
N VAL B 96 -13.81 -45.26 -34.83
CA VAL B 96 -12.85 -44.67 -33.91
C VAL B 96 -12.06 -45.75 -33.20
N PHE B 97 -12.77 -46.78 -32.75
CA PHE B 97 -12.11 -47.85 -32.06
C PHE B 97 -11.12 -48.58 -32.98
N ASP B 98 -11.52 -48.77 -34.23
CA ASP B 98 -10.67 -49.48 -35.18
C ASP B 98 -9.37 -48.75 -35.42
N ARG B 99 -9.40 -47.42 -35.44
CA ARG B 99 -8.16 -46.64 -35.52
C ARG B 99 -7.30 -46.89 -34.30
N LEU B 100 -7.91 -46.92 -33.13
CA LEU B 100 -7.14 -47.17 -31.90
C LEU B 100 -6.50 -48.56 -31.91
N ALA B 101 -7.27 -49.57 -32.30
CA ALA B 101 -6.77 -50.92 -32.40
C ALA B 101 -5.60 -51.00 -33.36
N GLY B 102 -5.71 -50.30 -34.48
CA GLY B 102 -4.62 -50.23 -35.44
C GLY B 102 -3.26 -49.76 -34.89
N ARG B 103 -3.29 -48.97 -33.82
CA ARG B 103 -2.06 -48.47 -33.16
C ARG B 103 -1.50 -49.42 -32.08
N LEU B 104 -2.32 -50.35 -31.63
CA LEU B 104 -2.00 -51.13 -30.45
C LEU B 104 -1.31 -52.45 -30.75
N SER B 105 -0.25 -52.75 -30.03
CA SER B 105 0.34 -54.09 -30.01
C SER B 105 0.44 -54.56 -28.54
N TYR B 106 0.68 -55.85 -28.36
CA TYR B 106 0.75 -56.42 -27.03
C TYR B 106 2.01 -57.29 -26.83
N LEU B 107 2.62 -57.13 -25.68
CA LEU B 107 3.78 -57.89 -25.31
C LEU B 107 3.57 -58.46 -23.92
N SER B 108 3.60 -59.79 -23.82
CA SER B 108 3.38 -60.47 -22.53
C SER B 108 4.70 -60.85 -21.85
N GLY B 109 4.76 -60.67 -20.55
CA GLY B 109 5.93 -61.07 -19.78
C GLY B 109 5.88 -60.48 -18.38
N ASP B 110 6.86 -60.86 -17.58
CA ASP B 110 6.91 -60.52 -16.16
C ASP B 110 7.91 -59.40 -15.96
N VAL B 111 7.49 -58.37 -15.24
CA VAL B 111 8.29 -57.18 -15.09
C VAL B 111 9.53 -57.35 -14.25
N THR B 112 9.61 -58.44 -13.48
CA THR B 112 10.82 -58.81 -12.74
C THR B 112 11.71 -59.78 -13.50
N ASP B 113 11.32 -60.13 -14.74
CA ASP B 113 12.16 -61.01 -15.59
C ASP B 113 12.96 -60.16 -16.63
N THR B 114 14.28 -60.31 -16.66
CA THR B 114 15.14 -59.62 -17.64
C THR B 114 14.78 -59.93 -19.10
N GLY B 115 14.26 -61.13 -19.38
CA GLY B 115 13.77 -61.47 -20.72
C GLY B 115 12.73 -60.53 -21.33
N LEU B 116 11.83 -60.01 -20.53
CA LEU B 116 10.82 -59.05 -21.02
C LEU B 116 11.48 -57.84 -21.66
N TYR B 117 12.54 -57.37 -21.01
CA TYR B 117 13.21 -56.13 -21.40
C TYR B 117 14.12 -56.32 -22.63
N SER B 118 14.69 -57.50 -22.75
CA SER B 118 15.36 -57.86 -24.02
C SER B 118 14.38 -57.86 -25.16
N GLU B 119 13.22 -58.47 -24.95
CA GLU B 119 12.17 -58.45 -25.95
C GLU B 119 11.69 -57.01 -26.31
N LEU B 120 11.47 -56.20 -25.28
CA LEU B 120 11.13 -54.80 -25.44
C LEU B 120 12.21 -54.05 -26.27
N ALA B 121 13.47 -54.35 -26.01
CA ALA B 121 14.57 -53.77 -26.71
C ALA B 121 14.58 -54.12 -28.19
N GLU B 122 14.05 -55.28 -28.59
CA GLU B 122 13.93 -55.66 -30.05
C GLU B 122 12.84 -54.85 -30.69
N LYS B 123 11.76 -54.60 -29.96
CA LYS B 123 10.58 -53.89 -30.48
C LYS B 123 10.73 -52.36 -30.50
N ILE B 124 11.64 -51.81 -29.71
CA ILE B 124 11.82 -50.37 -29.59
C ILE B 124 13.23 -50.04 -29.99
N GLY B 125 13.38 -49.26 -31.03
CA GLY B 125 14.73 -48.87 -31.44
C GLY B 125 15.24 -47.62 -30.73
N GLY B 126 16.56 -47.45 -30.76
CA GLY B 126 17.20 -46.17 -30.37
C GLY B 126 16.64 -44.95 -31.07
N ASP B 127 15.93 -45.13 -32.18
CA ASP B 127 15.25 -44.02 -32.84
C ASP B 127 13.93 -43.56 -32.18
N SER B 128 13.40 -44.39 -31.30
CA SER B 128 12.15 -44.02 -30.60
C SER B 128 12.39 -42.99 -29.48
N ARG B 129 11.35 -42.26 -29.15
CA ARG B 129 11.27 -41.48 -27.95
C ARG B 129 10.12 -41.98 -27.10
N PRO B 130 10.36 -43.01 -26.30
CA PRO B 130 9.23 -43.60 -25.60
C PRO B 130 8.79 -42.89 -24.32
N LEU B 131 7.46 -42.81 -24.15
CA LEU B 131 6.87 -42.55 -22.86
C LEU B 131 6.46 -43.88 -22.26
N TYR B 132 7.07 -44.25 -21.14
CA TYR B 132 6.70 -45.46 -20.41
C TYR B 132 5.72 -45.07 -19.35
N TYR B 133 4.51 -45.58 -19.43
CA TYR B 133 3.48 -45.28 -18.45
C TYR B 133 3.25 -46.50 -17.56
N LEU B 134 3.58 -46.38 -16.28
CA LEU B 134 3.55 -47.52 -15.36
C LEU B 134 2.31 -47.56 -14.48
N GLU B 135 1.32 -48.33 -14.89
CA GLU B 135 0.10 -48.47 -14.11
C GLU B 135 0.27 -49.74 -13.31
N MET B 136 1.15 -49.65 -12.33
CA MET B 136 1.60 -50.75 -11.60
C MET B 136 1.77 -50.40 -10.13
N PRO B 137 1.84 -51.43 -9.28
CA PRO B 137 2.07 -51.20 -7.86
C PRO B 137 3.38 -50.44 -7.68
N PRO B 138 3.47 -49.58 -6.68
CA PRO B 138 4.65 -48.75 -6.52
C PRO B 138 5.92 -49.50 -6.16
N SER B 139 5.81 -50.62 -5.47
CA SER B 139 6.98 -51.49 -5.22
C SER B 139 7.65 -51.96 -6.55
N LEU B 140 6.96 -51.88 -7.68
CA LEU B 140 7.53 -52.26 -8.95
C LEU B 140 8.13 -51.14 -9.83
N PHE B 141 7.95 -49.87 -9.43
CA PHE B 141 8.40 -48.78 -10.25
C PHE B 141 9.92 -48.83 -10.44
N ALA B 142 10.63 -49.00 -9.34
CA ALA B 142 12.08 -49.04 -9.38
C ALA B 142 12.60 -50.25 -10.15
N PRO B 143 12.09 -51.45 -9.83
CA PRO B 143 12.57 -52.59 -10.60
C PRO B 143 12.40 -52.42 -12.11
N ILE B 144 11.26 -51.86 -12.54
CA ILE B 144 10.96 -51.71 -13.96
C ILE B 144 11.96 -50.72 -14.60
N VAL B 145 12.12 -49.60 -13.92
CA VAL B 145 12.98 -48.53 -14.40
C VAL B 145 14.45 -48.99 -14.40
N GLU B 146 14.85 -49.70 -13.36
CA GLU B 146 16.21 -50.27 -13.29
C GLU B 146 16.44 -51.29 -14.41
N ASN B 147 15.44 -52.08 -14.72
CA ASN B 147 15.51 -52.97 -15.86
C ASN B 147 15.50 -52.26 -17.22
N LEU B 148 14.76 -51.18 -17.36
CA LEU B 148 14.78 -50.41 -18.58
C LEU B 148 16.18 -49.86 -18.79
N ALA B 149 16.79 -49.39 -17.70
CA ALA B 149 18.17 -48.86 -17.74
C ALA B 149 19.17 -49.96 -18.17
N LYS B 150 19.14 -51.13 -17.53
CA LYS B 150 20.08 -52.21 -17.89
C LYS B 150 19.93 -52.57 -19.36
N ALA B 151 18.72 -52.49 -19.92
CA ALA B 151 18.55 -52.77 -21.34
C ALA B 151 18.70 -51.53 -22.22
N ASP B 152 19.25 -50.45 -21.68
CA ASP B 152 19.53 -49.23 -22.42
C ASP B 152 18.32 -48.67 -23.12
N LEU B 153 17.21 -48.54 -22.42
CA LEU B 153 15.96 -48.12 -23.05
C LEU B 153 15.45 -46.77 -22.57
N LEU B 154 16.30 -46.02 -21.86
CA LEU B 154 15.87 -44.79 -21.19
C LEU B 154 16.39 -43.48 -21.74
N GLU B 155 17.38 -43.54 -22.61
CA GLU B 155 18.08 -42.32 -23.07
C GLU B 155 17.17 -41.22 -23.63
N ARG B 156 16.15 -41.60 -24.38
CA ARG B 156 15.25 -40.60 -25.00
C ARG B 156 13.87 -40.71 -24.42
N ALA B 157 13.80 -41.20 -23.19
CA ALA B 157 12.53 -41.60 -22.63
C ALA B 157 12.05 -40.65 -21.54
N ARG B 158 10.76 -40.77 -21.27
CA ARG B 158 10.18 -40.28 -19.99
C ARG B 158 9.42 -41.43 -19.35
N VAL B 159 9.22 -41.34 -18.05
CA VAL B 159 8.53 -42.35 -17.30
C VAL B 159 7.48 -41.68 -16.47
N ALA B 160 6.23 -42.10 -16.71
CA ALA B 160 5.12 -41.60 -15.96
C ALA B 160 4.64 -42.68 -14.98
N VAL B 161 4.64 -42.35 -13.68
CA VAL B 161 4.29 -43.28 -12.64
C VAL B 161 2.95 -42.97 -12.04
N GLU B 162 2.08 -43.95 -12.00
CA GLU B 162 0.74 -43.77 -11.41
C GLU B 162 0.81 -43.65 -9.89
N LYS B 163 0.02 -42.73 -9.33
CA LYS B 163 -0.18 -42.63 -7.92
C LYS B 163 -0.64 -43.97 -7.35
N PRO B 164 -0.18 -44.31 -6.14
CA PRO B 164 0.73 -43.57 -5.29
C PRO B 164 2.21 -43.69 -5.65
N PHE B 165 2.97 -42.68 -5.25
CA PHE B 165 4.44 -42.68 -5.32
C PHE B 165 4.95 -42.24 -3.96
N GLY B 166 4.58 -43.02 -2.95
CA GLY B 166 5.05 -42.80 -1.62
C GLY B 166 3.82 -42.63 -0.77
N HIS B 167 3.96 -43.02 0.49
CA HIS B 167 2.90 -42.88 1.46
C HIS B 167 3.34 -42.07 2.69
N ASP B 168 4.59 -41.60 2.66
CA ASP B 168 5.11 -40.70 3.65
C ASP B 168 6.46 -40.17 3.19
N LEU B 169 7.09 -39.33 4.02
CA LEU B 169 8.29 -38.64 3.60
C LEU B 169 9.41 -39.65 3.28
N GLU B 170 9.60 -40.62 4.16
CA GLU B 170 10.68 -41.60 3.99
CA GLU B 170 10.69 -41.56 3.96
C GLU B 170 10.47 -42.47 2.74
N SER B 171 9.26 -42.99 2.56
CA SER B 171 8.99 -43.87 1.45
C SER B 171 9.13 -43.06 0.14
N ALA B 172 8.68 -41.81 0.13
CA ALA B 172 8.83 -41.01 -1.07
C ALA B 172 10.32 -40.72 -1.38
N ARG B 173 11.10 -40.43 -0.36
CA ARG B 173 12.54 -40.22 -0.53
CA ARG B 173 12.54 -40.23 -0.54
C ARG B 173 13.26 -41.46 -1.07
N ASP B 174 12.92 -42.64 -0.54
CA ASP B 174 13.56 -43.88 -0.98
C ASP B 174 13.21 -44.16 -2.44
N LEU B 175 11.93 -44.03 -2.78
CA LEU B 175 11.48 -44.31 -4.15
C LEU B 175 12.18 -43.37 -5.08
N ASN B 176 12.13 -42.11 -4.72
CA ASN B 176 12.78 -41.08 -5.50
C ASN B 176 14.30 -41.24 -5.73
N ALA B 177 15.01 -41.67 -4.69
CA ALA B 177 16.44 -41.92 -4.83
C ALA B 177 16.70 -43.01 -5.87
N ARG B 178 15.88 -44.04 -5.86
CA ARG B 178 16.08 -45.16 -6.82
C ARG B 178 15.81 -44.76 -8.28
N LEU B 179 14.78 -43.94 -8.50
CA LEU B 179 14.48 -43.43 -9.82
C LEU B 179 15.55 -42.48 -10.32
N ARG B 180 16.01 -41.59 -9.43
CA ARG B 180 16.96 -40.55 -9.82
C ARG B 180 18.36 -41.10 -10.06
N ALA B 181 18.62 -42.31 -9.57
CA ALA B 181 19.86 -42.97 -9.93
C ALA B 181 19.95 -43.20 -11.43
N VAL B 182 18.82 -43.39 -12.13
CA VAL B 182 18.86 -43.64 -13.60
C VAL B 182 18.07 -42.64 -14.45
N LEU B 183 17.25 -41.80 -13.85
CA LEU B 183 16.51 -40.77 -14.58
C LEU B 183 16.81 -39.38 -14.02
N ASP B 184 16.86 -38.40 -14.90
CA ASP B 184 16.83 -37.02 -14.49
C ASP B 184 15.41 -36.70 -14.03
N GLU B 185 15.28 -35.64 -13.22
CA GLU B 185 14.00 -35.21 -12.65
C GLU B 185 13.05 -34.94 -13.77
N ASP B 186 13.54 -34.37 -14.87
CA ASP B 186 12.63 -33.97 -15.95
C ASP B 186 12.14 -35.16 -16.81
N GLN B 187 12.65 -36.37 -16.54
CA GLN B 187 12.11 -37.57 -17.18
C GLN B 187 11.04 -38.24 -16.31
N ILE B 188 10.85 -37.70 -15.10
CA ILE B 188 9.93 -38.31 -14.14
C ILE B 188 8.64 -37.54 -14.05
N LEU B 189 7.54 -38.21 -14.40
CA LEU B 189 6.24 -37.62 -14.39
C LEU B 189 5.36 -38.38 -13.38
N ARG B 190 5.04 -37.72 -12.27
CA ARG B 190 4.24 -38.34 -11.21
C ARG B 190 2.77 -38.06 -11.45
N VAL B 191 2.03 -39.04 -11.94
CA VAL B 191 0.65 -38.89 -12.39
C VAL B 191 -0.36 -38.94 -11.24
N ASP B 192 -1.06 -37.84 -11.03
CA ASP B 192 -2.07 -37.73 -10.00
C ASP B 192 -3.29 -37.13 -10.66
N HIS B 193 -4.33 -37.96 -10.81
CA HIS B 193 -5.50 -37.57 -11.59
C HIS B 193 -6.11 -36.29 -11.10
N PHE B 194 -6.11 -36.04 -9.79
CA PHE B 194 -6.67 -34.82 -9.24
C PHE B 194 -6.01 -33.59 -9.85
N LEU B 195 -4.71 -33.62 -10.08
CA LEU B 195 -4.01 -32.49 -10.65
C LEU B 195 -4.48 -32.12 -12.05
N GLY B 196 -4.94 -33.12 -12.79
CA GLY B 196 -5.52 -32.91 -14.09
C GLY B 196 -6.73 -32.01 -14.10
N LYS B 197 -7.31 -31.77 -12.93
CA LYS B 197 -8.46 -30.87 -12.79
C LYS B 197 -8.02 -29.44 -12.55
N GLN B 198 -6.74 -29.20 -12.36
CA GLN B 198 -6.29 -27.88 -11.92
C GLN B 198 -6.09 -26.92 -13.06
N PRO B 199 -6.67 -25.73 -12.95
CA PRO B 199 -6.57 -24.74 -14.03
C PRO B 199 -5.35 -23.89 -13.80
N VAL B 200 -4.20 -24.51 -14.00
CA VAL B 200 -2.90 -23.92 -13.71
C VAL B 200 -2.62 -22.65 -14.50
N GLU B 201 -2.83 -22.69 -15.80
CA GLU B 201 -2.50 -21.50 -16.62
C GLU B 201 -3.51 -20.39 -16.38
N GLU B 202 -4.77 -20.77 -16.20
CA GLU B 202 -5.84 -19.85 -16.14
C GLU B 202 -5.85 -19.13 -14.83
N LEU B 203 -5.45 -19.82 -13.80
CA LEU B 203 -5.37 -19.20 -12.52
C LEU B 203 -4.18 -18.21 -12.42
N GLN B 204 -3.07 -18.55 -13.06
CA GLN B 204 -1.96 -17.61 -13.17
C GLN B 204 -2.37 -16.37 -13.93
N TYR B 205 -3.11 -16.56 -15.02
CA TYR B 205 -3.46 -15.42 -15.85
C TYR B 205 -4.37 -14.52 -15.06
N LEU B 206 -5.28 -15.15 -14.33
CA LEU B 206 -6.21 -14.44 -13.54
C LEU B 206 -5.51 -13.53 -12.52
N ARG B 207 -4.50 -14.06 -11.84
CA ARG B 207 -3.79 -13.39 -10.79
C ARG B 207 -2.76 -12.39 -11.28
N PHE B 208 -2.11 -12.69 -12.41
CA PHE B 208 -0.92 -11.94 -12.79
C PHE B 208 -1.17 -10.98 -13.91
N ALA B 209 -2.30 -11.09 -14.60
CA ALA B 209 -2.57 -10.21 -15.74
C ALA B 209 -3.67 -9.21 -15.45
N ASN B 210 -4.34 -9.35 -14.30
CA ASN B 210 -5.43 -8.44 -13.88
C ASN B 210 -5.06 -7.64 -12.62
N ASN B 211 -4.77 -6.38 -12.84
CA ASN B 211 -4.32 -5.55 -11.75
C ASN B 211 -5.38 -5.37 -10.66
N ALA B 212 -6.66 -5.43 -11.01
CA ALA B 212 -7.70 -5.29 -10.04
C ALA B 212 -7.63 -6.41 -9.03
N LEU B 213 -7.16 -7.59 -9.45
CA LEU B 213 -7.02 -8.70 -8.53
C LEU B 213 -5.64 -8.72 -7.88
N ALA B 214 -4.60 -8.44 -8.67
CA ALA B 214 -3.22 -8.44 -8.10
C ALA B 214 -3.09 -7.46 -6.95
N LYS B 215 -3.73 -6.31 -7.05
CA LYS B 215 -3.70 -5.34 -5.97
C LYS B 215 -4.30 -5.86 -4.67
N LEU B 216 -5.27 -6.79 -4.77
CA LEU B 216 -5.95 -7.35 -3.57
C LEU B 216 -5.26 -8.60 -3.01
N TRP B 217 -4.22 -9.09 -3.68
CA TRP B 217 -3.78 -10.48 -3.46
C TRP B 217 -2.67 -10.61 -2.43
N ASP B 218 -2.92 -10.06 -1.26
CA ASP B 218 -1.97 -10.14 -0.14
C ASP B 218 -2.66 -9.88 1.21
N ARG B 219 -1.91 -10.00 2.30
CA ARG B 219 -2.44 -9.86 3.65
C ARG B 219 -3.00 -8.48 3.98
N ASP B 220 -2.68 -7.47 3.16
CA ASP B 220 -3.22 -6.12 3.43
C ASP B 220 -4.68 -6.06 3.05
N SER B 221 -5.12 -6.95 2.13
CA SER B 221 -6.52 -7.01 1.78
C SER B 221 -7.22 -8.29 2.21
N ILE B 222 -6.48 -9.42 2.26
CA ILE B 222 -7.06 -10.72 2.57
C ILE B 222 -6.89 -11.04 4.04
N SER B 223 -7.95 -11.44 4.69
CA SER B 223 -7.93 -11.77 6.12
C SER B 223 -7.83 -13.24 6.43
N GLU B 224 -8.35 -14.04 5.54
CA GLU B 224 -8.49 -15.48 5.79
C GLU B 224 -8.79 -16.23 4.50
N ILE B 225 -8.34 -17.48 4.43
CA ILE B 225 -8.58 -18.34 3.30
C ILE B 225 -9.17 -19.68 3.74
N HIS B 226 -10.22 -20.13 3.05
CA HIS B 226 -10.82 -21.43 3.26
C HIS B 226 -10.75 -22.23 1.99
N ILE B 227 -10.22 -23.43 2.11
CA ILE B 227 -10.18 -24.35 1.01
C ILE B 227 -11.12 -25.49 1.31
N THR B 228 -12.05 -25.73 0.39
CA THR B 228 -13.03 -26.79 0.56
C THR B 228 -12.95 -27.72 -0.63
N MET B 229 -12.75 -28.98 -0.35
CA MET B 229 -12.87 -30.00 -1.36
C MET B 229 -13.91 -31.03 -0.91
N ALA B 230 -15.06 -30.99 -1.54
CA ALA B 230 -16.16 -31.89 -1.19
C ALA B 230 -16.47 -32.83 -2.34
N GLU B 231 -16.70 -34.09 -1.98
CA GLU B 231 -17.27 -35.06 -2.90
C GLU B 231 -18.54 -35.61 -2.28
N ASP B 232 -19.60 -35.68 -3.09
CA ASP B 232 -20.94 -36.11 -2.61
C ASP B 232 -21.15 -37.62 -2.83
N PHE B 233 -20.12 -38.40 -2.61
CA PHE B 233 -20.17 -39.83 -2.73
C PHE B 233 -19.16 -40.43 -1.78
N GLY B 234 -19.38 -41.71 -1.46
CA GLY B 234 -18.48 -42.46 -0.59
C GLY B 234 -17.44 -43.19 -1.37
N ILE B 235 -16.81 -44.17 -0.73
CA ILE B 235 -15.76 -44.94 -1.36
C ILE B 235 -16.49 -45.97 -2.21
N GLU B 236 -16.54 -45.75 -3.52
CA GLU B 236 -17.35 -46.61 -4.40
C GLU B 236 -16.64 -47.94 -4.75
N ASP B 237 -15.32 -47.89 -4.83
CA ASP B 237 -14.57 -49.10 -5.16
C ASP B 237 -13.20 -48.99 -4.52
N ARG B 238 -12.44 -50.07 -4.57
CA ARG B 238 -11.07 -50.07 -4.10
C ARG B 238 -10.99 -49.66 -2.62
N GLY B 239 -11.98 -50.13 -1.84
CA GLY B 239 -12.02 -49.88 -0.40
C GLY B 239 -10.74 -50.26 0.32
N LYS B 240 -10.14 -51.36 -0.08
CA LYS B 240 -8.96 -51.84 0.60
C LYS B 240 -7.81 -50.86 0.35
N PHE B 241 -7.73 -50.30 -0.85
CA PHE B 241 -6.72 -49.30 -1.19
C PHE B 241 -6.96 -48.03 -0.39
N TYR B 242 -8.17 -47.50 -0.42
CA TYR B 242 -8.45 -46.26 0.30
C TYR B 242 -8.12 -46.40 1.81
N ASP B 243 -8.47 -47.55 2.39
CA ASP B 243 -8.31 -47.76 3.83
C ASP B 243 -6.86 -47.74 4.29
N ALA B 244 -5.95 -47.90 3.34
CA ALA B 244 -4.51 -47.80 3.62
C ALA B 244 -3.95 -46.41 3.31
N VAL B 245 -4.79 -45.55 2.71
CA VAL B 245 -4.39 -44.25 2.21
C VAL B 245 -4.97 -43.12 3.13
N GLY B 246 -6.29 -42.94 3.09
CA GLY B 246 -6.95 -41.90 3.91
C GLY B 246 -6.96 -40.53 3.19
N ALA B 247 -7.86 -39.66 3.62
CA ALA B 247 -8.09 -38.36 2.95
C ALA B 247 -6.82 -37.49 2.89
N VAL B 248 -6.06 -37.42 3.97
CA VAL B 248 -4.81 -36.62 3.96
C VAL B 248 -3.88 -37.02 2.83
N ARG B 249 -3.58 -38.29 2.72
CA ARG B 249 -2.69 -38.78 1.64
C ARG B 249 -3.36 -38.71 0.28
N ASP B 250 -4.67 -38.92 0.26
CA ASP B 250 -5.37 -38.98 -0.99
C ASP B 250 -5.46 -37.61 -1.70
N VAL B 251 -5.86 -36.55 -1.00
CA VAL B 251 -6.12 -35.24 -1.62
C VAL B 251 -5.34 -34.04 -1.07
N VAL B 252 -4.88 -34.10 0.16
CA VAL B 252 -4.27 -32.95 0.80
C VAL B 252 -2.82 -32.80 0.43
N GLN B 253 -2.04 -33.87 0.62
CA GLN B 253 -0.58 -33.86 0.43
C GLN B 253 -0.14 -33.29 -0.91
N ASN B 254 -0.82 -33.69 -1.99
CA ASN B 254 -0.44 -33.30 -3.32
C ASN B 254 -1.47 -32.29 -3.93
N HIS B 255 -2.69 -32.75 -4.20
CA HIS B 255 -3.68 -31.92 -4.86
C HIS B 255 -3.94 -30.57 -4.19
N LEU B 256 -4.38 -30.57 -2.94
CA LEU B 256 -4.84 -29.34 -2.33
C LEU B 256 -3.73 -28.42 -1.99
N LEU B 257 -2.63 -28.96 -1.46
CA LEU B 257 -1.45 -28.14 -1.24
C LEU B 257 -0.87 -27.54 -2.53
N GLN B 258 -0.95 -28.28 -3.63
CA GLN B 258 -0.51 -27.71 -4.91
C GLN B 258 -1.45 -26.57 -5.32
N VAL B 259 -2.72 -26.74 -5.03
CA VAL B 259 -3.70 -25.67 -5.34
C VAL B 259 -3.37 -24.43 -4.52
N LEU B 260 -3.17 -24.61 -3.25
CA LEU B 260 -2.87 -23.52 -2.36
C LEU B 260 -1.63 -22.78 -2.93
N ALA B 261 -0.63 -23.56 -3.34
CA ALA B 261 0.63 -22.93 -3.81
C ALA B 261 0.39 -22.07 -5.02
N LEU B 262 -0.52 -22.52 -5.88
CA LEU B 262 -0.83 -21.74 -7.08
C LEU B 262 -1.46 -20.41 -6.68
N VAL B 263 -2.35 -20.48 -5.70
CA VAL B 263 -3.09 -19.32 -5.22
C VAL B 263 -2.15 -18.36 -4.50
N ALA B 264 -1.13 -18.89 -3.84
CA ALA B 264 -0.29 -18.10 -2.94
C ALA B 264 1.08 -17.64 -3.44
N MET B 265 1.57 -18.30 -4.48
CA MET B 265 2.94 -18.10 -4.90
C MET B 265 3.19 -16.71 -5.44
N GLU B 266 4.45 -16.31 -5.36
CA GLU B 266 4.99 -15.18 -6.08
C GLU B 266 5.00 -15.50 -7.61
N PRO B 267 4.94 -14.46 -8.45
CA PRO B 267 4.94 -14.70 -9.90
C PRO B 267 6.27 -15.29 -10.38
N PRO B 268 6.23 -16.34 -11.20
CA PRO B 268 7.43 -16.89 -11.81
C PRO B 268 8.16 -15.84 -12.66
N VAL B 269 9.49 -15.96 -12.71
CA VAL B 269 10.31 -15.10 -13.50
C VAL B 269 10.60 -15.65 -14.88
N GLY B 270 10.09 -16.85 -15.15
CA GLY B 270 10.13 -17.44 -16.49
C GLY B 270 8.81 -18.15 -16.77
N ALA B 271 8.68 -18.60 -18.01
CA ALA B 271 7.46 -19.18 -18.52
C ALA B 271 7.50 -20.71 -18.50
N GLY B 272 8.60 -21.31 -18.10
CA GLY B 272 8.65 -22.78 -18.10
C GLY B 272 8.06 -23.48 -16.85
N ALA B 273 7.92 -24.80 -16.93
CA ALA B 273 7.45 -25.59 -15.82
C ALA B 273 8.38 -25.46 -14.60
N ASP B 274 9.69 -25.41 -14.81
CA ASP B 274 10.59 -25.31 -13.67
C ASP B 274 10.55 -23.95 -12.95
N ASP B 275 10.28 -22.91 -13.71
CA ASP B 275 10.09 -21.59 -13.14
C ASP B 275 8.83 -21.59 -12.26
N LEU B 276 7.80 -22.27 -12.73
CA LEU B 276 6.56 -22.38 -11.98
C LEU B 276 6.79 -23.20 -10.70
N ASN B 277 7.53 -24.29 -10.85
CA ASN B 277 7.77 -25.15 -9.73
C ASN B 277 8.69 -24.54 -8.72
N ASP B 278 9.63 -23.70 -9.16
CA ASP B 278 10.43 -22.92 -8.19
C ASP B 278 9.51 -22.08 -7.31
N LYS B 279 8.48 -21.46 -7.87
CA LYS B 279 7.63 -20.59 -7.04
C LYS B 279 6.76 -21.38 -6.05
N LYS B 280 6.26 -22.54 -6.50
CA LYS B 280 5.43 -23.37 -5.65
C LYS B 280 6.25 -23.84 -4.49
N ALA B 281 7.46 -24.32 -4.76
CA ALA B 281 8.34 -24.81 -3.69
C ALA B 281 8.58 -23.73 -2.64
N GLU B 282 8.84 -22.50 -3.05
CA GLU B 282 9.03 -21.42 -2.08
C GLU B 282 7.87 -21.23 -1.11
N VAL B 283 6.65 -21.46 -1.58
CA VAL B 283 5.50 -21.38 -0.72
C VAL B 283 5.62 -22.41 0.37
N PHE B 284 5.84 -23.66 -0.03
CA PHE B 284 5.84 -24.75 0.93
C PHE B 284 6.96 -24.55 1.97
N ARG B 285 8.09 -23.99 1.55
CA ARG B 285 9.21 -23.75 2.49
C ARG B 285 8.92 -22.66 3.54
N ALA B 286 7.86 -21.87 3.36
CA ALA B 286 7.48 -20.89 4.36
C ALA B 286 6.35 -21.44 5.23
N MET B 287 5.98 -22.70 5.03
CA MET B 287 4.87 -23.28 5.76
C MET B 287 5.40 -24.16 6.87
N PRO B 288 4.89 -23.97 8.08
CA PRO B 288 5.21 -24.90 9.17
C PRO B 288 4.47 -26.23 9.01
N SER B 289 5.04 -27.30 9.55
CA SER B 289 4.36 -28.57 9.60
C SER B 289 3.05 -28.43 10.33
N LEU B 290 2.13 -29.32 9.97
CA LEU B 290 0.82 -29.28 10.60
C LEU B 290 0.90 -29.68 12.05
N ASP B 291 0.08 -29.01 12.83
CA ASP B 291 -0.13 -29.36 14.23
C ASP B 291 -1.28 -30.38 14.34
N PRO B 292 -1.00 -31.61 14.73
CA PRO B 292 -2.04 -32.63 14.82
C PRO B 292 -3.22 -32.24 15.72
N GLU B 293 -3.01 -31.35 16.68
CA GLU B 293 -4.07 -30.87 17.56
C GLU B 293 -4.98 -29.86 16.84
N HIS B 294 -4.55 -29.30 15.72
CA HIS B 294 -5.38 -28.37 14.94
C HIS B 294 -5.93 -29.08 13.67
N CYS B 295 -6.00 -30.42 13.74
CA CYS B 295 -6.45 -31.23 12.65
CA CYS B 295 -6.45 -31.23 12.64
C CYS B 295 -7.59 -32.09 13.15
N VAL B 296 -8.68 -32.08 12.44
CA VAL B 296 -9.85 -32.82 12.82
C VAL B 296 -10.09 -33.92 11.78
N ARG B 297 -10.16 -35.15 12.23
CA ARG B 297 -10.24 -36.29 11.37
C ARG B 297 -11.63 -36.92 11.50
N GLY B 298 -12.25 -37.17 10.37
CA GLY B 298 -13.57 -37.71 10.33
C GLY B 298 -13.67 -38.99 9.54
N GLN B 299 -14.72 -39.76 9.83
CA GLN B 299 -15.03 -40.99 9.13
C GLN B 299 -16.55 -41.10 9.00
N TYR B 300 -17.05 -41.23 7.78
CA TYR B 300 -18.46 -41.25 7.59
C TYR B 300 -19.08 -42.60 8.04
N ARG B 301 -20.29 -42.51 8.59
CA ARG B 301 -21.02 -43.69 9.10
C ARG B 301 -21.38 -44.58 7.92
N GLY B 302 -20.97 -45.83 7.99
CA GLY B 302 -21.12 -46.74 6.86
C GLY B 302 -19.80 -47.09 6.17
N TYR B 303 -18.76 -46.34 6.48
CA TYR B 303 -17.46 -46.55 5.86
C TYR B 303 -16.90 -47.92 6.16
N THR B 304 -17.03 -48.35 7.42
CA THR B 304 -16.54 -49.64 7.85
C THR B 304 -17.26 -50.83 7.21
N GLU B 305 -18.41 -50.59 6.60
CA GLU B 305 -19.13 -51.64 5.88
C GLU B 305 -18.77 -51.72 4.37
N VAL B 306 -17.89 -50.86 3.91
CA VAL B 306 -17.42 -50.90 2.54
C VAL B 306 -16.47 -52.09 2.31
N PRO B 307 -16.71 -52.88 1.26
CA PRO B 307 -15.86 -54.06 1.08
C PRO B 307 -14.39 -53.68 0.99
N GLY B 308 -13.55 -54.44 1.70
CA GLY B 308 -12.10 -54.17 1.79
C GLY B 308 -11.71 -53.28 2.98
N VAL B 309 -12.66 -52.61 3.60
CA VAL B 309 -12.37 -51.79 4.78
C VAL B 309 -12.47 -52.61 6.04
N ALA B 310 -11.45 -52.53 6.88
CA ALA B 310 -11.41 -53.20 8.19
C ALA B 310 -12.48 -52.68 9.14
N LYS B 311 -13.06 -53.60 9.90
CA LYS B 311 -14.26 -53.34 10.67
C LYS B 311 -13.97 -52.31 11.77
N ASP B 312 -12.72 -52.32 12.22
CA ASP B 312 -12.25 -51.39 13.23
C ASP B 312 -11.32 -50.27 12.67
N SER B 313 -11.42 -49.99 11.37
CA SER B 313 -10.58 -48.93 10.74
C SER B 313 -10.63 -47.59 11.46
N THR B 314 -9.46 -46.97 11.64
CA THR B 314 -9.40 -45.57 12.10
C THR B 314 -8.92 -44.68 10.96
N THR B 315 -9.05 -45.14 9.71
CA THR B 315 -8.71 -44.33 8.55
C THR B 315 -9.74 -43.19 8.37
N GLU B 316 -9.26 -41.99 8.04
CA GLU B 316 -10.14 -40.82 7.88
C GLU B 316 -10.65 -40.72 6.44
N THR B 317 -11.92 -40.44 6.29
CA THR B 317 -12.50 -40.08 5.00
C THR B 317 -12.72 -38.57 4.92
N TYR B 318 -12.37 -37.85 6.01
CA TYR B 318 -12.55 -36.38 6.06
C TYR B 318 -11.41 -35.81 6.87
N VAL B 319 -10.94 -34.65 6.47
CA VAL B 319 -10.00 -33.92 7.30
C VAL B 319 -10.28 -32.42 7.26
N ALA B 320 -10.14 -31.77 8.40
CA ALA B 320 -10.17 -30.32 8.45
C ALA B 320 -8.96 -29.89 9.23
N LEU B 321 -8.27 -28.85 8.74
CA LEU B 321 -7.02 -28.44 9.37
C LEU B 321 -6.78 -26.95 9.25
N ARG B 322 -5.84 -26.47 10.05
CA ARG B 322 -5.42 -25.11 10.00
C ARG B 322 -3.94 -25.06 9.69
N THR B 323 -3.58 -24.18 8.75
CA THR B 323 -2.21 -24.00 8.37
C THR B 323 -1.98 -22.50 8.09
N GLU B 324 -0.80 -22.21 7.60
CA GLU B 324 -0.41 -20.83 7.33
C GLU B 324 0.82 -20.80 6.44
N ILE B 325 1.01 -19.65 5.82
CA ILE B 325 2.17 -19.38 5.02
C ILE B 325 2.85 -18.14 5.64
N ASP B 326 4.02 -18.35 6.25
CA ASP B 326 4.61 -17.38 7.10
C ASP B 326 5.64 -16.53 6.34
N ASN B 327 5.15 -15.77 5.35
CA ASN B 327 6.02 -14.91 4.56
C ASN B 327 5.45 -13.46 4.46
N TRP B 328 6.07 -12.62 3.64
CA TRP B 328 5.63 -11.21 3.56
C TRP B 328 4.24 -11.06 2.99
N ARG B 329 3.84 -11.94 2.12
CA ARG B 329 2.55 -11.82 1.48
C ARG B 329 1.43 -12.31 2.36
N TRP B 330 1.66 -13.37 3.15
CA TRP B 330 0.52 -14.09 3.80
C TRP B 330 0.61 -14.24 5.33
N ALA B 331 1.63 -13.70 5.97
CA ALA B 331 1.80 -13.88 7.41
C ALA B 331 0.59 -13.42 8.14
N GLY B 332 0.19 -14.23 9.10
CA GLY B 332 -1.01 -13.91 9.91
C GLY B 332 -2.36 -14.20 9.26
N VAL B 333 -2.39 -14.66 8.00
CA VAL B 333 -3.63 -15.03 7.37
C VAL B 333 -3.87 -16.50 7.64
N PRO B 334 -4.86 -16.83 8.46
CA PRO B 334 -5.13 -18.23 8.70
C PRO B 334 -5.71 -18.92 7.47
N ILE B 335 -5.25 -20.13 7.20
CA ILE B 335 -5.67 -20.91 6.08
C ILE B 335 -6.34 -22.18 6.63
N PHE B 336 -7.64 -22.31 6.38
CA PHE B 336 -8.38 -23.46 6.80
C PHE B 336 -8.69 -24.31 5.59
N LEU B 337 -8.52 -25.59 5.77
CA LEU B 337 -8.77 -26.53 4.71
C LEU B 337 -9.68 -27.67 5.22
N ARG B 338 -10.64 -28.07 4.39
CA ARG B 338 -11.48 -29.23 4.64
C ARG B 338 -11.69 -30.03 3.37
N ALA B 339 -11.58 -31.33 3.49
CA ALA B 339 -11.76 -32.24 2.40
C ALA B 339 -12.40 -33.51 2.89
N GLY B 340 -13.33 -34.07 2.12
CA GLY B 340 -13.97 -35.26 2.57
C GLY B 340 -14.92 -35.94 1.64
N LYS B 341 -15.10 -37.23 1.89
CA LYS B 341 -16.10 -38.07 1.19
C LYS B 341 -17.48 -37.95 1.82
N ALA B 342 -18.49 -38.19 1.01
CA ALA B 342 -19.90 -38.20 1.47
C ALA B 342 -20.30 -36.87 2.10
N LEU B 343 -19.92 -35.79 1.43
CA LEU B 343 -20.35 -34.45 1.83
C LEU B 343 -21.52 -34.01 0.96
N PRO B 344 -22.09 -32.81 1.18
CA PRO B 344 -23.36 -32.51 0.50
C PRO B 344 -23.28 -32.22 -1.01
N HIS B 345 -22.12 -31.80 -1.51
CA HIS B 345 -21.93 -31.50 -2.93
C HIS B 345 -20.58 -31.94 -3.46
N LYS B 346 -20.44 -31.92 -4.78
CA LYS B 346 -19.16 -32.10 -5.44
C LYS B 346 -18.62 -30.74 -5.86
N VAL B 347 -17.62 -30.22 -5.12
CA VAL B 347 -17.09 -28.91 -5.43
C VAL B 347 -15.77 -28.69 -4.73
N THR B 348 -14.85 -28.05 -5.43
CA THR B 348 -13.56 -27.65 -4.85
C THR B 348 -13.42 -26.17 -5.02
N GLU B 349 -13.27 -25.47 -3.91
CA GLU B 349 -13.19 -24.00 -3.91
C GLU B 349 -12.06 -23.49 -3.03
N VAL B 350 -11.53 -22.36 -3.44
CA VAL B 350 -10.64 -21.55 -2.62
C VAL B 350 -11.36 -20.24 -2.37
N ARG B 351 -11.69 -19.99 -1.12
CA ARG B 351 -12.49 -18.82 -0.80
C ARG B 351 -11.64 -17.87 0.00
N MET B 352 -11.47 -16.65 -0.51
CA MET B 352 -10.63 -15.70 0.14
C MET B 352 -11.46 -14.57 0.73
N PHE B 353 -11.38 -14.39 2.04
CA PHE B 353 -12.13 -13.36 2.74
C PHE B 353 -11.32 -12.11 2.79
N LEU B 354 -11.88 -11.00 2.36
CA LEU B 354 -11.16 -9.71 2.54
C LEU B 354 -11.44 -9.17 3.93
N HIS B 355 -10.57 -8.33 4.44
CA HIS B 355 -10.94 -7.49 5.60
C HIS B 355 -12.14 -6.60 5.21
N HIS B 356 -12.95 -6.27 6.22
CA HIS B 356 -13.88 -5.14 6.10
C HIS B 356 -13.13 -3.86 5.83
N VAL B 357 -13.81 -2.91 5.19
CA VAL B 357 -13.27 -1.58 5.12
C VAL B 357 -13.10 -1.14 6.53
N PRO B 358 -11.92 -0.66 6.89
CA PRO B 358 -11.70 -0.35 8.29
C PRO B 358 -12.43 0.88 8.77
N GLY B 359 -12.68 0.94 10.06
CA GLY B 359 -13.21 2.14 10.69
C GLY B 359 -14.71 2.35 10.53
N PHE B 360 -15.17 3.47 11.03
CA PHE B 360 -16.56 3.88 10.97
C PHE B 360 -17.57 2.87 11.54
N SER B 361 -17.22 2.15 12.60
CA SER B 361 -18.18 1.31 13.36
C SER B 361 -19.34 2.12 13.93
N PHE B 362 -19.13 3.40 14.16
CA PHE B 362 -20.19 4.28 14.69
C PHE B 362 -21.18 4.73 13.63
N LEU B 363 -21.00 4.33 12.38
CA LEU B 363 -21.91 4.75 11.33
C LEU B 363 -22.63 3.51 10.80
N PRO B 364 -23.92 3.66 10.47
CA PRO B 364 -24.63 2.60 9.77
C PRO B 364 -24.22 2.56 8.29
N ASN B 365 -24.43 1.41 7.66
CA ASN B 365 -24.25 1.31 6.21
C ASN B 365 -22.81 1.53 5.69
N ARG B 366 -21.84 1.11 6.50
CA ARG B 366 -20.47 1.05 6.05
C ARG B 366 -19.91 -0.33 6.14
N ARG B 367 -20.71 -1.26 6.63
CA ARG B 367 -20.21 -2.56 6.95
C ARG B 367 -21.34 -3.51 6.60
N PRO B 368 -21.21 -4.23 5.49
CA PRO B 368 -22.13 -5.32 5.24
C PRO B 368 -21.99 -6.41 6.28
N PRO B 369 -22.99 -7.30 6.40
CA PRO B 369 -22.92 -8.39 7.39
C PRO B 369 -21.75 -9.34 7.16
N GLU B 370 -21.39 -9.58 5.91
CA GLU B 370 -20.18 -10.31 5.58
C GLU B 370 -19.23 -9.43 4.71
N PRO B 371 -17.91 -9.57 4.91
CA PRO B 371 -16.94 -8.90 4.08
C PRO B 371 -16.92 -9.39 2.66
N ASN B 372 -16.35 -8.58 1.76
CA ASN B 372 -16.12 -9.01 0.40
C ASN B 372 -15.31 -10.33 0.37
N GLN B 373 -15.53 -11.11 -0.67
CA GLN B 373 -14.88 -12.37 -0.86
C GLN B 373 -14.52 -12.61 -2.31
N ILE B 374 -13.36 -13.21 -2.49
CA ILE B 374 -12.94 -13.69 -3.79
C ILE B 374 -13.06 -15.21 -3.74
N VAL B 375 -13.85 -15.78 -4.62
CA VAL B 375 -14.08 -17.23 -4.65
C VAL B 375 -13.61 -17.83 -5.95
N LEU B 376 -12.71 -18.78 -5.85
CA LEU B 376 -12.20 -19.52 -7.03
C LEU B 376 -12.74 -20.96 -6.98
N ARG B 377 -13.69 -21.30 -7.85
CA ARG B 377 -14.13 -22.67 -7.98
C ARG B 377 -13.09 -23.36 -8.89
N ILE B 378 -12.43 -24.35 -8.34
CA ILE B 378 -11.42 -25.09 -9.04
C ILE B 378 -12.08 -26.22 -9.86
N ASP B 379 -13.12 -26.83 -9.31
CA ASP B 379 -13.79 -27.95 -9.92
C ASP B 379 -15.17 -28.10 -9.28
N PRO B 380 -16.19 -28.48 -10.05
CA PRO B 380 -16.22 -28.51 -11.51
C PRO B 380 -16.45 -27.15 -12.04
N ASP B 381 -16.39 -26.99 -13.35
CA ASP B 381 -16.82 -25.79 -14.01
C ASP B 381 -16.12 -24.57 -13.39
N PRO B 382 -14.80 -24.52 -13.54
CA PRO B 382 -13.99 -23.55 -12.89
C PRO B 382 -14.37 -22.13 -13.20
N GLY B 383 -14.18 -21.26 -12.21
CA GLY B 383 -14.58 -19.89 -12.39
C GLY B 383 -14.16 -19.03 -11.23
N MET B 384 -14.53 -17.76 -11.30
CA MET B 384 -14.28 -16.85 -10.21
C MET B 384 -15.52 -16.07 -9.87
N ARG B 385 -15.77 -15.91 -8.58
CA ARG B 385 -16.86 -15.09 -8.11
C ARG B 385 -16.30 -14.03 -7.18
N LEU B 386 -16.63 -12.79 -7.46
CA LEU B 386 -16.32 -11.68 -6.54
C LEU B 386 -17.63 -11.27 -5.82
N GLN B 387 -17.67 -11.45 -4.50
CA GLN B 387 -18.85 -11.11 -3.71
C GLN B 387 -18.73 -9.75 -3.11
N LEU B 388 -19.68 -8.89 -3.44
CA LEU B 388 -19.70 -7.53 -2.95
C LEU B 388 -21.09 -7.27 -2.38
N SER B 389 -21.27 -6.06 -1.87
CA SER B 389 -22.55 -5.66 -1.33
C SER B 389 -23.06 -4.40 -2.00
N ALA B 390 -24.37 -4.28 -2.10
CA ALA B 390 -24.99 -3.18 -2.85
C ALA B 390 -26.20 -2.66 -2.14
N GLN B 391 -26.48 -1.37 -2.35
CA GLN B 391 -27.69 -0.74 -1.83
C GLN B 391 -28.71 -0.59 -2.95
N VAL B 392 -29.94 -1.02 -2.68
CA VAL B 392 -31.09 -0.78 -3.58
C VAL B 392 -32.23 -0.37 -2.68
N GLY B 393 -32.63 0.91 -2.79
CA GLY B 393 -33.62 1.48 -1.88
C GLY B 393 -33.06 1.47 -0.49
N ASP B 394 -33.87 1.02 0.48
CA ASP B 394 -33.44 0.84 1.86
C ASP B 394 -33.12 -0.62 2.12
N SER B 395 -32.79 -1.37 1.07
CA SER B 395 -32.28 -2.74 1.19
C SER B 395 -30.75 -2.77 0.91
N TRP B 396 -30.06 -3.68 1.59
CA TRP B 396 -28.68 -4.02 1.28
C TRP B 396 -28.59 -5.52 1.03
N HIS B 397 -27.91 -5.91 -0.03
CA HIS B 397 -27.84 -7.31 -0.36
C HIS B 397 -26.54 -7.71 -1.05
N ASP B 398 -26.31 -9.01 -1.10
CA ASP B 398 -25.14 -9.55 -1.72
C ASP B 398 -25.25 -9.43 -3.23
N VAL B 399 -24.12 -9.15 -3.84
CA VAL B 399 -23.97 -9.06 -5.25
C VAL B 399 -22.88 -10.09 -5.65
N HIS B 400 -23.23 -10.93 -6.62
CA HIS B 400 -22.34 -11.95 -7.13
C HIS B 400 -21.83 -11.66 -8.53
N LEU B 401 -20.54 -11.33 -8.66
CA LEU B 401 -19.92 -11.03 -9.95
C LEU B 401 -19.15 -12.27 -10.44
N ASP B 402 -19.79 -13.03 -11.33
CA ASP B 402 -19.38 -14.38 -11.70
C ASP B 402 -18.83 -14.44 -13.11
N SER B 403 -17.80 -15.25 -13.28
CA SER B 403 -17.27 -15.56 -14.57
C SER B 403 -16.62 -16.92 -14.54
N SER B 404 -16.71 -17.57 -15.69
CA SER B 404 -16.11 -18.86 -15.91
C SER B 404 -14.75 -18.62 -16.55
N PHE B 405 -13.80 -19.46 -16.19
CA PHE B 405 -12.46 -19.38 -16.75
C PHE B 405 -12.03 -20.80 -16.88
N ALA B 406 -11.05 -21.03 -17.74
CA ALA B 406 -10.59 -22.38 -18.08
C ALA B 406 -11.74 -23.24 -18.68
N VAL B 407 -11.71 -24.55 -18.41
CA VAL B 407 -12.59 -25.53 -19.05
C VAL B 407 -13.11 -26.49 -17.98
N ASP B 408 -14.35 -26.99 -18.10
CA ASP B 408 -14.88 -27.96 -17.15
C ASP B 408 -14.16 -29.31 -17.33
N LEU B 409 -13.50 -29.76 -16.24
CA LEU B 409 -12.92 -31.10 -16.14
C LEU B 409 -13.57 -31.90 -14.98
N ARG B 414 -12.14 -36.39 -18.49
CA ARG B 414 -11.23 -35.37 -19.04
C ARG B 414 -9.87 -35.17 -18.33
N PRO B 415 -9.82 -35.23 -17.00
CA PRO B 415 -8.53 -35.00 -16.39
C PRO B 415 -7.50 -36.05 -16.75
N TYR B 416 -7.92 -37.32 -16.81
CA TYR B 416 -7.00 -38.39 -17.19
C TYR B 416 -6.47 -38.18 -18.59
N GLU B 417 -7.32 -37.86 -19.55
CA GLU B 417 -6.83 -37.65 -20.90
C GLU B 417 -5.92 -36.43 -21.02
N ARG B 418 -6.24 -35.37 -20.28
CA ARG B 418 -5.40 -34.19 -20.26
C ARG B 418 -3.99 -34.51 -19.72
N LEU B 419 -3.91 -35.28 -18.67
CA LEU B 419 -2.62 -35.66 -18.13
C LEU B 419 -1.81 -36.51 -19.09
N LEU B 420 -2.49 -37.46 -19.71
CA LEU B 420 -1.85 -38.42 -20.58
C LEU B 420 -1.29 -37.70 -21.80
N TYR B 421 -2.06 -36.77 -22.33
CA TYR B 421 -1.64 -35.97 -23.44
C TYR B 421 -0.45 -35.09 -23.05
N ALA B 422 -0.55 -34.46 -21.88
CA ALA B 422 0.53 -33.61 -21.43
C ALA B 422 1.82 -34.40 -21.20
N ALA B 423 1.68 -35.55 -20.57
CA ALA B 423 2.84 -36.40 -20.36
C ALA B 423 3.49 -36.73 -21.67
N PHE B 424 2.68 -37.13 -22.65
CA PHE B 424 3.19 -37.57 -23.91
C PHE B 424 3.97 -36.43 -24.58
N ASN B 425 3.49 -35.20 -24.39
CA ASN B 425 4.09 -34.02 -25.05
C ASN B 425 5.17 -33.38 -24.22
N GLY B 426 5.51 -34.01 -23.10
CA GLY B 426 6.49 -33.45 -22.17
C GLY B 426 6.10 -32.14 -21.42
N ASP B 427 4.83 -31.83 -21.29
CA ASP B 427 4.41 -30.60 -20.59
C ASP B 427 4.30 -30.93 -19.09
N ARG B 428 5.22 -30.41 -18.29
CA ARG B 428 5.35 -30.83 -16.90
C ARG B 428 4.65 -29.95 -15.87
N GLN B 429 3.82 -29.04 -16.32
CA GLN B 429 3.08 -28.18 -15.41
C GLN B 429 2.18 -28.88 -14.42
N LEU B 430 1.59 -29.96 -14.86
CA LEU B 430 0.58 -30.67 -14.05
C LEU B 430 1.17 -31.83 -13.28
N PHE B 431 2.51 -31.89 -13.23
CA PHE B 431 3.21 -32.98 -12.57
C PHE B 431 4.15 -32.43 -11.52
N ALA B 432 3.88 -32.77 -10.27
CA ALA B 432 4.63 -32.21 -9.17
C ALA B 432 6.08 -32.61 -9.24
N ARG B 433 6.94 -31.67 -8.90
CA ARG B 433 8.38 -31.88 -8.94
C ARG B 433 8.82 -32.38 -7.55
N GLU B 434 9.94 -33.04 -7.55
CA GLU B 434 10.48 -33.71 -6.39
C GLU B 434 10.61 -32.83 -5.11
N ASP B 435 11.14 -31.64 -5.25
CA ASP B 435 11.30 -30.75 -4.09
C ASP B 435 9.94 -30.43 -3.45
N ALA B 436 8.92 -30.20 -4.26
CA ALA B 436 7.58 -29.97 -3.74
C ALA B 436 6.99 -31.21 -3.06
N ILE B 437 7.17 -32.35 -3.69
CA ILE B 437 6.72 -33.57 -3.10
C ILE B 437 7.30 -33.74 -1.67
N GLU B 438 8.59 -33.55 -1.50
CA GLU B 438 9.24 -33.67 -0.21
C GLU B 438 8.81 -32.62 0.80
N GLU B 439 8.64 -31.37 0.40
CA GLU B 439 8.10 -30.36 1.33
C GLU B 439 6.67 -30.65 1.76
N THR B 440 5.83 -31.12 0.86
CA THR B 440 4.46 -31.39 1.27
C THR B 440 4.38 -32.59 2.19
N TRP B 441 5.27 -33.59 1.97
CA TRP B 441 5.31 -34.72 2.89
C TRP B 441 5.78 -34.22 4.25
N ARG B 442 6.78 -33.33 4.28
CA ARG B 442 7.20 -32.74 5.58
C ARG B 442 6.02 -32.08 6.28
N ILE B 443 5.25 -31.33 5.51
CA ILE B 443 4.11 -30.59 6.07
C ILE B 443 3.11 -31.50 6.74
N VAL B 444 2.73 -32.59 6.07
CA VAL B 444 1.65 -33.46 6.55
C VAL B 444 2.15 -34.54 7.50
N GLN B 445 3.46 -34.81 7.52
CA GLN B 445 3.97 -35.95 8.31
C GLN B 445 3.50 -36.05 9.78
N PRO B 446 3.47 -34.94 10.52
CA PRO B 446 3.09 -35.07 11.93
C PRO B 446 1.68 -35.64 12.10
N VAL B 447 0.75 -35.31 11.21
CA VAL B 447 -0.59 -35.85 11.28
C VAL B 447 -0.59 -37.36 10.95
N LEU B 448 0.31 -37.80 10.07
CA LEU B 448 0.41 -39.20 9.75
C LEU B 448 1.01 -39.99 10.91
N ASP B 449 1.99 -39.38 11.59
CA ASP B 449 2.67 -40.02 12.73
C ASP B 449 1.80 -40.08 13.94
N LYS B 450 1.12 -38.99 14.27
CA LYS B 450 0.29 -38.95 15.52
C LYS B 450 -1.13 -38.52 15.14
N PRO B 451 -1.88 -39.38 14.47
CA PRO B 451 -3.24 -38.99 14.03
C PRO B 451 -4.19 -38.72 15.24
N SER B 452 -5.02 -37.68 15.14
CA SER B 452 -5.97 -37.34 16.18
C SER B 452 -7.18 -38.29 16.06
N ARG B 453 -7.96 -38.39 17.14
CA ARG B 453 -9.04 -39.38 17.18
C ARG B 453 -10.05 -39.14 16.08
N ILE B 454 -10.63 -40.22 15.58
CA ILE B 454 -11.68 -40.17 14.57
C ILE B 454 -13.01 -39.63 15.11
N HIS B 455 -13.61 -38.70 14.40
CA HIS B 455 -14.98 -38.27 14.68
C HIS B 455 -15.89 -38.82 13.60
N GLN B 456 -16.96 -39.50 13.99
CA GLN B 456 -17.96 -39.98 13.03
C GLN B 456 -18.80 -38.81 12.52
N TYR B 457 -19.28 -38.92 11.28
CA TYR B 457 -20.23 -37.98 10.75
C TYR B 457 -21.17 -38.70 9.82
N GLU B 458 -22.37 -38.14 9.64
CA GLU B 458 -23.41 -38.73 8.76
C GLU B 458 -23.09 -38.40 7.30
N GLN B 459 -23.37 -39.35 6.44
CA GLN B 459 -23.34 -39.11 5.00
C GLN B 459 -24.31 -38.03 4.63
N GLY B 460 -23.87 -37.10 3.78
CA GLY B 460 -24.70 -35.98 3.36
C GLY B 460 -24.61 -34.78 4.31
N SER B 461 -23.92 -34.93 5.45
CA SER B 461 -23.64 -33.79 6.33
C SER B 461 -22.32 -33.10 5.87
N TRP B 462 -22.01 -31.95 6.45
CA TRP B 462 -20.77 -31.24 6.16
C TRP B 462 -19.59 -31.81 6.92
N GLY B 463 -19.82 -32.83 7.73
CA GLY B 463 -18.75 -33.45 8.49
C GLY B 463 -18.90 -33.29 10.00
N PRO B 464 -17.89 -33.73 10.74
CA PRO B 464 -17.94 -33.67 12.20
C PRO B 464 -18.06 -32.24 12.70
N GLU B 465 -18.79 -32.07 13.79
CA GLU B 465 -19.03 -30.74 14.42
C GLU B 465 -17.71 -30.12 14.92
N ALA B 466 -16.73 -30.96 15.26
CA ALA B 466 -15.44 -30.47 15.68
C ALA B 466 -14.75 -29.64 14.58
N ALA B 467 -15.07 -29.85 13.32
CA ALA B 467 -14.59 -28.95 12.28
C ALA B 467 -15.15 -27.51 12.39
N GLN B 468 -16.34 -27.35 12.99
CA GLN B 468 -16.88 -25.99 13.28
C GLN B 468 -16.05 -25.28 14.33
N ALA B 469 -15.58 -26.05 15.31
CA ALA B 469 -14.83 -25.47 16.40
C ALA B 469 -13.47 -24.95 15.94
N LEU B 470 -12.89 -25.59 14.93
CA LEU B 470 -11.64 -25.13 14.31
C LEU B 470 -11.66 -23.64 13.98
N VAL B 471 -12.79 -23.17 13.43
CA VAL B 471 -12.90 -21.79 12.95
C VAL B 471 -13.65 -20.87 13.93
N HIS B 472 -13.73 -21.31 15.18
CA HIS B 472 -14.46 -20.53 16.17
C HIS B 472 -13.64 -19.23 16.35
N GLY B 473 -14.27 -18.08 16.39
CA GLY B 473 -13.52 -16.81 16.46
C GLY B 473 -12.99 -16.31 15.10
N ARG B 474 -13.12 -17.11 14.04
CA ARG B 474 -12.72 -16.70 12.69
C ARG B 474 -13.95 -16.64 11.82
N HIS B 475 -13.82 -16.80 10.52
CA HIS B 475 -14.97 -16.82 9.62
C HIS B 475 -15.58 -18.21 9.57
N ALA B 476 -16.87 -18.27 9.72
CA ALA B 476 -17.62 -19.51 9.59
C ALA B 476 -17.42 -20.12 8.21
N TRP B 477 -17.42 -21.43 8.16
CA TRP B 477 -17.43 -22.12 6.90
C TRP B 477 -18.67 -21.68 6.14
N GLN B 478 -18.49 -21.23 4.90
CA GLN B 478 -19.61 -20.69 4.08
C GLN B 478 -20.14 -21.80 3.21
N GLN B 479 -21.37 -21.60 2.72
CA GLN B 479 -21.92 -22.45 1.67
C GLN B 479 -21.08 -22.26 0.38
N PRO B 480 -20.62 -23.35 -0.22
CA PRO B 480 -19.80 -23.20 -1.39
C PRO B 480 -20.56 -22.70 -2.59
N TRP B 481 -19.84 -22.05 -3.51
CA TRP B 481 -20.37 -21.60 -4.78
C TRP B 481 -20.52 -22.74 -5.74
N LEU B 482 -21.78 -23.17 -5.99
CA LEU B 482 -22.05 -24.27 -6.90
C LEU B 482 -22.36 -23.82 -8.35
N PRO B 483 -21.99 -24.65 -9.32
CA PRO B 483 -22.39 -24.39 -10.70
C PRO B 483 -23.90 -24.29 -10.88
N GLN B 484 -24.32 -23.42 -11.81
CA GLN B 484 -25.74 -23.21 -12.21
C GLN B 484 -26.22 -24.28 -13.21
N HIS C 28 -7.20 40.19 8.07
CA HIS C 28 -6.86 41.59 8.48
C HIS C 28 -6.51 41.66 9.98
N PRO C 29 -5.27 42.03 10.31
CA PRO C 29 -4.89 42.26 11.71
C PRO C 29 -5.61 43.44 12.36
N SER C 30 -5.57 43.44 13.67
CA SER C 30 -6.19 44.49 14.43
C SER C 30 -5.29 45.69 14.36
N ASP C 31 -5.78 46.86 14.76
CA ASP C 31 -4.92 48.03 14.89
C ASP C 31 -5.13 48.74 16.24
N LEU C 32 -5.64 48.02 17.21
CA LEU C 32 -5.80 48.56 18.56
C LEU C 32 -6.00 47.38 19.51
N LEU C 33 -5.32 47.41 20.67
CA LEU C 33 -5.40 46.37 21.64
C LEU C 33 -6.05 46.92 22.89
N VAL C 34 -7.16 46.30 23.27
CA VAL C 34 -7.91 46.69 24.45
C VAL C 34 -7.90 45.52 25.45
N ILE C 35 -7.26 45.71 26.60
CA ILE C 35 -7.07 44.66 27.59
C ILE C 35 -7.96 44.88 28.79
N PHE C 36 -9.01 44.03 28.93
CA PHE C 36 -9.83 44.05 30.12
C PHE C 36 -9.14 43.20 31.16
N GLY C 37 -8.87 43.78 32.32
CA GLY C 37 -8.24 43.06 33.46
C GLY C 37 -6.76 43.37 33.61
N ILE C 38 -6.37 44.56 33.19
CA ILE C 38 -4.95 44.95 33.14
C ILE C 38 -4.28 45.06 34.53
N THR C 39 -5.07 45.17 35.60
CA THR C 39 -4.52 45.18 36.97
C THR C 39 -4.60 43.81 37.69
N GLY C 40 -5.00 42.77 36.98
CA GLY C 40 -5.11 41.44 37.58
C GLY C 40 -3.83 40.63 37.59
N ASP C 41 -3.94 39.41 38.07
CA ASP C 41 -2.73 38.57 38.29
C ASP C 41 -2.02 38.13 37.02
N LEU C 42 -2.78 37.76 35.98
CA LEU C 42 -2.18 37.32 34.74
C LEU C 42 -1.41 38.46 34.08
N ALA C 43 -1.96 39.67 34.14
CA ALA C 43 -1.24 40.85 33.66
C ALA C 43 0.08 41.07 34.41
N ARG C 44 0.04 40.88 35.71
CA ARG C 44 1.21 41.09 36.57
CA ARG C 44 1.20 41.10 36.59
C ARG C 44 2.25 39.99 36.42
N LYS C 45 1.81 38.74 36.20
CA LYS C 45 2.74 37.63 36.01
C LYS C 45 3.28 37.53 34.57
N MET C 46 2.41 37.69 33.57
CA MET C 46 2.73 37.37 32.18
C MET C 46 2.55 38.58 31.25
N THR C 47 1.39 39.23 31.29
CA THR C 47 1.03 40.12 30.16
C THR C 47 1.98 41.32 29.99
N PHE C 48 2.25 42.03 31.07
CA PHE C 48 3.19 43.15 31.01
C PHE C 48 4.57 42.76 30.46
N ARG C 49 5.14 41.68 30.98
CA ARG C 49 6.39 41.15 30.46
C ARG C 49 6.30 40.83 28.96
N ALA C 50 5.23 40.15 28.55
CA ALA C 50 5.05 39.80 27.16
C ALA C 50 4.97 41.05 26.27
N LEU C 51 4.21 42.05 26.70
CA LEU C 51 4.15 43.31 25.95
C LEU C 51 5.53 43.99 25.86
N TYR C 52 6.25 44.00 26.98
CA TYR C 52 7.61 44.53 27.01
C TYR C 52 8.54 43.83 25.99
N ARG C 53 8.47 42.50 25.94
CA ARG C 53 9.32 41.75 25.04
C ARG C 53 8.94 42.04 23.59
N LEU C 54 7.65 42.18 23.33
CA LEU C 54 7.24 42.42 21.95
C LEU C 54 7.76 43.80 21.55
N GLU C 55 7.71 44.74 22.48
CA GLU C 55 8.25 46.05 22.25
C GLU C 55 9.77 46.02 22.00
N ARG C 56 10.51 45.26 22.81
CA ARG C 56 11.94 45.11 22.56
C ARG C 56 12.25 44.56 21.15
N ARG C 57 11.45 43.61 20.68
CA ARG C 57 11.63 43.07 19.34
C ARG C 57 11.04 43.96 18.25
N GLU C 58 10.52 45.12 18.65
CA GLU C 58 9.92 46.11 17.75
C GLU C 58 8.69 45.56 17.03
N GLU C 59 7.96 44.67 17.70
CA GLU C 59 6.77 44.09 17.13
C GLU C 59 5.44 44.77 17.56
N LEU C 60 5.46 45.72 18.50
CA LEU C 60 4.24 46.52 18.82
C LEU C 60 4.19 47.75 17.93
N GLU C 61 3.07 47.96 17.24
CA GLU C 61 2.92 49.13 16.34
C GLU C 61 1.65 49.92 16.57
N HIS C 62 0.86 49.59 17.59
CA HIS C 62 -0.47 50.18 17.79
C HIS C 62 -0.77 50.50 19.24
N PRO C 63 -1.76 51.39 19.49
CA PRO C 63 -2.04 51.77 20.86
C PRO C 63 -2.69 50.63 21.65
N ILE C 64 -2.48 50.71 22.96
CA ILE C 64 -3.01 49.75 23.90
C ILE C 64 -3.81 50.50 24.92
N ILE C 65 -5.04 50.09 25.12
CA ILE C 65 -5.92 50.65 26.18
C ILE C 65 -6.11 49.59 27.25
N GLY C 66 -5.63 49.87 28.45
CA GLY C 66 -5.87 49.03 29.62
C GLY C 66 -7.16 49.43 30.31
N VAL C 67 -7.94 48.42 30.71
CA VAL C 67 -9.22 48.64 31.38
C VAL C 67 -9.27 47.83 32.65
N ALA C 68 -9.71 48.46 33.73
CA ALA C 68 -9.93 47.76 35.01
C ALA C 68 -10.78 48.65 35.90
N SER C 69 -11.21 48.11 37.04
CA SER C 69 -11.99 48.87 37.97
C SER C 69 -11.12 49.79 38.84
N ASP C 70 -9.83 49.50 38.98
CA ASP C 70 -9.04 50.24 39.97
C ASP C 70 -9.06 51.73 39.69
N ASP C 71 -9.26 52.51 40.74
CA ASP C 71 -9.20 53.98 40.63
C ASP C 71 -7.72 54.42 40.78
N ILE C 72 -6.95 54.36 39.69
CA ILE C 72 -5.57 54.78 39.70
C ILE C 72 -5.34 55.62 38.47
N THR C 73 -4.20 56.30 38.43
CA THR C 73 -3.79 57.04 37.24
C THR C 73 -2.97 56.17 36.31
N LEU C 74 -2.79 56.65 35.10
CA LEU C 74 -1.89 56.07 34.15
C LEU C 74 -0.46 55.89 34.74
N ASP C 75 0.07 56.89 35.40
CA ASP C 75 1.41 56.78 36.01
C ASP C 75 1.46 55.65 37.00
N GLN C 76 0.43 55.50 37.82
CA GLN C 76 0.43 54.42 38.80
C GLN C 76 0.45 53.06 38.09
N LEU C 77 -0.33 52.94 37.01
CA LEU C 77 -0.36 51.72 36.25
C LEU C 77 1.04 51.42 35.73
N LEU C 78 1.70 52.42 35.16
CA LEU C 78 3.02 52.27 34.60
C LEU C 78 4.03 51.85 35.64
N ASP C 79 3.96 52.47 36.81
CA ASP C 79 4.84 52.07 37.91
C ASP C 79 4.63 50.60 38.26
N ARG C 80 3.38 50.19 38.33
CA ARG C 80 3.04 48.81 38.61
C ARG C 80 3.57 47.87 37.51
N ALA C 81 3.39 48.26 36.25
CA ALA C 81 3.87 47.47 35.10
C ALA C 81 5.41 47.30 35.15
N ARG C 82 6.08 48.38 35.51
CA ARG C 82 7.53 48.44 35.56
C ARG C 82 8.02 47.47 36.61
N GLU C 83 7.46 47.57 37.80
CA GLU C 83 7.81 46.66 38.85
C GLU C 83 7.52 45.19 38.51
N ALA C 84 6.39 44.93 37.88
CA ALA C 84 6.02 43.56 37.54
C ALA C 84 7.06 42.95 36.59
N ILE C 85 7.49 43.74 35.61
CA ILE C 85 8.43 43.30 34.60
C ILE C 85 9.76 42.99 35.25
N LYS C 86 10.22 43.89 36.10
CA LYS C 86 11.48 43.71 36.82
C LYS C 86 11.45 42.51 37.73
N ALA C 87 10.33 42.30 38.40
CA ALA C 87 10.18 41.13 39.24
C ALA C 87 10.37 39.79 38.48
N THR C 88 9.97 39.69 37.20
CA THR C 88 10.06 38.41 36.44
C THR C 88 11.50 38.00 36.11
N GLY C 89 12.46 38.92 36.26
CA GLY C 89 13.85 38.64 35.96
C GLY C 89 14.24 39.03 34.56
N GLU C 90 13.26 39.51 33.79
CA GLU C 90 13.51 40.07 32.47
C GLU C 90 14.55 41.20 32.56
N THR C 91 15.51 41.19 31.64
CA THR C 91 16.48 42.30 31.54
C THR C 91 15.70 43.59 31.23
N PHE C 92 15.88 44.60 32.08
CA PHE C 92 15.10 45.84 31.99
C PHE C 92 15.88 46.98 31.35
N ASP C 93 15.30 47.52 30.28
CA ASP C 93 15.86 48.64 29.55
C ASP C 93 14.79 49.75 29.53
N ASP C 94 15.14 50.89 30.12
CA ASP C 94 14.22 52.01 30.30
C ASP C 94 13.68 52.61 29.00
N ALA C 95 14.54 52.64 27.97
CA ALA C 95 14.14 53.14 26.67
C ALA C 95 13.08 52.25 26.04
N VAL C 96 13.23 50.94 26.21
CA VAL C 96 12.21 49.99 25.71
C VAL C 96 10.90 50.17 26.46
N PHE C 97 10.99 50.30 27.77
CA PHE C 97 9.80 50.49 28.55
C PHE C 97 9.10 51.76 28.18
N ASP C 98 9.88 52.83 27.98
CA ASP C 98 9.28 54.12 27.63
C ASP C 98 8.49 54.07 26.33
N ARG C 99 8.97 53.32 25.35
CA ARG C 99 8.20 53.12 24.12
C ARG C 99 6.87 52.43 24.43
N LEU C 100 6.90 51.44 25.30
CA LEU C 100 5.68 50.72 25.66
C LEU C 100 4.70 51.68 26.36
N ALA C 101 5.21 52.43 27.32
CA ALA C 101 4.39 53.38 28.03
C ALA C 101 3.75 54.38 27.08
N GLY C 102 4.51 54.84 26.10
CA GLY C 102 4.00 55.76 25.09
C GLY C 102 2.77 55.26 24.32
N ARG C 103 2.59 53.94 24.24
CA ARG C 103 1.42 53.34 23.55
C ARG C 103 0.23 53.15 24.47
N LEU C 104 0.47 53.19 25.77
CA LEU C 104 -0.52 52.73 26.75
C LEU C 104 -1.41 53.89 27.23
N SER C 105 -2.70 53.65 27.29
CA SER C 105 -3.62 54.52 28.07
C SER C 105 -4.41 53.65 29.03
N TYR C 106 -5.09 54.30 29.99
CA TYR C 106 -5.83 53.58 31.00
C TYR C 106 -7.23 54.13 31.15
N LEU C 107 -8.18 53.23 31.27
CA LEU C 107 -9.57 53.57 31.44
C LEU C 107 -10.12 52.76 32.61
N SER C 108 -10.52 53.47 33.65
CA SER C 108 -11.09 52.85 34.84
C SER C 108 -12.62 52.83 34.78
N GLY C 109 -13.18 51.72 35.22
CA GLY C 109 -14.62 51.59 35.28
C GLY C 109 -15.03 50.17 35.54
N ASP C 110 -16.32 49.97 35.69
CA ASP C 110 -16.87 48.66 36.02
C ASP C 110 -17.46 47.98 34.78
N VAL C 111 -17.07 46.74 34.54
CA VAL C 111 -17.42 46.04 33.31
C VAL C 111 -18.89 45.67 33.21
N THR C 112 -19.63 45.73 34.31
CA THR C 112 -21.06 45.58 34.33
C THR C 112 -21.80 46.93 34.24
N ASP C 113 -21.07 48.04 34.15
CA ASP C 113 -21.68 49.38 34.02
C ASP C 113 -21.66 49.86 32.56
N THR C 114 -22.81 50.25 32.03
CA THR C 114 -22.89 50.80 30.65
C THR C 114 -22.04 52.06 30.40
N GLY C 115 -21.81 52.87 31.42
CA GLY C 115 -20.92 54.06 31.31
C GLY C 115 -19.50 53.76 30.81
N LEU C 116 -18.93 52.65 31.24
CA LEU C 116 -17.59 52.28 30.81
C LEU C 116 -17.56 52.18 29.26
N TYR C 117 -18.60 51.57 28.70
CA TYR C 117 -18.64 51.23 27.30
C TYR C 117 -18.96 52.48 26.46
N SER C 118 -19.75 53.40 27.01
CA SER C 118 -19.90 54.74 26.38
C SER C 118 -18.57 55.45 26.30
N GLU C 119 -17.82 55.41 27.39
CA GLU C 119 -16.49 55.98 27.39
C GLU C 119 -15.55 55.30 26.37
N LEU C 120 -15.60 53.99 26.33
CA LEU C 120 -14.80 53.23 25.43
C LEU C 120 -15.19 53.58 23.98
N ALA C 121 -16.47 53.81 23.75
CA ALA C 121 -16.98 54.16 22.44
C ALA C 121 -16.46 55.51 21.97
N GLU C 122 -16.15 56.40 22.88
CA GLU C 122 -15.52 57.67 22.50
C GLU C 122 -14.09 57.48 22.06
N LYS C 123 -13.38 56.60 22.73
CA LYS C 123 -11.97 56.41 22.50
C LYS C 123 -11.70 55.57 21.25
N ILE C 124 -12.71 54.83 20.80
CA ILE C 124 -12.56 53.86 19.72
C ILE C 124 -13.47 54.24 18.55
N GLY C 125 -12.91 54.45 17.38
CA GLY C 125 -13.71 54.95 16.26
C GLY C 125 -14.40 53.82 15.52
N GLY C 126 -15.50 54.17 14.86
CA GLY C 126 -16.18 53.25 13.95
C GLY C 126 -15.29 52.63 12.89
N ASP C 127 -14.11 53.20 12.62
CA ASP C 127 -13.13 52.61 11.65
C ASP C 127 -12.06 51.75 12.34
N SER C 128 -12.09 51.62 13.66
CA SER C 128 -11.04 50.87 14.36
C SER C 128 -11.19 49.37 14.14
N ARG C 129 -10.09 48.65 14.27
CA ARG C 129 -10.16 47.18 14.29
C ARG C 129 -9.61 46.66 15.63
N PRO C 130 -10.44 46.70 16.66
CA PRO C 130 -9.90 46.34 17.97
C PRO C 130 -9.82 44.84 18.20
N LEU C 131 -8.73 44.46 18.88
CA LEU C 131 -8.66 43.18 19.58
C LEU C 131 -8.99 43.42 21.05
N TYR C 132 -10.07 42.86 21.55
CA TYR C 132 -10.42 42.92 22.98
C TYR C 132 -9.90 41.68 23.62
N TYR C 133 -8.93 41.82 24.50
CA TYR C 133 -8.36 40.72 25.22
C TYR C 133 -8.91 40.72 26.67
N LEU C 134 -9.65 39.69 27.00
CA LEU C 134 -10.32 39.57 28.28
C LEU C 134 -9.55 38.67 29.24
N GLU C 135 -8.70 39.28 30.09
CA GLU C 135 -8.02 38.53 31.13
C GLU C 135 -8.84 38.75 32.38
N MET C 136 -10.02 38.13 32.35
CA MET C 136 -11.04 38.34 33.36
C MET C 136 -11.69 37.00 33.75
N PRO C 137 -12.39 36.99 34.87
CA PRO C 137 -13.10 35.81 35.26
C PRO C 137 -14.10 35.43 34.20
N PRO C 138 -14.30 34.13 34.00
CA PRO C 138 -15.14 33.69 32.89
C PRO C 138 -16.60 34.07 32.98
N SER C 139 -17.10 34.21 34.19
CA SER C 139 -18.49 34.71 34.38
C SER C 139 -18.67 36.10 33.79
N LEU C 140 -17.58 36.81 33.53
CA LEU C 140 -17.69 38.15 32.92
C LEU C 140 -17.55 38.23 31.39
N PHE C 141 -17.23 37.13 30.73
CA PHE C 141 -16.98 37.18 29.28
C PHE C 141 -18.23 37.61 28.53
N ALA C 142 -19.36 36.99 28.88
CA ALA C 142 -20.60 37.27 28.20
C ALA C 142 -21.12 38.67 28.49
N PRO C 143 -21.12 39.08 29.76
CA PRO C 143 -21.54 40.45 30.04
C PRO C 143 -20.72 41.53 29.31
N ILE C 144 -19.40 41.34 29.23
CA ILE C 144 -18.54 42.31 28.55
C ILE C 144 -18.87 42.36 27.05
N VAL C 145 -18.95 41.19 26.45
CA VAL C 145 -19.17 41.10 25.03
C VAL C 145 -20.58 41.62 24.67
N GLU C 146 -21.55 41.29 25.49
CA GLU C 146 -22.91 41.79 25.32
C GLU C 146 -22.95 43.29 25.46
N ASN C 147 -22.16 43.84 26.35
CA ASN C 147 -22.05 45.30 26.49
C ASN C 147 -21.31 45.97 25.32
N LEU C 148 -20.29 45.30 24.79
CA LEU C 148 -19.59 45.83 23.64
C LEU C 148 -20.57 45.90 22.47
N ALA C 149 -21.38 44.85 22.32
CA ALA C 149 -22.42 44.79 21.28
C ALA C 149 -23.45 45.93 21.45
N LYS C 150 -24.01 46.11 22.65
CA LYS C 150 -24.98 47.19 22.89
C LYS C 150 -24.39 48.55 22.52
N ALA C 151 -23.08 48.72 22.70
CA ALA C 151 -22.46 50.00 22.37
C ALA C 151 -21.91 50.00 20.95
N ASP C 152 -22.26 48.98 20.17
CA ASP C 152 -21.85 48.92 18.78
C ASP C 152 -20.34 48.94 18.55
N LEU C 153 -19.61 48.15 19.32
CA LEU C 153 -18.15 48.19 19.28
C LEU C 153 -17.52 46.92 18.76
N LEU C 154 -18.30 46.06 18.12
CA LEU C 154 -17.82 44.72 17.71
C LEU C 154 -17.63 44.51 16.19
N GLU C 155 -18.09 45.43 15.38
CA GLU C 155 -18.15 45.22 13.94
C GLU C 155 -16.86 44.75 13.29
N ARG C 156 -15.75 45.34 13.68
CA ARG C 156 -14.50 45.00 13.04
C ARG C 156 -13.56 44.37 14.08
N ALA C 157 -14.16 43.76 15.09
CA ALA C 157 -13.44 43.35 16.23
C ALA C 157 -13.15 41.86 16.27
N ARG C 158 -12.17 41.50 17.08
CA ARG C 158 -12.04 40.16 17.58
C ARG C 158 -11.99 40.20 19.09
N VAL C 159 -12.32 39.08 19.71
CA VAL C 159 -12.35 38.98 21.18
C VAL C 159 -11.56 37.73 21.56
N ALA C 160 -10.51 37.93 22.34
CA ALA C 160 -9.74 36.85 22.85
C ALA C 160 -10.09 36.62 24.34
N VAL C 161 -10.50 35.40 24.68
CA VAL C 161 -10.89 35.06 26.04
C VAL C 161 -9.87 34.16 26.69
N GLU C 162 -9.44 34.53 27.89
CA GLU C 162 -8.52 33.66 28.67
C GLU C 162 -9.22 32.41 29.20
N LYS C 163 -8.54 31.26 29.15
CA LYS C 163 -9.03 30.00 29.78
C LYS C 163 -9.37 30.24 31.25
N PRO C 164 -10.41 29.56 31.79
CA PRO C 164 -11.25 28.55 31.14
C PRO C 164 -12.40 29.15 30.38
N PHE C 165 -12.86 28.41 29.38
CA PHE C 165 -14.05 28.73 28.63
C PHE C 165 -14.98 27.50 28.65
N GLY C 166 -15.38 27.08 29.85
CA GLY C 166 -16.22 25.94 30.08
C GLY C 166 -15.50 24.94 30.92
N HIS C 167 -16.27 24.16 31.67
CA HIS C 167 -15.74 23.06 32.46
C HIS C 167 -16.41 21.71 32.11
N ASP C 168 -17.28 21.72 31.10
CA ASP C 168 -17.90 20.53 30.56
C ASP C 168 -18.69 20.89 29.31
N LEU C 169 -19.33 19.90 28.68
CA LEU C 169 -19.98 20.11 27.39
C LEU C 169 -21.07 21.17 27.52
N GLU C 170 -21.89 21.04 28.55
CA GLU C 170 -23.03 21.92 28.71
C GLU C 170 -22.58 23.36 29.02
N SER C 171 -21.64 23.53 29.95
CA SER C 171 -21.14 24.86 30.30
C SER C 171 -20.43 25.55 29.12
N ALA C 172 -19.71 24.77 28.33
CA ALA C 172 -19.07 25.32 27.12
C ALA C 172 -20.09 25.73 26.06
N ARG C 173 -21.12 24.91 25.88
CA ARG C 173 -22.22 25.26 24.96
C ARG C 173 -22.97 26.53 25.38
N ASP C 174 -23.25 26.69 26.68
CA ASP C 174 -23.96 27.88 27.16
C ASP C 174 -23.15 29.13 26.95
N LEU C 175 -21.88 29.09 27.33
CA LEU C 175 -20.99 30.25 27.15
C LEU C 175 -20.93 30.59 25.67
N ASN C 176 -20.67 29.57 24.88
CA ASN C 176 -20.58 29.76 23.46
C ASN C 176 -21.81 30.34 22.77
N ALA C 177 -23.00 29.88 23.18
CA ALA C 177 -24.25 30.38 22.63
C ALA C 177 -24.36 31.87 22.90
N ARG C 178 -23.96 32.31 24.09
CA ARG C 178 -24.04 33.74 24.43
C ARG C 178 -23.08 34.60 23.58
N LEU C 179 -21.87 34.10 23.34
CA LEU C 179 -20.93 34.79 22.48
C LEU C 179 -21.36 34.81 21.02
N ARG C 180 -21.84 33.67 20.53
CA ARG C 180 -22.19 33.56 19.12
C ARG C 180 -23.48 34.35 18.77
N ALA C 181 -24.24 34.73 19.78
CA ALA C 181 -25.36 35.60 19.55
C ALA C 181 -24.91 36.93 19.01
N VAL C 182 -23.70 37.37 19.34
CA VAL C 182 -23.18 38.67 18.84
C VAL C 182 -21.88 38.62 18.04
N LEU C 183 -21.18 37.49 18.07
CA LEU C 183 -19.90 37.35 17.36
C LEU C 183 -19.96 36.19 16.41
N ASP C 184 -19.34 36.35 15.25
CA ASP C 184 -19.06 35.23 14.37
C ASP C 184 -17.93 34.41 15.00
N GLU C 185 -17.87 33.14 14.62
CA GLU C 185 -16.87 32.23 15.18
C GLU C 185 -15.48 32.76 14.93
N ASP C 186 -15.26 33.40 13.80
CA ASP C 186 -13.95 33.86 13.45
C ASP C 186 -13.55 35.16 14.20
N GLN C 187 -14.44 35.69 15.03
CA GLN C 187 -14.08 36.79 15.88
C GLN C 187 -13.77 36.31 17.28
N ILE C 188 -13.91 35.02 17.51
CA ILE C 188 -13.65 34.45 18.83
C ILE C 188 -12.35 33.72 18.88
N LEU C 189 -11.47 34.15 19.79
CA LEU C 189 -10.17 33.52 20.01
C LEU C 189 -10.08 32.97 21.46
N ARG C 190 -10.09 31.66 21.57
CA ARG C 190 -10.04 31.03 22.88
C ARG C 190 -8.61 30.76 23.27
N VAL C 191 -8.07 31.55 24.19
CA VAL C 191 -6.63 31.53 24.54
C VAL C 191 -6.31 30.44 25.57
N ASP C 192 -5.45 29.50 25.15
CA ASP C 192 -4.99 28.41 26.02
C ASP C 192 -3.49 28.39 25.87
N HIS C 193 -2.79 28.81 26.90
CA HIS C 193 -1.36 28.97 26.84
C HIS C 193 -0.65 27.70 26.36
N PHE C 194 -1.16 26.50 26.74
CA PHE C 194 -0.52 25.26 26.25
C PHE C 194 -0.41 25.22 24.73
N LEU C 195 -1.46 25.65 24.04
CA LEU C 195 -1.48 25.60 22.59
C LEU C 195 -0.39 26.41 21.94
N GLY C 196 0.05 27.45 22.62
CA GLY C 196 1.17 28.25 22.19
C GLY C 196 2.48 27.50 22.04
N LYS C 197 2.56 26.30 22.63
CA LYS C 197 3.72 25.43 22.52
C LYS C 197 3.65 24.52 21.30
N GLN C 198 2.54 24.51 20.59
CA GLN C 198 2.38 23.51 19.55
C GLN C 198 3.06 23.93 18.23
N PRO C 199 3.87 23.04 17.65
CA PRO C 199 4.60 23.38 16.42
C PRO C 199 3.74 22.99 15.25
N VAL C 200 2.65 23.74 15.10
CA VAL C 200 1.60 23.45 14.16
C VAL C 200 2.09 23.42 12.71
N GLU C 201 2.80 24.45 12.27
CA GLU C 201 3.29 24.43 10.88
C GLU C 201 4.39 23.40 10.64
N GLU C 202 5.28 23.26 11.62
CA GLU C 202 6.46 22.46 11.45
C GLU C 202 6.13 20.98 11.47
N LEU C 203 5.14 20.60 12.26
CA LEU C 203 4.73 19.21 12.34
C LEU C 203 3.98 18.82 11.05
N GLN C 204 3.23 19.76 10.52
CA GLN C 204 2.62 19.57 9.21
C GLN C 204 3.63 19.39 8.10
N TYR C 205 4.67 20.20 8.12
CA TYR C 205 5.69 20.07 7.08
C TYR C 205 6.35 18.70 7.21
N LEU C 206 6.64 18.31 8.44
CA LEU C 206 7.32 17.07 8.71
C LEU C 206 6.55 15.93 8.07
N ARG C 207 5.25 15.95 8.27
CA ARG C 207 4.38 14.85 7.82
C ARG C 207 4.11 14.86 6.34
N PHE C 208 3.92 16.04 5.78
CA PHE C 208 3.27 16.18 4.51
C PHE C 208 4.27 16.49 3.41
N ALA C 209 5.50 16.83 3.77
CA ALA C 209 6.53 17.10 2.77
C ALA C 209 7.59 16.03 2.69
N ASN C 210 7.57 15.06 3.60
CA ASN C 210 8.50 13.96 3.58
C ASN C 210 7.82 12.62 3.24
N ASN C 211 8.05 12.13 2.04
CA ASN C 211 7.34 10.91 1.61
C ASN C 211 7.78 9.69 2.45
N ALA C 212 9.01 9.69 2.94
CA ALA C 212 9.49 8.56 3.71
C ALA C 212 8.63 8.43 4.95
N LEU C 213 8.08 9.55 5.46
CA LEU C 213 7.27 9.52 6.66
C LEU C 213 5.80 9.35 6.31
N ALA C 214 5.35 10.05 5.25
CA ALA C 214 3.97 9.96 4.87
C ALA C 214 3.57 8.53 4.49
N LYS C 215 4.47 7.80 3.84
CA LYS C 215 4.24 6.41 3.56
C LYS C 215 3.98 5.55 4.77
N LEU C 216 4.53 5.92 5.92
CA LEU C 216 4.42 5.13 7.15
C LEU C 216 3.27 5.54 8.04
N TRP C 217 2.56 6.60 7.66
CA TRP C 217 1.77 7.31 8.65
C TRP C 217 0.31 6.85 8.70
N ASP C 218 0.12 5.54 8.81
CA ASP C 218 -1.21 4.93 8.85
C ASP C 218 -1.18 3.54 9.52
N ARG C 219 -2.36 2.95 9.72
CA ARG C 219 -2.51 1.69 10.42
C ARG C 219 -1.81 0.48 9.75
N ASP C 220 -1.44 0.61 8.50
CA ASP C 220 -0.71 -0.48 7.84
C ASP C 220 0.74 -0.55 8.35
N SER C 221 1.26 0.56 8.87
CA SER C 221 2.61 0.52 9.44
C SER C 221 2.63 0.71 10.95
N ILE C 222 1.71 1.53 11.49
CA ILE C 222 1.73 1.90 12.90
C ILE C 222 0.80 0.95 13.68
N SER C 223 1.32 0.37 14.76
CA SER C 223 0.51 -0.55 15.60
C SER C 223 -0.12 0.12 16.77
N GLU C 224 0.53 1.15 17.29
CA GLU C 224 0.13 1.73 18.55
C GLU C 224 0.74 3.11 18.72
N ILE C 225 0.03 3.99 19.43
CA ILE C 225 0.52 5.33 19.74
C ILE C 225 0.47 5.63 21.24
N HIS C 226 1.56 6.20 21.78
CA HIS C 226 1.59 6.68 23.18
C HIS C 226 1.87 8.14 23.19
N ILE C 227 1.00 8.88 23.87
CA ILE C 227 1.23 10.27 24.14
C ILE C 227 1.53 10.51 25.62
N THR C 228 2.65 11.17 25.87
CA THR C 228 3.08 11.45 27.21
C THR C 228 3.24 12.95 27.38
N MET C 229 2.59 13.50 28.39
CA MET C 229 2.82 14.89 28.81
C MET C 229 3.20 14.94 30.28
N ALA C 230 4.48 15.18 30.52
CA ALA C 230 5.01 15.16 31.87
C ALA C 230 5.52 16.54 32.28
N GLU C 231 5.14 16.96 33.48
CA GLU C 231 5.71 18.18 34.07
C GLU C 231 6.38 17.80 35.41
N ASP C 232 7.58 18.30 35.63
CA ASP C 232 8.37 17.93 36.79
C ASP C 232 8.18 18.92 37.93
N PHE C 233 6.96 19.40 38.08
CA PHE C 233 6.59 20.29 39.17
C PHE C 233 5.12 20.03 39.56
N GLY C 234 4.77 20.47 40.75
CA GLY C 234 3.44 20.37 41.27
C GLY C 234 2.61 21.58 40.97
N ILE C 235 1.54 21.75 41.74
CA ILE C 235 0.67 22.92 41.58
C ILE C 235 1.33 24.04 42.36
N GLU C 236 1.98 24.96 41.67
CA GLU C 236 2.78 26.00 42.29
C GLU C 236 1.97 27.22 42.72
N ASP C 237 0.82 27.40 42.07
CA ASP C 237 0.02 28.58 42.31
C ASP C 237 -1.45 28.23 42.11
N ARG C 238 -2.37 28.99 42.70
CA ARG C 238 -3.77 28.92 42.28
C ARG C 238 -4.38 27.52 42.53
N GLY C 239 -3.98 26.94 43.67
CA GLY C 239 -4.48 25.64 44.08
C GLY C 239 -5.98 25.53 44.10
N LYS C 240 -6.65 26.57 44.55
CA LYS C 240 -8.10 26.59 44.60
C LYS C 240 -8.71 26.44 43.19
N PHE C 241 -8.07 27.09 42.21
CA PHE C 241 -8.49 27.02 40.82
C PHE C 241 -8.24 25.63 40.24
N TYR C 242 -7.04 25.11 40.43
CA TYR C 242 -6.73 23.77 39.91
C TYR C 242 -7.65 22.70 40.49
N ASP C 243 -7.97 22.81 41.79
CA ASP C 243 -8.77 21.79 42.48
C ASP C 243 -10.16 21.68 41.92
N ALA C 244 -10.62 22.72 41.21
CA ALA C 244 -11.92 22.71 40.53
C ALA C 244 -11.80 22.30 39.05
N VAL C 245 -10.58 22.13 38.57
CA VAL C 245 -10.32 21.83 37.18
C VAL C 245 -9.85 20.37 37.00
N GLY C 246 -8.64 20.06 37.45
CA GLY C 246 -8.11 18.69 37.32
C GLY C 246 -7.41 18.46 35.96
N ALA C 247 -6.54 17.47 35.91
CA ALA C 247 -5.69 17.20 34.75
C ALA C 247 -6.48 17.02 33.47
N VAL C 248 -7.54 16.23 33.51
CA VAL C 248 -8.31 16.01 32.30
C VAL C 248 -8.74 17.36 31.69
N ARG C 249 -9.37 18.21 32.48
CA ARG C 249 -9.83 19.52 31.97
C ARG C 249 -8.67 20.47 31.65
N ASP C 250 -7.58 20.32 32.38
CA ASP C 250 -6.48 21.22 32.27
C ASP C 250 -5.66 21.00 30.98
N VAL C 251 -5.32 19.74 30.66
CA VAL C 251 -4.42 19.44 29.54
C VAL C 251 -4.95 18.48 28.47
N VAL C 252 -5.90 17.62 28.82
CA VAL C 252 -6.34 16.62 27.90
C VAL C 252 -7.38 17.15 26.92
N GLN C 253 -8.47 17.72 27.47
CA GLN C 253 -9.63 18.15 26.69
C GLN C 253 -9.25 19.01 25.48
N ASN C 254 -8.33 19.98 25.68
CA ASN C 254 -7.92 20.90 24.63
C ASN C 254 -6.51 20.57 24.10
N HIS C 255 -5.50 20.78 24.92
CA HIS C 255 -4.12 20.65 24.45
C HIS C 255 -3.77 19.31 23.83
N LEU C 256 -3.88 18.22 24.60
CA LEU C 256 -3.39 16.95 24.14
C LEU C 256 -4.22 16.36 23.04
N LEU C 257 -5.53 16.47 23.13
CA LEU C 257 -6.38 16.05 22.03
C LEU C 257 -6.03 16.88 20.76
N GLN C 258 -5.74 18.17 20.90
CA GLN C 258 -5.34 18.98 19.72
C GLN C 258 -4.01 18.49 19.16
N VAL C 259 -3.10 18.09 20.02
CA VAL C 259 -1.83 17.48 19.57
C VAL C 259 -2.05 16.18 18.82
N LEU C 260 -2.87 15.32 19.38
CA LEU C 260 -3.25 14.10 18.70
C LEU C 260 -3.83 14.37 17.33
N ALA C 261 -4.74 15.34 17.27
CA ALA C 261 -5.38 15.66 15.97
C ALA C 261 -4.37 16.14 14.94
N LEU C 262 -3.38 16.91 15.37
CA LEU C 262 -2.32 17.34 14.46
C LEU C 262 -1.53 16.13 13.88
N VAL C 263 -1.25 15.18 14.75
CA VAL C 263 -0.52 13.98 14.38
C VAL C 263 -1.33 13.11 13.45
N ALA C 264 -2.65 13.09 13.67
CA ALA C 264 -3.53 12.09 13.03
C ALA C 264 -4.33 12.56 11.83
N MET C 265 -4.48 13.87 11.68
CA MET C 265 -5.38 14.40 10.67
C MET C 265 -4.95 14.15 9.27
N GLU C 266 -5.92 14.17 8.39
CA GLU C 266 -5.69 14.23 6.92
C GLU C 266 -5.10 15.59 6.59
N PRO C 267 -4.35 15.66 5.48
CA PRO C 267 -3.81 16.95 5.07
C PRO C 267 -4.87 18.00 4.73
N PRO C 268 -4.75 19.21 5.25
CA PRO C 268 -5.62 20.32 4.83
C PRO C 268 -5.51 20.62 3.36
N VAL C 269 -6.60 21.10 2.78
CA VAL C 269 -6.58 21.49 1.37
C VAL C 269 -6.13 22.90 1.13
N GLY C 270 -5.86 23.64 2.19
CA GLY C 270 -5.32 24.95 2.11
C GLY C 270 -4.45 25.27 3.33
N ALA C 271 -3.84 26.44 3.30
CA ALA C 271 -2.96 26.89 4.35
C ALA C 271 -3.69 27.75 5.39
N GLY C 272 -4.96 28.09 5.21
CA GLY C 272 -5.62 28.91 6.22
C GLY C 272 -5.96 28.15 7.52
N ALA C 273 -6.30 28.92 8.53
CA ALA C 273 -6.71 28.34 9.82
C ALA C 273 -7.99 27.50 9.76
N ASP C 274 -9.00 27.94 9.00
CA ASP C 274 -10.20 27.15 8.92
C ASP C 274 -9.97 25.80 8.18
N ASP C 275 -9.08 25.80 7.21
CA ASP C 275 -8.74 24.58 6.52
C ASP C 275 -8.09 23.59 7.51
N LEU C 276 -7.24 24.10 8.40
CA LEU C 276 -6.60 23.30 9.40
C LEU C 276 -7.61 22.76 10.42
N ASN C 277 -8.48 23.65 10.87
CA ASN C 277 -9.47 23.28 11.82
C ASN C 277 -10.54 22.35 11.26
N ASP C 278 -10.84 22.44 9.97
CA ASP C 278 -11.68 21.43 9.33
C ASP C 278 -11.04 20.03 9.53
N LYS C 279 -9.71 19.92 9.39
CA LYS C 279 -9.08 18.57 9.46
C LYS C 279 -9.05 18.05 10.90
N LYS C 280 -8.81 18.96 11.84
CA LYS C 280 -8.76 18.54 13.22
C LYS C 280 -10.13 18.05 13.67
N ALA C 281 -11.18 18.79 13.33
CA ALA C 281 -12.55 18.37 13.69
C ALA C 281 -12.86 16.97 13.15
N GLU C 282 -12.48 16.71 11.92
CA GLU C 282 -12.74 15.39 11.36
C GLU C 282 -12.16 14.25 12.20
N VAL C 283 -11.00 14.48 12.79
CA VAL C 283 -10.39 13.49 13.66
C VAL C 283 -11.30 13.23 14.82
N PHE C 284 -11.72 14.29 15.48
CA PHE C 284 -12.48 14.13 16.75
C PHE C 284 -13.83 13.45 16.47
N ARG C 285 -14.40 13.73 15.30
CA ARG C 285 -15.69 13.15 14.95
C ARG C 285 -15.62 11.61 14.77
N ALA C 286 -14.42 11.08 14.60
CA ALA C 286 -14.24 9.64 14.42
C ALA C 286 -13.76 9.01 15.71
N MET C 287 -13.72 9.80 16.80
CA MET C 287 -13.30 9.26 18.10
C MET C 287 -14.52 8.94 18.98
N PRO C 288 -14.62 7.73 19.51
CA PRO C 288 -15.65 7.43 20.48
C PRO C 288 -15.36 8.10 21.82
N SER C 289 -16.40 8.36 22.59
CA SER C 289 -16.22 8.94 23.94
C SER C 289 -15.40 8.00 24.81
N LEU C 290 -14.68 8.55 25.77
CA LEU C 290 -13.80 7.76 26.59
C LEU C 290 -14.61 6.74 27.40
N ASP C 291 -14.02 5.57 27.58
CA ASP C 291 -14.50 4.58 28.47
C ASP C 291 -13.92 4.80 29.87
N PRO C 292 -14.76 5.17 30.84
CA PRO C 292 -14.25 5.45 32.19
C PRO C 292 -13.49 4.29 32.87
N GLU C 293 -13.78 3.06 32.46
CA GLU C 293 -13.08 1.88 32.98
C GLU C 293 -11.67 1.78 32.41
N HIS C 294 -11.37 2.49 31.33
CA HIS C 294 -10.03 2.50 30.74
C HIS C 294 -9.32 3.81 31.00
N CYS C 295 -9.70 4.47 32.10
CA CYS C 295 -9.08 5.74 32.51
C CYS C 295 -8.60 5.63 33.99
N VAL C 296 -7.33 5.99 34.24
CA VAL C 296 -6.69 5.90 35.54
C VAL C 296 -6.35 7.28 36.04
N ARG C 297 -6.80 7.60 37.24
CA ARG C 297 -6.68 8.93 37.77
C ARG C 297 -5.74 8.88 38.95
N GLY C 298 -4.80 9.83 38.97
CA GLY C 298 -3.82 9.90 40.00
C GLY C 298 -3.79 11.24 40.71
N GLN C 299 -3.25 11.24 41.94
CA GLN C 299 -3.07 12.45 42.74
C GLN C 299 -1.77 12.34 43.50
N TYR C 300 -0.88 13.32 43.30
CA TYR C 300 0.41 13.23 43.93
C TYR C 300 0.32 13.48 45.44
N ARG C 301 1.12 12.75 46.19
CA ARG C 301 1.16 12.85 47.64
C ARG C 301 1.71 14.25 48.01
N GLY C 302 0.93 15.00 48.79
CA GLY C 302 1.26 16.40 49.10
C GLY C 302 0.33 17.38 48.44
N TYR C 303 -0.44 16.90 47.49
CA TYR C 303 -1.37 17.77 46.76
C TYR C 303 -2.40 18.41 47.67
N THR C 304 -2.91 17.64 48.62
CA THR C 304 -3.91 18.14 49.56
C THR C 304 -3.39 19.22 50.50
N GLU C 305 -2.08 19.39 50.62
CA GLU C 305 -1.49 20.44 51.45
C GLU C 305 -1.19 21.73 50.68
N VAL C 306 -1.48 21.74 49.38
CA VAL C 306 -1.35 22.95 48.60
C VAL C 306 -2.46 23.97 48.96
N PRO C 307 -2.09 25.24 49.17
CA PRO C 307 -3.09 26.19 49.69
C PRO C 307 -4.22 26.34 48.68
N GLY C 308 -5.47 26.30 49.19
CA GLY C 308 -6.66 26.30 48.36
C GLY C 308 -7.23 24.92 48.04
N VAL C 309 -6.45 23.85 48.22
CA VAL C 309 -6.92 22.51 47.93
C VAL C 309 -7.61 21.92 49.16
N ALA C 310 -8.81 21.39 48.97
CA ALA C 310 -9.57 20.76 50.03
C ALA C 310 -8.87 19.51 50.54
N LYS C 311 -8.96 19.30 51.86
CA LYS C 311 -8.19 18.27 52.56
C LYS C 311 -8.59 16.86 52.07
N ASP C 312 -9.84 16.73 51.66
CA ASP C 312 -10.37 15.48 51.11
C ASP C 312 -10.58 15.53 49.56
N SER C 313 -9.89 16.41 48.85
CA SER C 313 -10.02 16.48 47.38
C SER C 313 -9.88 15.13 46.65
N THR C 314 -10.74 14.90 45.67
CA THR C 314 -10.55 13.74 44.77
C THR C 314 -10.17 14.22 43.38
N THR C 315 -9.66 15.45 43.27
CA THR C 315 -9.24 16.01 41.98
C THR C 315 -7.92 15.37 41.53
N GLU C 316 -7.83 15.05 40.24
CA GLU C 316 -6.68 14.30 39.73
C GLU C 316 -5.61 15.27 39.26
N THR C 317 -4.36 14.98 39.58
CA THR C 317 -3.24 15.69 39.04
C THR C 317 -2.55 14.87 37.97
N TYR C 318 -3.04 13.65 37.71
CA TYR C 318 -2.51 12.75 36.70
C TYR C 318 -3.66 12.03 36.05
N VAL C 319 -3.56 11.76 34.75
CA VAL C 319 -4.49 10.85 34.10
C VAL C 319 -3.78 9.97 33.08
N ALA C 320 -4.19 8.72 32.98
CA ALA C 320 -3.78 7.87 31.87
C ALA C 320 -5.03 7.25 31.29
N LEU C 321 -5.12 7.23 29.96
CA LEU C 321 -6.35 6.76 29.34
C LEU C 321 -6.08 6.04 28.06
N ARG C 322 -7.10 5.34 27.58
CA ARG C 322 -7.05 4.68 26.27
C ARG C 322 -8.12 5.24 25.41
N THR C 323 -7.77 5.57 24.17
CA THR C 323 -8.76 6.02 23.18
C THR C 323 -8.43 5.43 21.80
N GLU C 324 -9.11 5.92 20.79
CA GLU C 324 -8.88 5.45 19.42
C GLU C 324 -9.49 6.43 18.45
N ILE C 325 -9.07 6.32 17.21
CA ILE C 325 -9.61 7.08 16.08
C ILE C 325 -10.10 6.10 15.08
N ASP C 326 -11.42 6.00 14.95
CA ASP C 326 -12.06 4.92 14.18
C ASP C 326 -12.32 5.33 12.75
N ASN C 327 -11.23 5.56 12.00
CA ASN C 327 -11.36 5.90 10.59
C ASN C 327 -10.45 5.07 9.68
N TRP C 328 -10.33 5.41 8.41
CA TRP C 328 -9.59 4.60 7.49
C TRP C 328 -8.09 4.56 7.80
N ARG C 329 -7.57 5.66 8.34
CA ARG C 329 -6.17 5.77 8.59
C ARG C 329 -5.76 5.07 9.88
N TRP C 330 -6.62 5.08 10.91
CA TRP C 330 -6.18 4.69 12.24
C TRP C 330 -7.00 3.59 12.92
N ALA C 331 -8.03 3.06 12.28
CA ALA C 331 -8.90 2.08 12.96
C ALA C 331 -8.08 0.90 13.51
N GLY C 332 -8.46 0.48 14.72
CA GLY C 332 -7.74 -0.60 15.40
C GLY C 332 -6.42 -0.23 16.11
N VAL C 333 -5.93 1.00 15.96
CA VAL C 333 -4.64 1.39 16.53
C VAL C 333 -4.94 1.97 17.90
N PRO C 334 -4.57 1.29 18.95
CA PRO C 334 -4.80 1.85 20.27
C PRO C 334 -3.96 3.06 20.53
N ILE C 335 -4.57 4.07 21.13
CA ILE C 335 -3.90 5.31 21.48
C ILE C 335 -3.93 5.45 23.02
N PHE C 336 -2.76 5.46 23.64
CA PHE C 336 -2.66 5.61 25.08
C PHE C 336 -2.10 7.00 25.37
N LEU C 337 -2.73 7.65 26.32
CA LEU C 337 -2.34 8.99 26.70
C LEU C 337 -2.12 9.07 28.19
N ARG C 338 -1.04 9.74 28.60
CA ARG C 338 -0.77 10.00 30.03
C ARG C 338 -0.25 11.43 30.20
N ALA C 339 -0.78 12.08 31.21
CA ALA C 339 -0.41 13.43 31.55
C ALA C 339 -0.43 13.60 33.06
N GLY C 340 0.54 14.33 33.57
CA GLY C 340 0.52 14.58 35.01
C GLY C 340 1.54 15.52 35.59
N LYS C 341 1.19 16.03 36.76
CA LYS C 341 2.06 16.88 37.57
C LYS C 341 3.02 16.05 38.42
N ALA C 342 4.15 16.65 38.76
CA ALA C 342 5.16 16.03 39.64
C ALA C 342 5.67 14.71 39.09
N LEU C 343 5.93 14.68 37.80
CA LEU C 343 6.54 13.53 37.15
C LEU C 343 8.05 13.81 37.00
N PRO C 344 8.84 12.83 36.51
CA PRO C 344 10.30 13.00 36.63
C PRO C 344 10.93 14.02 35.73
N HIS C 345 10.26 14.36 34.62
CA HIS C 345 10.81 15.29 33.65
C HIS C 345 9.74 16.18 33.06
N LYS C 346 10.18 17.24 32.42
CA LYS C 346 9.35 18.08 31.65
C LYS C 346 9.49 17.68 30.19
N VAL C 347 8.50 16.99 29.65
CA VAL C 347 8.57 16.54 28.24
C VAL C 347 7.20 16.17 27.75
N THR C 348 6.93 16.50 26.49
CA THR C 348 5.71 16.11 25.84
C THR C 348 6.12 15.36 24.59
N GLU C 349 5.66 14.12 24.48
CA GLU C 349 6.11 13.20 23.43
C GLU C 349 4.92 12.45 22.78
N VAL C 350 5.02 12.22 21.49
CA VAL C 350 4.10 11.35 20.74
C VAL C 350 4.94 10.23 20.17
N ARG C 351 4.70 9.02 20.61
CA ARG C 351 5.57 7.87 20.25
C ARG C 351 4.76 6.89 19.46
N MET C 352 5.18 6.62 18.24
CA MET C 352 4.42 5.78 17.37
C MET C 352 5.20 4.48 17.16
N PHE C 353 4.63 3.37 17.56
CA PHE C 353 5.23 2.05 17.40
C PHE C 353 4.81 1.50 16.03
N LEU C 354 5.76 1.04 15.26
CA LEU C 354 5.43 0.34 13.97
C LEU C 354 5.20 -1.14 14.21
N HIS C 355 4.47 -1.81 13.33
CA HIS C 355 4.48 -3.27 13.34
C HIS C 355 5.88 -3.75 13.02
N HIS C 356 6.18 -4.93 13.52
CA HIS C 356 7.30 -5.73 12.99
C HIS C 356 7.13 -6.07 11.54
N VAL C 357 8.24 -6.26 10.85
CA VAL C 357 8.17 -6.80 9.50
C VAL C 357 7.49 -8.14 9.60
N PRO C 358 6.46 -8.38 8.80
CA PRO C 358 5.72 -9.62 8.97
C PRO C 358 6.46 -10.83 8.44
N GLY C 359 6.13 -11.98 9.01
CA GLY C 359 6.58 -13.23 8.43
C GLY C 359 7.91 -13.69 8.92
N PHE C 360 8.30 -14.86 8.45
CA PHE C 360 9.63 -15.38 8.70
C PHE C 360 9.99 -15.55 10.17
N SER C 361 9.00 -15.91 11.00
CA SER C 361 9.28 -16.19 12.42
C SER C 361 10.25 -17.37 12.56
N PHE C 362 10.28 -18.27 11.57
CA PHE C 362 11.16 -19.44 11.61
C PHE C 362 12.63 -19.11 11.21
N LEU C 363 12.97 -17.86 10.89
CA LEU C 363 14.33 -17.51 10.54
C LEU C 363 14.92 -16.56 11.58
N PRO C 364 16.23 -16.71 11.85
CA PRO C 364 16.93 -15.76 12.74
C PRO C 364 17.20 -14.45 11.99
N ASN C 365 17.35 -13.37 12.78
CA ASN C 365 17.79 -12.10 12.24
C ASN C 365 16.81 -11.44 11.28
N ARG C 366 15.52 -11.64 11.54
CA ARG C 366 14.50 -10.89 10.81
C ARG C 366 13.64 -10.02 11.71
N ARG C 367 13.93 -10.02 12.98
CA ARG C 367 13.09 -9.37 13.95
C ARG C 367 13.90 -8.85 15.11
N PRO C 368 14.06 -7.52 15.22
CA PRO C 368 14.69 -6.96 16.43
C PRO C 368 13.83 -7.18 17.67
N PRO C 369 14.43 -7.04 18.86
CA PRO C 369 13.65 -7.24 20.11
C PRO C 369 12.51 -6.23 20.26
N GLU C 370 12.69 -5.01 19.77
CA GLU C 370 11.61 -4.01 19.73
C GLU C 370 11.43 -3.54 18.29
N PRO C 371 10.17 -3.30 17.90
CA PRO C 371 9.87 -2.78 16.58
C PRO C 371 10.35 -1.37 16.38
N ASN C 372 10.48 -0.96 15.11
CA ASN C 372 10.80 0.41 14.77
C ASN C 372 9.79 1.39 15.48
N GLN C 373 10.25 2.60 15.77
CA GLN C 373 9.44 3.65 16.38
C GLN C 373 9.71 5.00 15.76
N ILE C 374 8.66 5.80 15.62
CA ILE C 374 8.80 7.18 15.26
C ILE C 374 8.47 8.00 16.49
N VAL C 375 9.38 8.81 16.96
CA VAL C 375 9.16 9.59 18.17
C VAL C 375 9.18 11.10 17.91
N LEU C 376 8.12 11.78 18.32
CA LEU C 376 8.04 13.24 18.15
C LEU C 376 8.07 13.87 19.53
N ARG C 377 9.14 14.56 19.86
CA ARG C 377 9.13 15.45 21.01
C ARG C 377 8.46 16.78 20.61
N ILE C 378 7.32 17.05 21.21
CA ILE C 378 6.54 18.28 20.99
C ILE C 378 7.15 19.43 21.79
N ASP C 379 7.61 19.14 23.02
CA ASP C 379 8.11 20.18 23.95
C ASP C 379 8.91 19.48 25.05
N PRO C 380 10.00 20.09 25.52
CA PRO C 380 10.65 21.27 24.94
C PRO C 380 11.53 20.80 23.78
N ASP C 381 12.10 21.76 23.08
CA ASP C 381 13.16 21.50 22.12
C ASP C 381 12.71 20.44 21.09
N PRO C 382 11.73 20.80 20.28
CA PRO C 382 11.01 19.86 19.49
C PRO C 382 11.94 19.14 18.54
N GLY C 383 11.64 17.87 18.29
CA GLY C 383 12.46 17.07 17.40
C GLY C 383 11.81 15.75 17.04
N MET C 384 12.49 15.01 16.20
CA MET C 384 12.03 13.71 15.78
C MET C 384 13.14 12.71 15.94
N ARG C 385 12.79 11.55 16.44
CA ARG C 385 13.70 10.42 16.50
C ARG C 385 13.09 9.23 15.76
N LEU C 386 13.86 8.63 14.90
CA LEU C 386 13.47 7.38 14.23
C LEU C 386 14.31 6.25 14.80
N GLN C 387 13.67 5.30 15.48
CA GLN C 387 14.38 4.18 16.09
C GLN C 387 14.38 2.98 15.17
N LEU C 388 15.56 2.51 14.81
CA LEU C 388 15.73 1.38 13.94
C LEU C 388 16.69 0.41 14.60
N SER C 389 16.98 -0.70 13.92
CA SER C 389 17.94 -1.68 14.41
C SER C 389 19.03 -1.94 13.37
N ALA C 390 20.23 -2.26 13.82
CA ALA C 390 21.38 -2.42 12.96
C ALA C 390 22.24 -3.57 13.38
N GLN C 391 22.89 -4.22 12.42
CA GLN C 391 23.83 -5.30 12.68
C GLN C 391 25.28 -4.80 12.58
N VAL C 392 26.09 -5.08 13.60
CA VAL C 392 27.53 -4.78 13.59
C VAL C 392 28.22 -6.00 14.15
N GLY C 393 28.92 -6.73 13.27
CA GLY C 393 29.50 -8.02 13.63
C GLY C 393 28.41 -9.02 13.94
N ASP C 394 28.54 -9.72 15.06
CA ASP C 394 27.50 -10.62 15.58
C ASP C 394 26.70 -9.93 16.71
N SER C 395 26.70 -8.59 16.71
CA SER C 395 25.86 -7.79 17.61
C SER C 395 24.70 -7.12 16.82
N TRP C 396 23.56 -6.96 17.48
CA TRP C 396 22.44 -6.16 16.97
C TRP C 396 22.11 -5.12 18.02
N HIS C 397 21.87 -3.90 17.59
CA HIS C 397 21.59 -2.85 18.54
C HIS C 397 20.70 -1.76 17.98
N ASP C 398 20.18 -0.96 18.89
CA ASP C 398 19.30 0.10 18.54
C ASP C 398 20.08 1.24 17.92
N VAL C 399 19.44 1.86 16.96
CA VAL C 399 19.98 2.96 16.26
C VAL C 399 18.98 4.11 16.42
N HIS C 400 19.47 5.26 16.88
CA HIS C 400 18.67 6.45 17.08
C HIS C 400 18.98 7.51 16.05
N LEU C 401 18.05 7.75 15.14
CA LEU C 401 18.21 8.77 14.10
C LEU C 401 17.45 10.03 14.56
N ASP C 402 18.21 10.97 15.13
CA ASP C 402 17.66 12.17 15.73
C ASP C 402 17.80 13.42 14.88
N SER C 403 16.77 14.28 14.91
CA SER C 403 16.85 15.61 14.31
C SER C 403 15.89 16.56 14.98
N SER C 404 16.13 17.83 14.77
CA SER C 404 15.34 18.91 15.34
C SER C 404 14.38 19.47 14.28
N PHE C 405 13.26 20.01 14.74
CA PHE C 405 12.41 20.84 13.90
C PHE C 405 11.75 21.91 14.75
N ALA C 406 11.24 22.95 14.12
CA ALA C 406 10.63 24.10 14.80
C ALA C 406 11.65 24.77 15.73
N VAL C 407 11.17 25.32 16.85
CA VAL C 407 11.99 26.05 17.80
C VAL C 407 11.53 25.74 19.24
N ASP C 408 12.44 25.94 20.19
CA ASP C 408 12.17 25.67 21.57
C ASP C 408 11.22 26.74 22.19
N LEU C 409 10.04 26.27 22.63
CA LEU C 409 9.05 27.07 23.35
C LEU C 409 8.82 26.55 24.80
N GLY C 410 9.87 26.03 25.43
CA GLY C 410 9.78 25.47 26.78
C GLY C 410 9.46 26.54 27.83
N GLU C 411 10.21 27.64 27.83
CA GLU C 411 10.01 28.71 28.83
C GLU C 411 8.60 29.34 28.62
N PRO C 412 7.76 29.42 29.68
CA PRO C 412 6.35 29.81 29.55
C PRO C 412 6.05 31.17 28.90
N VAL C 413 6.93 32.14 29.06
CA VAL C 413 6.68 33.45 28.45
C VAL C 413 6.56 33.38 26.90
N ARG C 414 7.36 32.51 26.26
CA ARG C 414 7.39 32.45 24.78
C ARG C 414 6.06 32.02 24.21
N PRO C 415 5.50 30.94 24.73
CA PRO C 415 4.20 30.56 24.19
C PRO C 415 3.15 31.63 24.41
N TYR C 416 3.20 32.28 25.55
CA TYR C 416 2.27 33.34 25.81
C TYR C 416 2.38 34.50 24.81
N GLU C 417 3.58 35.02 24.61
CA GLU C 417 3.76 36.12 23.67
C GLU C 417 3.43 35.71 22.23
N ARG C 418 3.73 34.47 21.87
CA ARG C 418 3.34 33.96 20.58
C ARG C 418 1.82 34.01 20.37
N LEU C 419 1.06 33.58 21.36
CA LEU C 419 -0.38 33.63 21.25
C LEU C 419 -0.94 35.04 21.14
N LEU C 420 -0.37 35.97 21.92
CA LEU C 420 -0.82 37.37 21.93
C LEU C 420 -0.60 38.00 20.58
N TYR C 421 0.57 37.73 20.02
CA TYR C 421 0.92 38.30 18.75
C TYR C 421 0.01 37.72 17.67
N ALA C 422 -0.22 36.41 17.72
CA ALA C 422 -1.03 35.77 16.73
C ALA C 422 -2.47 36.27 16.81
N ALA C 423 -2.97 36.42 18.02
CA ALA C 423 -4.32 36.93 18.21
C ALA C 423 -4.44 38.32 17.58
N PHE C 424 -3.46 39.16 17.82
CA PHE C 424 -3.49 40.52 17.31
C PHE C 424 -3.52 40.52 15.78
N ASN C 425 -2.76 39.60 15.17
CA ASN C 425 -2.66 39.55 13.70
C ASN C 425 -3.76 38.72 13.06
N GLY C 426 -4.71 38.24 13.84
CA GLY C 426 -5.76 37.40 13.31
C GLY C 426 -5.33 36.04 12.77
N ASP C 427 -4.22 35.50 13.24
CA ASP C 427 -3.80 34.16 12.92
C ASP C 427 -4.45 33.17 13.93
N ARG C 428 -5.44 32.41 13.44
CA ARG C 428 -6.24 31.57 14.30
C ARG C 428 -5.77 30.13 14.42
N GLN C 429 -4.58 29.83 13.92
CA GLN C 429 -4.10 28.46 13.89
C GLN C 429 -3.90 27.84 15.26
N LEU C 430 -3.58 28.66 16.24
CA LEU C 430 -3.34 28.21 17.57
C LEU C 430 -4.54 28.34 18.51
N PHE C 431 -5.72 28.58 17.94
CA PHE C 431 -6.91 28.80 18.73
C PHE C 431 -7.99 27.81 18.30
N ALA C 432 -8.37 26.93 19.20
CA ALA C 432 -9.39 25.91 18.91
C ALA C 432 -10.74 26.50 18.46
N ARG C 433 -11.32 25.85 17.49
CA ARG C 433 -12.57 26.31 16.93
C ARG C 433 -13.70 25.58 17.62
N GLU C 434 -14.84 26.21 17.61
CA GLU C 434 -16.02 25.78 18.35
C GLU C 434 -16.41 24.31 18.13
N ASP C 435 -16.45 23.88 16.87
CA ASP C 435 -16.79 22.50 16.57
C ASP C 435 -15.83 21.50 17.26
N ALA C 436 -14.54 21.80 17.24
CA ALA C 436 -13.55 20.94 17.95
C ALA C 436 -13.75 20.98 19.46
N ILE C 437 -14.03 22.16 20.00
CA ILE C 437 -14.27 22.27 21.43
C ILE C 437 -15.40 21.34 21.86
N GLU C 438 -16.49 21.38 21.13
CA GLU C 438 -17.63 20.59 21.45
C GLU C 438 -17.39 19.09 21.28
N GLU C 439 -16.66 18.70 20.28
CA GLU C 439 -16.33 17.29 20.13
C GLU C 439 -15.41 16.83 21.22
N THR C 440 -14.46 17.64 21.64
CA THR C 440 -13.57 17.17 22.69
C THR C 440 -14.24 17.07 24.04
N TRP C 441 -15.21 17.95 24.31
CA TRP C 441 -15.99 17.85 25.52
C TRP C 441 -16.83 16.60 25.46
N ARG C 442 -17.42 16.27 24.31
CA ARG C 442 -18.18 15.01 24.20
C ARG C 442 -17.30 13.82 24.51
N ILE C 443 -16.09 13.86 23.98
CA ILE C 443 -15.13 12.78 24.19
C ILE C 443 -14.83 12.57 25.67
N VAL C 444 -14.53 13.66 26.40
CA VAL C 444 -14.06 13.50 27.78
C VAL C 444 -15.23 13.37 28.79
N GLN C 445 -16.45 13.74 28.40
CA GLN C 445 -17.56 13.88 29.35
C GLN C 445 -17.78 12.63 30.25
N PRO C 446 -17.72 11.41 29.69
CA PRO C 446 -18.00 10.26 30.54
C PRO C 446 -17.04 10.12 31.72
N VAL C 447 -15.79 10.49 31.53
CA VAL C 447 -14.81 10.47 32.62
C VAL C 447 -15.12 11.57 33.66
N LEU C 448 -15.65 12.70 33.22
CA LEU C 448 -16.06 13.75 34.16
C LEU C 448 -17.29 13.30 34.96
N ASP C 449 -18.22 12.60 34.30
CA ASP C 449 -19.45 12.13 34.93
C ASP C 449 -19.18 10.97 35.89
N LYS C 450 -18.32 10.03 35.51
CA LYS C 450 -18.05 8.84 36.34
C LYS C 450 -16.56 8.70 36.54
N PRO C 451 -15.94 9.60 37.33
CA PRO C 451 -14.50 9.54 37.56
C PRO C 451 -14.11 8.28 38.34
N SER C 452 -13.02 7.63 37.94
CA SER C 452 -12.58 6.40 38.60
C SER C 452 -11.76 6.80 39.83
N ARG C 453 -11.57 5.86 40.73
CA ARG C 453 -10.99 6.13 42.03
C ARG C 453 -9.59 6.69 41.91
N ILE C 454 -9.26 7.62 42.78
CA ILE C 454 -7.95 8.24 42.83
C ILE C 454 -6.87 7.27 43.30
N HIS C 455 -5.76 7.18 42.58
CA HIS C 455 -4.57 6.49 43.02
C HIS C 455 -3.50 7.51 43.39
N GLN C 456 -2.92 7.36 44.57
CA GLN C 456 -1.85 8.22 45.01
C GLN C 456 -0.56 7.80 44.34
N TYR C 457 0.32 8.75 44.14
CA TYR C 457 1.67 8.45 43.64
C TYR C 457 2.63 9.45 44.20
N GLU C 458 3.88 9.04 44.30
CA GLU C 458 4.95 9.88 44.86
C GLU C 458 5.43 10.90 43.86
N GLN C 459 5.71 12.10 44.36
CA GLN C 459 6.30 13.16 43.53
C GLN C 459 7.62 12.65 43.03
N GLY C 460 7.90 12.88 41.74
CA GLY C 460 9.16 12.43 41.14
C GLY C 460 9.03 11.03 40.56
N SER C 461 7.91 10.32 40.82
CA SER C 461 7.68 8.99 40.22
C SER C 461 6.97 9.21 38.86
N TRP C 462 6.84 8.13 38.10
CA TRP C 462 6.12 8.18 36.81
C TRP C 462 4.60 8.08 36.98
N GLY C 463 4.11 7.91 38.20
CA GLY C 463 2.69 7.90 38.44
C GLY C 463 2.21 6.62 39.03
N PRO C 464 0.90 6.50 39.21
CA PRO C 464 0.32 5.31 39.80
C PRO C 464 0.61 4.05 38.97
N GLU C 465 0.83 2.95 39.66
CA GLU C 465 1.11 1.67 39.06
C GLU C 465 -0.07 1.16 38.22
N ALA C 466 -1.27 1.58 38.54
CA ALA C 466 -2.45 1.23 37.75
C ALA C 466 -2.34 1.73 36.29
N ALA C 467 -1.53 2.76 36.04
CA ALA C 467 -1.28 3.17 34.64
C ALA C 467 -0.47 2.14 33.86
N GLN C 468 0.33 1.34 34.56
CA GLN C 468 1.04 0.23 33.91
C GLN C 468 0.05 -0.85 33.45
N ALA C 469 -0.96 -1.09 34.27
CA ALA C 469 -1.92 -2.16 33.96
C ALA C 469 -2.75 -1.81 32.73
N LEU C 470 -2.97 -0.53 32.51
CA LEU C 470 -3.65 -0.07 31.32
C LEU C 470 -3.10 -0.63 30.00
N VAL C 471 -1.77 -0.71 29.88
CA VAL C 471 -1.11 -1.14 28.63
C VAL C 471 -0.67 -2.61 28.72
N HIS C 472 -1.26 -3.34 29.66
CA HIS C 472 -0.90 -4.74 29.81
C HIS C 472 -1.39 -5.44 28.53
N GLY C 473 -0.61 -6.28 27.92
CA GLY C 473 -0.95 -6.85 26.62
C GLY C 473 -0.62 -5.98 25.40
N ARG C 474 -0.20 -4.74 25.63
CA ARG C 474 0.22 -3.84 24.53
C ARG C 474 1.68 -3.47 24.75
N HIS C 475 2.12 -2.33 24.24
CA HIS C 475 3.52 -1.91 24.41
C HIS C 475 3.65 -1.22 25.73
N ALA C 476 4.69 -1.59 26.49
CA ALA C 476 5.02 -0.92 27.73
C ALA C 476 5.25 0.57 27.53
N TRP C 477 4.88 1.37 28.50
CA TRP C 477 5.29 2.74 28.51
C TRP C 477 6.84 2.81 28.46
N GLN C 478 7.38 3.57 27.50
CA GLN C 478 8.84 3.67 27.30
C GLN C 478 9.35 4.90 28.05
N GLN C 479 10.65 4.91 28.29
CA GLN C 479 11.33 6.11 28.78
CA GLN C 479 11.33 6.11 28.78
C GLN C 479 11.27 7.19 27.69
N PRO C 480 10.78 8.39 28.03
CA PRO C 480 10.67 9.42 26.99
C PRO C 480 12.01 9.89 26.48
N TRP C 481 12.04 10.30 25.20
CA TRP C 481 13.22 10.90 24.58
C TRP C 481 13.43 12.34 25.08
N LEU C 482 14.43 12.52 25.93
CA LEU C 482 14.74 13.83 26.52
C LEU C 482 15.77 14.61 25.70
N PRO C 483 15.66 15.96 25.75
CA PRO C 483 16.72 16.81 25.17
C PRO C 483 18.07 16.51 25.80
N GLN C 484 19.13 16.66 25.02
CA GLN C 484 20.51 16.53 25.55
C GLN C 484 20.86 17.80 26.37
N PRO D 29 -38.61 18.23 9.29
CA PRO D 29 -39.32 18.47 8.04
C PRO D 29 -40.32 19.62 8.12
N SER D 30 -40.72 20.11 6.97
CA SER D 30 -41.68 21.19 6.88
C SER D 30 -43.06 20.62 7.09
N ASP D 31 -44.03 21.48 7.39
CA ASP D 31 -45.44 21.06 7.55
C ASP D 31 -46.37 21.95 6.75
N LEU D 32 -45.81 22.65 5.77
CA LEU D 32 -46.59 23.54 4.91
C LEU D 32 -45.76 23.83 3.69
N LEU D 33 -46.39 23.73 2.52
CA LEU D 33 -45.71 24.00 1.27
C LEU D 33 -46.31 25.25 0.65
N VAL D 34 -45.46 26.25 0.40
CA VAL D 34 -45.87 27.49 -0.23
C VAL D 34 -45.12 27.64 -1.57
N ILE D 35 -45.85 27.66 -2.67
CA ILE D 35 -45.24 27.66 -4.01
C ILE D 35 -45.46 29.00 -4.69
N PHE D 36 -44.38 29.78 -4.83
CA PHE D 36 -44.42 30.99 -5.64
C PHE D 36 -44.19 30.62 -7.09
N GLY D 37 -45.10 31.06 -7.95
CA GLY D 37 -45.04 30.81 -9.39
C GLY D 37 -45.91 29.65 -9.85
N ILE D 38 -46.99 29.40 -9.12
CA ILE D 38 -47.83 28.21 -9.33
C ILE D 38 -48.57 28.21 -10.68
N THR D 39 -48.67 29.37 -11.32
CA THR D 39 -49.27 29.47 -12.66
C THR D 39 -48.22 29.51 -13.80
N GLY D 40 -46.94 29.35 -13.50
CA GLY D 40 -45.89 29.39 -14.53
C GLY D 40 -45.67 28.09 -15.28
N ASP D 41 -44.69 28.12 -16.20
CA ASP D 41 -44.42 26.97 -17.07
C ASP D 41 -43.96 25.69 -16.33
N LEU D 42 -43.05 25.84 -15.37
CA LEU D 42 -42.55 24.65 -14.67
C LEU D 42 -43.65 23.97 -13.85
N ALA D 43 -44.51 24.77 -13.23
CA ALA D 43 -45.67 24.21 -12.52
C ALA D 43 -46.54 23.40 -13.47
N ARG D 44 -46.75 23.94 -14.67
CA ARG D 44 -47.58 23.27 -15.65
C ARG D 44 -46.88 22.00 -16.18
N LYS D 45 -45.58 22.08 -16.46
CA LYS D 45 -44.87 20.94 -17.05
C LYS D 45 -44.59 19.85 -16.00
N MET D 46 -44.11 20.23 -14.81
CA MET D 46 -43.60 19.28 -13.82
C MET D 46 -44.30 19.32 -12.46
N THR D 47 -44.49 20.50 -11.88
CA THR D 47 -44.83 20.53 -10.44
C THR D 47 -46.19 19.92 -10.07
N PHE D 48 -47.24 20.29 -10.82
CA PHE D 48 -48.54 19.71 -10.59
C PHE D 48 -48.55 18.18 -10.70
N ARG D 49 -47.92 17.64 -11.75
CA ARG D 49 -47.75 16.17 -11.87
C ARG D 49 -47.02 15.53 -10.68
N ALA D 50 -45.92 16.16 -10.27
CA ALA D 50 -45.16 15.67 -9.15
C ALA D 50 -46.01 15.65 -7.87
N LEU D 51 -46.77 16.73 -7.63
CA LEU D 51 -47.65 16.77 -6.45
C LEU D 51 -48.72 15.67 -6.51
N TYR D 52 -49.29 15.49 -7.70
CA TYR D 52 -50.29 14.44 -7.94
C TYR D 52 -49.72 13.04 -7.61
N ARG D 53 -48.50 12.77 -8.07
CA ARG D 53 -47.86 11.47 -7.83
C ARG D 53 -47.52 11.26 -6.37
N LEU D 54 -47.11 12.32 -5.69
CA LEU D 54 -46.84 12.21 -4.26
C LEU D 54 -48.16 11.91 -3.51
N GLU D 55 -49.24 12.55 -3.95
CA GLU D 55 -50.56 12.30 -3.39
C GLU D 55 -50.97 10.85 -3.63
N ARG D 56 -50.78 10.35 -4.84
CA ARG D 56 -51.09 8.96 -5.10
C ARG D 56 -50.34 7.98 -4.19
N ARG D 57 -49.06 8.26 -3.93
CA ARG D 57 -48.21 7.42 -3.05
C ARG D 57 -48.51 7.75 -1.56
N GLU D 58 -49.50 8.61 -1.31
CA GLU D 58 -49.94 8.98 0.03
C GLU D 58 -48.82 9.68 0.82
N GLU D 59 -47.95 10.40 0.13
CA GLU D 59 -46.83 11.08 0.74
C GLU D 59 -47.07 12.59 1.02
N LEU D 60 -48.20 13.15 0.57
CA LEU D 60 -48.58 14.52 0.96
C LEU D 60 -49.45 14.48 2.20
N GLU D 61 -49.05 15.20 3.24
CA GLU D 61 -49.79 15.19 4.50
C GLU D 61 -50.11 16.60 5.00
N HIS D 62 -49.81 17.63 4.20
CA HIS D 62 -49.86 19.01 4.66
C HIS D 62 -50.45 19.96 3.61
N PRO D 63 -50.96 21.11 4.06
CA PRO D 63 -51.54 22.05 3.11
C PRO D 63 -50.52 22.66 2.15
N ILE D 64 -51.02 23.09 1.00
CA ILE D 64 -50.24 23.71 -0.05
C ILE D 64 -50.89 25.04 -0.43
N ILE D 65 -50.11 26.11 -0.35
CA ILE D 65 -50.56 27.42 -0.74
C ILE D 65 -49.87 27.81 -2.03
N GLY D 66 -50.63 27.97 -3.09
CA GLY D 66 -50.10 28.51 -4.34
C GLY D 66 -50.15 30.03 -4.35
N VAL D 67 -49.07 30.64 -4.86
CA VAL D 67 -48.98 32.10 -4.99
C VAL D 67 -48.56 32.50 -6.40
N ALA D 68 -49.25 33.49 -6.96
CA ALA D 68 -48.93 34.03 -8.29
C ALA D 68 -49.63 35.40 -8.47
N SER D 69 -49.31 36.10 -9.54
CA SER D 69 -49.93 37.38 -9.84
C SER D 69 -51.29 37.20 -10.51
N ASP D 70 -51.56 36.03 -11.10
CA ASP D 70 -52.80 35.90 -11.88
C ASP D 70 -54.05 36.15 -11.01
N ASP D 71 -54.96 36.97 -11.51
CA ASP D 71 -56.21 37.26 -10.84
C ASP D 71 -57.22 36.20 -11.21
N ILE D 72 -57.14 35.05 -10.53
CA ILE D 72 -58.04 33.92 -10.78
C ILE D 72 -58.52 33.36 -9.45
N THR D 73 -59.54 32.52 -9.49
CA THR D 73 -60.06 31.86 -8.29
C THR D 73 -59.35 30.52 -8.09
N LEU D 74 -59.57 29.94 -6.92
CA LEU D 74 -59.10 28.61 -6.63
C LEU D 74 -59.64 27.58 -7.63
N ASP D 75 -60.93 27.66 -7.97
CA ASP D 75 -61.52 26.72 -8.92
C ASP D 75 -60.78 26.80 -10.28
N GLN D 76 -60.44 28.01 -10.71
CA GLN D 76 -59.75 28.17 -12.00
C GLN D 76 -58.37 27.55 -11.91
N LEU D 77 -57.71 27.73 -10.77
CA LEU D 77 -56.41 27.11 -10.58
C LEU D 77 -56.51 25.59 -10.65
N LEU D 78 -57.53 25.02 -10.01
CA LEU D 78 -57.73 23.57 -10.01
C LEU D 78 -57.93 23.02 -11.40
N ASP D 79 -58.70 23.75 -12.20
CA ASP D 79 -58.89 23.39 -13.61
C ASP D 79 -57.54 23.40 -14.34
N ARG D 80 -56.74 24.41 -14.10
CA ARG D 80 -55.40 24.51 -14.68
C ARG D 80 -54.48 23.33 -14.22
N ALA D 81 -54.53 22.99 -12.94
CA ALA D 81 -53.80 21.84 -12.39
C ALA D 81 -54.25 20.50 -13.00
N ARG D 82 -55.56 20.34 -13.15
CA ARG D 82 -56.15 19.11 -13.70
C ARG D 82 -55.66 18.88 -15.13
N GLU D 83 -55.82 19.92 -15.95
CA GLU D 83 -55.36 19.86 -17.32
C GLU D 83 -53.85 19.59 -17.42
N ALA D 84 -53.07 20.27 -16.58
CA ALA D 84 -51.62 20.11 -16.62
C ALA D 84 -51.17 18.66 -16.31
N ILE D 85 -51.82 18.05 -15.31
CA ILE D 85 -51.51 16.68 -14.96
C ILE D 85 -51.92 15.69 -16.10
N LYS D 86 -53.12 15.87 -16.64
CA LYS D 86 -53.58 15.03 -17.76
C LYS D 86 -52.71 15.19 -19.01
N ALA D 87 -52.28 16.42 -19.29
CA ALA D 87 -51.44 16.68 -20.47
C ALA D 87 -50.11 15.91 -20.44
N THR D 88 -49.54 15.65 -19.27
CA THR D 88 -48.26 14.92 -19.19
C THR D 88 -48.33 13.43 -19.55
N GLY D 89 -49.54 12.87 -19.60
CA GLY D 89 -49.71 11.44 -19.90
C GLY D 89 -49.82 10.60 -18.65
N GLU D 90 -49.69 11.24 -17.48
CA GLU D 90 -49.92 10.56 -16.20
C GLU D 90 -51.34 9.93 -16.13
N THR D 91 -51.42 8.71 -15.63
CA THR D 91 -52.72 8.06 -15.37
C THR D 91 -53.51 8.90 -14.36
N PHE D 92 -54.71 9.34 -14.77
CA PHE D 92 -55.52 10.24 -13.95
C PHE D 92 -56.61 9.50 -13.18
N ASP D 93 -56.60 9.68 -11.85
CA ASP D 93 -57.59 9.13 -10.95
C ASP D 93 -58.21 10.32 -10.18
N ASP D 94 -59.52 10.48 -10.34
CA ASP D 94 -60.29 11.61 -9.78
C ASP D 94 -60.26 11.69 -8.26
N ALA D 95 -60.29 10.53 -7.59
CA ALA D 95 -60.21 10.46 -6.13
C ALA D 95 -58.88 10.98 -5.62
N VAL D 96 -57.79 10.65 -6.33
CA VAL D 96 -56.45 11.13 -5.97
C VAL D 96 -56.37 12.64 -6.18
N PHE D 97 -56.90 13.12 -7.31
CA PHE D 97 -56.89 14.53 -7.58
C PHE D 97 -57.68 15.30 -6.52
N ASP D 98 -58.84 14.75 -6.13
CA ASP D 98 -59.70 15.43 -5.16
C ASP D 98 -59.02 15.57 -3.81
N ARG D 99 -58.22 14.59 -3.40
CA ARG D 99 -57.38 14.75 -2.20
C ARG D 99 -56.40 15.88 -2.37
N LEU D 100 -55.78 15.98 -3.53
CA LEU D 100 -54.81 17.05 -3.77
C LEU D 100 -55.49 18.42 -3.70
N ALA D 101 -56.64 18.55 -4.38
CA ALA D 101 -57.38 19.80 -4.40
C ALA D 101 -57.79 20.22 -3.00
N GLY D 102 -58.18 19.24 -2.19
CA GLY D 102 -58.48 19.48 -0.78
C GLY D 102 -57.37 20.12 0.05
N ARG D 103 -56.12 19.94 -0.35
CA ARG D 103 -54.96 20.55 0.34
C ARG D 103 -54.59 21.95 -0.16
N LEU D 104 -55.09 22.29 -1.34
CA LEU D 104 -54.60 23.46 -2.06
C LEU D 104 -55.41 24.72 -1.76
N SER D 105 -54.72 25.83 -1.52
CA SER D 105 -55.34 27.18 -1.52
C SER D 105 -54.53 28.08 -2.44
N TYR D 106 -55.10 29.22 -2.77
CA TYR D 106 -54.50 30.14 -3.75
C TYR D 106 -54.56 31.57 -3.26
N LEU D 107 -53.44 32.26 -3.47
CA LEU D 107 -53.28 33.61 -3.04
C LEU D 107 -52.64 34.41 -4.18
N SER D 108 -53.37 35.42 -4.63
CA SER D 108 -52.92 36.25 -5.74
C SER D 108 -52.34 37.56 -5.25
N GLY D 109 -51.30 38.03 -5.93
CA GLY D 109 -50.76 39.35 -5.60
C GLY D 109 -49.44 39.64 -6.28
N ASP D 110 -48.86 40.79 -5.94
CA ASP D 110 -47.57 41.22 -6.46
C ASP D 110 -46.47 40.87 -5.44
N VAL D 111 -45.48 40.11 -5.89
CA VAL D 111 -44.41 39.62 -5.03
C VAL D 111 -43.49 40.72 -4.52
N THR D 112 -43.56 41.91 -5.11
CA THR D 112 -42.82 43.08 -4.60
C THR D 112 -43.65 43.91 -3.59
N ASP D 113 -44.91 43.55 -3.36
CA ASP D 113 -45.84 44.30 -2.49
C ASP D 113 -45.94 43.69 -1.10
N THR D 114 -45.67 44.47 -0.06
CA THR D 114 -45.79 43.97 1.32
C THR D 114 -47.19 43.45 1.69
N GLY D 115 -48.26 43.99 1.09
CA GLY D 115 -49.62 43.48 1.31
C GLY D 115 -49.80 41.98 1.05
N LEU D 116 -49.14 41.46 0.02
CA LEU D 116 -49.21 40.02 -0.29
C LEU D 116 -48.75 39.19 0.92
N TYR D 117 -47.68 39.67 1.53
CA TYR D 117 -46.99 38.96 2.60
C TYR D 117 -47.75 39.07 3.93
N SER D 118 -48.42 40.19 4.17
CA SER D 118 -49.38 40.33 5.30
C SER D 118 -50.53 39.31 5.14
N GLU D 119 -51.06 39.20 3.94
CA GLU D 119 -52.05 38.19 3.63
C GLU D 119 -51.53 36.75 3.83
N LEU D 120 -50.32 36.50 3.32
CA LEU D 120 -49.67 35.21 3.53
C LEU D 120 -49.47 34.91 5.01
N ALA D 121 -49.10 35.93 5.78
CA ALA D 121 -48.91 35.77 7.21
C ALA D 121 -50.19 35.32 7.93
N GLU D 122 -51.36 35.71 7.43
CA GLU D 122 -52.65 35.26 8.04
C GLU D 122 -52.88 33.78 7.80
N LYS D 123 -52.47 33.28 6.62
CA LYS D 123 -52.64 31.86 6.29
C LYS D 123 -51.59 30.96 6.99
N ILE D 124 -50.51 31.53 7.53
CA ILE D 124 -49.38 30.77 8.08
C ILE D 124 -49.28 31.01 9.58
N ASP D 127 -46.38 29.37 14.39
CA ASP D 127 -46.11 27.95 14.65
C ASP D 127 -45.83 27.04 13.41
N SER D 128 -45.95 27.56 12.18
CA SER D 128 -45.71 26.71 10.99
C SER D 128 -44.22 26.47 10.73
N ARG D 129 -43.96 25.42 9.96
CA ARG D 129 -42.62 25.18 9.42
C ARG D 129 -42.70 25.17 7.88
N PRO D 130 -42.69 26.35 7.27
CA PRO D 130 -42.95 26.36 5.83
C PRO D 130 -41.73 26.05 4.96
N LEU D 131 -41.98 25.31 3.88
CA LEU D 131 -41.08 25.26 2.74
C LEU D 131 -41.61 26.22 1.70
N TYR D 132 -40.85 27.24 1.36
CA TYR D 132 -41.19 28.14 0.26
C TYR D 132 -40.47 27.65 -0.98
N TYR D 133 -41.23 27.25 -1.99
CA TYR D 133 -40.65 26.81 -3.25
C TYR D 133 -40.85 27.87 -4.34
N LEU D 134 -39.76 28.45 -4.82
CA LEU D 134 -39.83 29.57 -5.75
C LEU D 134 -39.58 29.11 -7.19
N GLU D 135 -40.65 28.89 -7.93
CA GLU D 135 -40.51 28.57 -9.37
C GLU D 135 -40.86 29.85 -10.10
N MET D 136 -39.97 30.81 -9.95
CA MET D 136 -40.18 32.16 -10.48
C MET D 136 -38.90 32.61 -11.13
N PRO D 137 -38.98 33.68 -11.92
CA PRO D 137 -37.78 34.21 -12.51
C PRO D 137 -36.73 34.51 -11.43
N PRO D 138 -35.46 34.24 -11.74
CA PRO D 138 -34.41 34.45 -10.75
C PRO D 138 -34.26 35.87 -10.22
N SER D 139 -34.54 36.86 -11.05
CA SER D 139 -34.50 38.27 -10.58
C SER D 139 -35.47 38.53 -9.40
N LEU D 140 -36.44 37.65 -9.20
CA LEU D 140 -37.37 37.80 -8.09
C LEU D 140 -37.05 37.00 -6.81
N PHE D 141 -36.01 36.15 -6.82
CA PHE D 141 -35.70 35.32 -5.64
C PHE D 141 -35.40 36.21 -4.43
N ALA D 142 -34.54 37.20 -4.64
CA ALA D 142 -34.16 38.06 -3.55
C ALA D 142 -35.31 38.92 -3.03
N PRO D 143 -36.03 39.60 -3.94
CA PRO D 143 -37.15 40.41 -3.46
C PRO D 143 -38.19 39.61 -2.64
N ILE D 144 -38.45 38.38 -3.05
CA ILE D 144 -39.41 37.53 -2.33
C ILE D 144 -38.90 37.17 -0.93
N VAL D 145 -37.67 36.73 -0.90
CA VAL D 145 -37.04 36.34 0.36
C VAL D 145 -36.90 37.53 1.32
N GLU D 146 -36.49 38.66 0.76
CA GLU D 146 -36.40 39.91 1.56
C GLU D 146 -37.77 40.33 2.11
N ASN D 147 -38.80 40.10 1.34
CA ASN D 147 -40.15 40.36 1.84
C ASN D 147 -40.65 39.36 2.87
N LEU D 148 -40.26 38.10 2.71
CA LEU D 148 -40.65 37.10 3.68
C LEU D 148 -40.01 37.46 5.01
N ALA D 149 -38.74 37.90 4.93
CA ALA D 149 -38.02 38.38 6.12
C ALA D 149 -38.72 39.56 6.80
N LYS D 150 -39.03 40.62 6.04
CA LYS D 150 -39.69 41.81 6.61
C LYS D 150 -41.00 41.44 7.32
N ALA D 151 -41.70 40.43 6.80
CA ALA D 151 -42.94 39.99 7.44
C ALA D 151 -42.71 38.88 8.47
N ASP D 152 -41.45 38.63 8.82
CA ASP D 152 -41.14 37.68 9.88
C ASP D 152 -41.68 36.30 9.55
N LEU D 153 -41.45 35.82 8.34
CA LEU D 153 -42.00 34.53 7.94
C LEU D 153 -40.93 33.47 7.66
N LEU D 154 -39.69 33.70 8.11
CA LEU D 154 -38.56 32.82 7.78
C LEU D 154 -38.01 31.99 8.93
N GLU D 155 -38.41 32.31 10.16
CA GLU D 155 -37.74 31.74 11.34
C GLU D 155 -37.71 30.21 11.38
N ARG D 156 -38.78 29.55 10.95
CA ARG D 156 -38.80 28.08 10.98
C ARG D 156 -38.84 27.52 9.54
N ALA D 157 -38.30 28.28 8.59
CA ALA D 157 -38.53 28.01 7.17
C ALA D 157 -37.32 27.46 6.44
N ARG D 158 -37.58 26.91 5.27
CA ARG D 158 -36.57 26.72 4.23
C ARG D 158 -37.07 27.30 2.93
N VAL D 159 -36.14 27.62 2.03
CA VAL D 159 -36.47 28.20 0.73
C VAL D 159 -35.78 27.40 -0.34
N ALA D 160 -36.56 26.86 -1.25
CA ALA D 160 -36.04 26.15 -2.38
C ALA D 160 -36.15 27.01 -3.63
N VAL D 161 -35.02 27.24 -4.30
CA VAL D 161 -34.97 28.09 -5.50
C VAL D 161 -34.72 27.26 -6.75
N GLU D 162 -35.55 27.47 -7.75
CA GLU D 162 -35.36 26.80 -9.04
C GLU D 162 -34.19 27.35 -9.80
N LYS D 163 -33.45 26.46 -10.45
CA LYS D 163 -32.37 26.87 -11.34
C LYS D 163 -32.93 27.78 -12.47
N PRO D 164 -32.16 28.76 -12.95
CA PRO D 164 -30.77 29.04 -12.57
C PRO D 164 -30.64 29.88 -11.30
N PHE D 165 -29.50 29.70 -10.64
CA PHE D 165 -29.09 30.51 -9.50
C PHE D 165 -27.68 31.02 -9.80
N GLY D 166 -27.54 31.72 -10.92
CA GLY D 166 -26.28 32.28 -11.36
C GLY D 166 -25.90 31.73 -12.70
N HIS D 167 -25.14 32.52 -13.46
CA HIS D 167 -24.60 32.13 -14.77
C HIS D 167 -23.08 32.27 -14.83
N ASP D 168 -22.47 32.66 -13.71
CA ASP D 168 -21.02 32.70 -13.56
C ASP D 168 -20.69 32.98 -12.11
N LEU D 169 -19.41 33.09 -11.80
CA LEU D 169 -19.00 33.26 -10.41
C LEU D 169 -19.57 34.53 -9.79
N GLU D 170 -19.43 35.66 -10.47
CA GLU D 170 -19.87 36.96 -9.93
C GLU D 170 -21.39 37.00 -9.72
N SER D 171 -22.15 36.53 -10.72
CA SER D 171 -23.61 36.52 -10.58
C SER D 171 -24.10 35.59 -9.45
N ALA D 172 -23.46 34.43 -9.31
CA ALA D 172 -23.82 33.51 -8.22
C ALA D 172 -23.49 34.12 -6.87
N ARG D 173 -22.33 34.78 -6.77
CA ARG D 173 -21.96 35.45 -5.52
C ARG D 173 -22.93 36.57 -5.12
N ASP D 174 -23.38 37.36 -6.11
CA ASP D 174 -24.32 38.47 -5.83
C ASP D 174 -25.67 37.94 -5.36
N LEU D 175 -26.19 36.94 -6.06
CA LEU D 175 -27.47 36.36 -5.65
C LEU D 175 -27.34 35.82 -4.24
N ASN D 176 -26.31 35.03 -4.06
CA ASN D 176 -26.06 34.40 -2.79
C ASN D 176 -25.92 35.35 -1.60
N ALA D 177 -25.24 36.47 -1.82
CA ALA D 177 -25.09 37.48 -0.77
C ALA D 177 -26.46 38.01 -0.32
N ARG D 178 -27.37 38.23 -1.26
CA ARG D 178 -28.69 38.77 -0.91
C ARG D 178 -29.50 37.75 -0.10
N LEU D 179 -29.42 36.47 -0.47
CA LEU D 179 -30.13 35.41 0.28
C LEU D 179 -29.54 35.19 1.68
N ARG D 180 -28.22 35.20 1.77
CA ARG D 180 -27.57 34.92 3.03
C ARG D 180 -27.72 36.06 4.03
N ALA D 181 -28.06 37.24 3.55
CA ALA D 181 -28.33 38.36 4.46
C ALA D 181 -29.50 38.01 5.36
N VAL D 182 -30.43 37.16 4.91
CA VAL D 182 -31.59 36.78 5.74
C VAL D 182 -31.77 35.28 6.00
N LEU D 183 -31.04 34.43 5.29
CA LEU D 183 -31.16 32.99 5.45
C LEU D 183 -29.82 32.41 5.80
N ASP D 184 -29.83 31.43 6.69
CA ASP D 184 -28.66 30.60 6.88
C ASP D 184 -28.55 29.69 5.64
N GLU D 185 -27.34 29.21 5.42
CA GLU D 185 -27.05 28.33 4.31
C GLU D 185 -27.92 27.10 4.37
N ASP D 186 -28.21 26.58 5.56
CA ASP D 186 -29.02 25.37 5.70
C ASP D 186 -30.51 25.59 5.46
N GLN D 187 -30.93 26.83 5.23
CA GLN D 187 -32.31 27.08 4.85
C GLN D 187 -32.41 27.23 3.34
N ILE D 188 -31.29 27.23 2.65
CA ILE D 188 -31.28 27.41 1.20
C ILE D 188 -31.12 26.09 0.45
N LEU D 189 -32.09 25.78 -0.41
CA LEU D 189 -32.10 24.58 -1.24
C LEU D 189 -32.09 24.94 -2.72
N ARG D 190 -30.96 24.72 -3.37
CA ARG D 190 -30.80 25.11 -4.76
C ARG D 190 -31.20 23.93 -5.64
N VAL D 191 -32.36 24.03 -6.27
CA VAL D 191 -32.95 22.91 -6.99
C VAL D 191 -32.39 22.81 -8.42
N ASP D 192 -31.76 21.68 -8.72
CA ASP D 192 -31.24 21.36 -10.06
C ASP D 192 -31.71 19.96 -10.38
N HIS D 193 -32.61 19.86 -11.34
CA HIS D 193 -33.27 18.59 -11.65
C HIS D 193 -32.28 17.47 -11.96
N PHE D 194 -31.15 17.78 -12.61
CA PHE D 194 -30.14 16.74 -12.90
C PHE D 194 -29.62 16.04 -11.64
N LEU D 195 -29.43 16.78 -10.56
CA LEU D 195 -28.96 16.21 -9.30
C LEU D 195 -29.90 15.18 -8.72
N GLY D 196 -31.19 15.32 -9.01
CA GLY D 196 -32.17 14.33 -8.64
C GLY D 196 -31.95 12.95 -9.22
N LYS D 197 -31.10 12.83 -10.26
CA LYS D 197 -30.73 11.53 -10.87
C LYS D 197 -29.51 10.88 -10.19
N GLN D 198 -28.87 11.58 -9.26
CA GLN D 198 -27.65 11.06 -8.72
C GLN D 198 -27.89 10.03 -7.61
N PRO D 199 -27.30 8.83 -7.75
CA PRO D 199 -27.41 7.82 -6.70
C PRO D 199 -26.39 8.06 -5.61
N VAL D 200 -26.62 9.12 -4.85
CA VAL D 200 -25.68 9.63 -3.86
C VAL D 200 -25.39 8.60 -2.76
N GLU D 201 -26.42 8.06 -2.14
CA GLU D 201 -26.20 7.09 -1.06
C GLU D 201 -25.60 5.79 -1.57
N GLU D 202 -26.06 5.36 -2.74
CA GLU D 202 -25.74 4.04 -3.23
C GLU D 202 -24.33 3.99 -3.74
N LEU D 203 -23.88 5.08 -4.32
CA LEU D 203 -22.53 5.14 -4.80
C LEU D 203 -21.51 5.23 -3.63
N GLN D 204 -21.90 5.92 -2.57
CA GLN D 204 -21.12 5.91 -1.33
C GLN D 204 -21.01 4.53 -0.73
N TYR D 205 -22.10 3.80 -0.68
CA TYR D 205 -22.07 2.47 -0.12
C TYR D 205 -21.19 1.56 -0.97
N LEU D 206 -21.31 1.70 -2.28
CA LEU D 206 -20.50 0.92 -3.21
C LEU D 206 -19.02 1.10 -2.93
N ARG D 207 -18.62 2.35 -2.73
CA ARG D 207 -17.20 2.71 -2.54
C ARG D 207 -16.67 2.43 -1.15
N PHE D 208 -17.51 2.62 -0.15
CA PHE D 208 -17.05 2.72 1.22
C PHE D 208 -17.37 1.50 2.04
N ALA D 209 -18.22 0.62 1.53
CA ALA D 209 -18.52 -0.62 2.21
C ALA D 209 -17.89 -1.87 1.58
N ASN D 210 -17.30 -1.74 0.40
CA ASN D 210 -16.65 -2.84 -0.31
C ASN D 210 -15.13 -2.69 -0.38
N ASN D 211 -14.42 -3.46 0.44
CA ASN D 211 -12.99 -3.30 0.53
C ASN D 211 -12.30 -3.68 -0.80
N ALA D 212 -12.91 -4.55 -1.59
CA ALA D 212 -12.33 -4.93 -2.88
C ALA D 212 -12.27 -3.73 -3.79
N LEU D 213 -13.20 -2.81 -3.64
CA LEU D 213 -13.21 -1.62 -4.47
C LEU D 213 -12.41 -0.50 -3.79
N ALA D 214 -12.56 -0.34 -2.48
CA ALA D 214 -11.87 0.74 -1.78
C ALA D 214 -10.37 0.62 -1.90
N LYS D 215 -9.87 -0.61 -1.91
CA LYS D 215 -8.48 -0.81 -2.12
C LYS D 215 -7.97 -0.31 -3.45
N LEU D 216 -8.83 -0.28 -4.48
CA LEU D 216 -8.41 0.09 -5.86
C LEU D 216 -8.60 1.56 -6.10
N TRP D 217 -9.24 2.26 -5.16
CA TRP D 217 -9.85 3.56 -5.49
C TRP D 217 -8.90 4.75 -5.28
N ASP D 218 -7.72 4.68 -5.88
CA ASP D 218 -6.72 5.76 -5.80
C ASP D 218 -5.70 5.67 -6.96
N ARG D 219 -4.80 6.65 -7.02
CA ARG D 219 -3.83 6.73 -8.10
C ARG D 219 -2.85 5.56 -8.20
N ASP D 220 -2.73 4.76 -7.15
CA ASP D 220 -1.81 3.61 -7.20
C ASP D 220 -2.38 2.50 -8.06
N SER D 221 -3.72 2.48 -8.23
CA SER D 221 -4.35 1.52 -9.16
C SER D 221 -4.98 2.14 -10.39
N ILE D 222 -5.50 3.36 -10.30
CA ILE D 222 -6.24 4.01 -11.37
C ILE D 222 -5.32 4.92 -12.16
N SER D 223 -5.31 4.77 -13.47
CA SER D 223 -4.45 5.64 -14.33
C SER D 223 -5.18 6.81 -14.93
N GLU D 224 -6.47 6.67 -15.14
CA GLU D 224 -7.21 7.65 -15.92
C GLU D 224 -8.71 7.49 -15.73
N ILE D 225 -9.43 8.60 -15.79
CA ILE D 225 -10.88 8.60 -15.63
C ILE D 225 -11.55 9.31 -16.79
N HIS D 226 -12.60 8.70 -17.34
CA HIS D 226 -13.44 9.33 -18.37
C HIS D 226 -14.87 9.44 -17.89
N ILE D 227 -15.41 10.64 -17.94
CA ILE D 227 -16.81 10.88 -17.65
C ILE D 227 -17.59 11.26 -18.93
N THR D 228 -18.64 10.50 -19.22
CA THR D 228 -19.44 10.70 -20.41
C THR D 228 -20.89 10.95 -20.01
N MET D 229 -21.44 12.08 -20.44
CA MET D 229 -22.87 12.33 -20.32
C MET D 229 -23.47 12.57 -21.68
N ALA D 230 -24.22 11.59 -22.16
CA ALA D 230 -24.80 11.65 -23.49
C ALA D 230 -26.32 11.67 -23.42
N GLU D 231 -26.92 12.57 -24.18
CA GLU D 231 -28.37 12.57 -24.37
C GLU D 231 -28.62 12.38 -25.86
N ASP D 232 -29.54 11.48 -26.20
CA ASP D 232 -29.85 11.16 -27.61
C ASP D 232 -31.03 11.99 -28.12
N PHE D 233 -31.07 13.27 -27.73
CA PHE D 233 -32.07 14.20 -28.22
C PHE D 233 -31.47 15.61 -28.23
N GLY D 234 -32.10 16.49 -29.01
CA GLY D 234 -31.67 17.89 -29.12
C GLY D 234 -32.40 18.77 -28.11
N ILE D 235 -32.39 20.06 -28.35
CA ILE D 235 -33.11 21.01 -27.48
C ILE D 235 -34.58 20.96 -27.93
N GLU D 236 -35.43 20.30 -27.15
CA GLU D 236 -36.83 20.10 -27.52
C GLU D 236 -37.67 21.36 -27.28
N ASP D 237 -37.33 22.11 -26.23
CA ASP D 237 -38.10 23.31 -25.87
C ASP D 237 -37.19 24.33 -25.18
N ARG D 238 -37.72 25.53 -24.99
CA ARG D 238 -37.01 26.57 -24.28
C ARG D 238 -35.66 26.88 -24.96
N GLY D 239 -35.65 26.84 -26.30
CA GLY D 239 -34.46 27.14 -27.10
C GLY D 239 -33.83 28.48 -26.76
N LYS D 240 -34.66 29.49 -26.52
CA LYS D 240 -34.16 30.83 -26.17
C LYS D 240 -33.41 30.80 -24.84
N PHE D 241 -33.91 30.00 -23.89
CA PHE D 241 -33.28 29.82 -22.59
C PHE D 241 -31.96 29.06 -22.73
N TYR D 242 -31.96 27.92 -23.44
CA TYR D 242 -30.73 27.15 -23.65
C TYR D 242 -29.62 27.96 -24.32
N ASP D 243 -29.99 28.76 -25.32
CA ASP D 243 -29.01 29.51 -26.10
C ASP D 243 -28.26 30.54 -25.28
N ALA D 244 -28.82 30.93 -24.14
CA ALA D 244 -28.15 31.81 -23.17
C ALA D 244 -27.40 31.03 -22.04
N VAL D 245 -27.51 29.71 -22.04
CA VAL D 245 -26.90 28.85 -21.01
C VAL D 245 -25.71 28.07 -21.56
N GLY D 246 -25.99 27.09 -22.44
CA GLY D 246 -24.95 26.26 -23.04
C GLY D 246 -24.62 25.05 -22.17
N ALA D 247 -24.02 24.02 -22.79
CA ALA D 247 -23.72 22.75 -22.12
C ALA D 247 -22.87 22.90 -20.85
N VAL D 248 -21.81 23.70 -20.89
CA VAL D 248 -20.99 23.90 -19.69
C VAL D 248 -21.83 24.33 -18.50
N ARG D 249 -22.62 25.40 -18.67
CA ARG D 249 -23.45 25.90 -17.56
C ARG D 249 -24.59 24.94 -17.24
N ASP D 250 -25.08 24.25 -18.24
CA ASP D 250 -26.25 23.41 -18.10
C ASP D 250 -25.98 22.11 -17.31
N VAL D 251 -24.90 21.41 -17.64
CA VAL D 251 -24.60 20.10 -17.02
C VAL D 251 -23.24 19.96 -16.29
N VAL D 252 -22.24 20.75 -16.68
CA VAL D 252 -20.88 20.54 -16.19
C VAL D 252 -20.69 21.20 -14.83
N GLN D 253 -20.98 22.50 -14.76
CA GLN D 253 -20.71 23.31 -13.57
C GLN D 253 -21.26 22.70 -12.27
N ASN D 254 -22.47 22.19 -12.32
CA ASN D 254 -23.13 21.61 -11.14
C ASN D 254 -23.21 20.08 -11.22
N HIS D 255 -24.00 19.57 -12.14
CA HIS D 255 -24.25 18.12 -12.20
C HIS D 255 -23.00 17.23 -12.32
N LEU D 256 -22.24 17.39 -13.40
CA LEU D 256 -21.13 16.46 -13.65
C LEU D 256 -19.97 16.63 -12.68
N LEU D 257 -19.64 17.87 -12.33
CA LEU D 257 -18.64 18.09 -11.31
C LEU D 257 -19.09 17.49 -9.97
N GLN D 258 -20.37 17.56 -9.66
CA GLN D 258 -20.86 16.95 -8.44
C GLN D 258 -20.70 15.42 -8.53
N VAL D 259 -20.93 14.85 -9.70
CA VAL D 259 -20.75 13.41 -9.90
C VAL D 259 -19.29 13.01 -9.71
N LEU D 260 -18.40 13.78 -10.31
CA LEU D 260 -16.98 13.56 -10.12
C LEU D 260 -16.59 13.62 -8.65
N ALA D 261 -17.09 14.64 -7.95
CA ALA D 261 -16.80 14.74 -6.52
C ALA D 261 -17.24 13.51 -5.73
N LEU D 262 -18.41 12.97 -6.05
CA LEU D 262 -18.91 11.78 -5.38
C LEU D 262 -17.98 10.60 -5.61
N VAL D 263 -17.47 10.51 -6.82
CA VAL D 263 -16.57 9.42 -7.18
C VAL D 263 -15.23 9.58 -6.50
N ALA D 264 -14.80 10.84 -6.32
CA ALA D 264 -13.43 11.14 -5.94
C ALA D 264 -13.19 11.49 -4.49
N MET D 265 -14.25 11.82 -3.79
CA MET D 265 -14.11 12.38 -2.42
C MET D 265 -13.64 11.37 -1.42
N GLU D 266 -13.04 11.88 -0.35
CA GLU D 266 -12.74 11.11 0.84
C GLU D 266 -14.06 10.77 1.54
N PRO D 267 -14.05 9.75 2.40
CA PRO D 267 -15.29 9.36 3.04
C PRO D 267 -15.74 10.34 4.08
N PRO D 268 -17.03 10.69 4.10
CA PRO D 268 -17.56 11.59 5.14
C PRO D 268 -17.47 10.98 6.48
N VAL D 269 -17.30 11.82 7.49
CA VAL D 269 -17.20 11.33 8.86
C VAL D 269 -18.54 11.16 9.53
N GLY D 270 -19.61 11.50 8.81
CA GLY D 270 -20.96 11.26 9.29
C GLY D 270 -21.93 11.09 8.12
N ALA D 271 -23.16 10.81 8.49
CA ALA D 271 -24.19 10.50 7.53
C ALA D 271 -24.98 11.76 7.14
N GLY D 272 -24.76 12.90 7.78
CA GLY D 272 -25.53 14.07 7.42
C GLY D 272 -25.11 14.75 6.10
N ALA D 273 -25.95 15.65 5.64
CA ALA D 273 -25.71 16.35 4.40
C ALA D 273 -24.52 17.29 4.45
N ASP D 274 -24.31 17.95 5.56
CA ASP D 274 -23.12 18.81 5.67
C ASP D 274 -21.81 18.01 5.69
N ASP D 275 -21.83 16.83 6.29
CA ASP D 275 -20.67 15.96 6.29
C ASP D 275 -20.33 15.55 4.83
N LEU D 276 -21.36 15.28 4.05
CA LEU D 276 -21.17 14.92 2.65
C LEU D 276 -20.66 16.11 1.84
N ASN D 277 -21.27 17.26 2.08
CA ASN D 277 -20.85 18.45 1.40
C ASN D 277 -19.47 18.97 1.80
N ASP D 278 -19.07 18.75 3.05
CA ASP D 278 -17.68 18.99 3.42
C ASP D 278 -16.75 18.21 2.47
N LYS D 279 -17.07 16.95 2.16
CA LYS D 279 -16.11 16.14 1.39
C LYS D 279 -16.10 16.53 -0.06
N LYS D 280 -17.25 16.91 -0.59
CA LYS D 280 -17.31 17.34 -1.95
C LYS D 280 -16.50 18.62 -2.13
N ALA D 281 -16.64 19.57 -1.20
CA ALA D 281 -15.94 20.86 -1.31
C ALA D 281 -14.44 20.65 -1.31
N GLU D 282 -13.96 19.73 -0.47
CA GLU D 282 -12.54 19.40 -0.52
C GLU D 282 -12.02 18.97 -1.87
N VAL D 283 -12.82 18.23 -2.63
CA VAL D 283 -12.41 17.79 -3.96
C VAL D 283 -12.20 18.98 -4.86
N PHE D 284 -13.21 19.87 -4.90
CA PHE D 284 -13.15 21.03 -5.78
C PHE D 284 -11.99 22.00 -5.43
N ARG D 285 -11.68 22.10 -4.13
CA ARG D 285 -10.60 22.96 -3.67
C ARG D 285 -9.19 22.47 -4.18
N ALA D 286 -9.09 21.22 -4.61
CA ALA D 286 -7.83 20.68 -5.07
C ALA D 286 -7.80 20.60 -6.58
N MET D 287 -8.84 21.11 -7.22
CA MET D 287 -8.90 21.14 -8.70
C MET D 287 -8.47 22.51 -9.24
N PRO D 288 -7.51 22.53 -10.12
CA PRO D 288 -7.19 23.78 -10.82
C PRO D 288 -8.30 24.18 -11.78
N SER D 289 -8.40 25.47 -12.04
CA SER D 289 -9.33 25.97 -13.04
C SER D 289 -9.06 25.37 -14.41
N LEU D 290 -10.09 25.23 -15.22
CA LEU D 290 -9.93 24.60 -16.53
C LEU D 290 -9.00 25.40 -17.41
N ASP D 291 -8.23 24.67 -18.21
CA ASP D 291 -7.43 25.25 -19.27
C ASP D 291 -8.26 25.34 -20.58
N PRO D 292 -8.61 26.55 -21.03
CA PRO D 292 -9.46 26.67 -22.22
C PRO D 292 -8.89 25.99 -23.48
N GLU D 293 -7.56 25.81 -23.54
CA GLU D 293 -6.90 25.15 -24.66
C GLU D 293 -7.12 23.64 -24.61
N HIS D 294 -7.53 23.12 -23.46
CA HIS D 294 -7.84 21.69 -23.31
C HIS D 294 -9.37 21.48 -23.23
N CYS D 295 -10.13 22.41 -23.83
CA CYS D 295 -11.59 22.35 -23.83
C CYS D 295 -12.10 22.48 -25.26
N VAL D 296 -12.95 21.54 -25.67
CA VAL D 296 -13.46 21.46 -27.03
C VAL D 296 -14.96 21.69 -26.99
N ARG D 297 -15.43 22.64 -27.78
CA ARG D 297 -16.82 23.03 -27.79
C ARG D 297 -17.47 22.63 -29.10
N GLY D 298 -18.63 22.00 -28.99
CA GLY D 298 -19.37 21.54 -30.15
C GLY D 298 -20.80 22.08 -30.21
N GLN D 299 -21.35 22.08 -31.43
CA GLN D 299 -22.71 22.51 -31.71
C GLN D 299 -23.27 21.61 -32.78
N TYR D 300 -24.39 20.96 -32.48
CA TYR D 300 -24.95 20.02 -33.43
C TYR D 300 -25.63 20.76 -34.64
N ARG D 301 -25.47 20.18 -35.83
CA ARG D 301 -26.03 20.74 -37.08
C ARG D 301 -27.55 20.68 -36.98
N GLY D 302 -28.18 21.84 -37.14
CA GLY D 302 -29.63 21.97 -36.93
C GLY D 302 -29.99 22.76 -35.69
N TYR D 303 -29.01 22.97 -34.81
CA TYR D 303 -29.25 23.69 -33.56
C TYR D 303 -29.72 25.12 -33.83
N THR D 304 -29.12 25.77 -34.82
CA THR D 304 -29.46 27.14 -35.21
C THR D 304 -30.88 27.29 -35.75
N GLU D 305 -31.53 26.18 -36.16
CA GLU D 305 -32.93 26.21 -36.63
C GLU D 305 -33.98 25.91 -35.52
N VAL D 306 -33.53 25.71 -34.30
CA VAL D 306 -34.45 25.51 -33.15
C VAL D 306 -35.12 26.83 -32.73
N PRO D 307 -36.46 26.82 -32.47
CA PRO D 307 -37.08 28.14 -32.20
C PRO D 307 -36.47 28.78 -30.97
N GLY D 308 -36.20 30.08 -31.07
CA GLY D 308 -35.55 30.85 -30.00
C GLY D 308 -34.03 30.94 -30.11
N VAL D 309 -33.41 30.09 -30.93
CA VAL D 309 -31.95 30.10 -31.07
C VAL D 309 -31.55 31.04 -32.19
N ALA D 310 -30.61 31.93 -31.90
CA ALA D 310 -30.09 32.90 -32.88
C ALA D 310 -29.35 32.20 -34.04
N LYS D 311 -29.53 32.74 -35.24
CA LYS D 311 -29.01 32.13 -36.47
C LYS D 311 -27.47 32.09 -36.46
N ASP D 312 -26.87 33.07 -35.78
CA ASP D 312 -25.41 33.17 -35.62
C ASP D 312 -24.90 32.72 -34.21
N SER D 313 -25.69 31.92 -33.49
CA SER D 313 -25.30 31.46 -32.12
C SER D 313 -23.92 30.83 -32.05
N THR D 314 -23.15 31.20 -31.03
CA THR D 314 -21.86 30.58 -30.72
C THR D 314 -21.99 29.61 -29.52
N THR D 315 -23.23 29.33 -29.11
CA THR D 315 -23.49 28.53 -27.91
C THR D 315 -23.22 27.05 -28.16
N GLU D 316 -22.57 26.39 -27.17
CA GLU D 316 -22.18 24.98 -27.32
C GLU D 316 -23.29 24.05 -26.84
N THR D 317 -23.54 22.99 -27.59
CA THR D 317 -24.44 21.93 -27.15
C THR D 317 -23.62 20.72 -26.71
N TYR D 318 -22.29 20.82 -26.83
CA TYR D 318 -21.36 19.73 -26.48
C TYR D 318 -20.11 20.34 -25.92
N VAL D 319 -19.53 19.67 -24.92
CA VAL D 319 -18.22 20.07 -24.41
C VAL D 319 -17.39 18.83 -24.03
N ALA D 320 -16.10 18.88 -24.35
CA ALA D 320 -15.17 17.87 -23.90
C ALA D 320 -14.02 18.63 -23.28
N LEU D 321 -13.54 18.15 -22.14
CA LEU D 321 -12.50 18.86 -21.41
C LEU D 321 -11.59 17.93 -20.63
N ARG D 322 -10.45 18.46 -20.25
CA ARG D 322 -9.51 17.76 -19.41
C ARG D 322 -9.36 18.53 -18.11
N THR D 323 -9.40 17.78 -17.00
CA THR D 323 -9.16 18.37 -15.69
C THR D 323 -8.37 17.37 -14.83
N GLU D 324 -8.25 17.69 -13.55
CA GLU D 324 -7.51 16.87 -12.63
C GLU D 324 -7.86 17.24 -11.20
N ILE D 325 -7.54 16.33 -10.28
CA ILE D 325 -7.70 16.56 -8.87
C ILE D 325 -6.33 16.39 -8.27
N ASP D 326 -5.73 17.49 -7.80
CA ASP D 326 -4.33 17.50 -7.41
C ASP D 326 -4.15 17.24 -5.92
N ASN D 327 -4.55 16.05 -5.46
CA ASN D 327 -4.41 15.69 -4.06
C ASN D 327 -3.78 14.30 -3.91
N TRP D 328 -3.73 13.78 -2.68
CA TRP D 328 -2.99 12.54 -2.40
C TRP D 328 -3.60 11.35 -3.10
N ARG D 329 -4.92 11.37 -3.29
CA ARG D 329 -5.60 10.26 -3.88
C ARG D 329 -5.51 10.25 -5.39
N TRP D 330 -5.56 11.43 -6.03
CA TRP D 330 -5.74 11.50 -7.46
C TRP D 330 -4.66 12.25 -8.27
N ALA D 331 -3.61 12.76 -7.65
CA ALA D 331 -2.61 13.55 -8.42
C ALA D 331 -2.08 12.78 -9.61
N GLY D 332 -1.99 13.48 -10.74
CA GLY D 332 -1.42 12.90 -11.95
C GLY D 332 -2.39 12.02 -12.75
N VAL D 333 -3.60 11.80 -12.27
CA VAL D 333 -4.58 10.98 -12.95
C VAL D 333 -5.40 11.91 -13.83
N PRO D 334 -5.18 11.88 -15.15
CA PRO D 334 -5.99 12.73 -15.99
C PRO D 334 -7.49 12.36 -15.95
N ILE D 335 -8.35 13.37 -15.90
CA ILE D 335 -9.78 13.21 -15.90
C ILE D 335 -10.37 13.89 -17.15
N PHE D 336 -10.99 13.09 -18.01
CA PHE D 336 -11.58 13.61 -19.24
C PHE D 336 -13.08 13.55 -19.13
N LEU D 337 -13.72 14.63 -19.53
CA LEU D 337 -15.15 14.75 -19.40
C LEU D 337 -15.76 15.18 -20.75
N ARG D 338 -16.85 14.51 -21.14
CA ARG D 338 -17.60 14.91 -22.33
C ARG D 338 -19.08 14.87 -22.04
N ALA D 339 -19.79 15.90 -22.49
CA ALA D 339 -21.23 16.00 -22.33
C ALA D 339 -21.84 16.66 -23.56
N GLY D 340 -22.99 16.18 -24.01
CA GLY D 340 -23.61 16.78 -25.16
C GLY D 340 -24.97 16.30 -25.59
N LYS D 341 -25.65 17.18 -26.30
CA LYS D 341 -26.96 16.92 -26.91
C LYS D 341 -26.82 16.22 -28.25
N ALA D 342 -27.85 15.47 -28.61
CA ALA D 342 -27.89 14.77 -29.89
C ALA D 342 -26.69 13.83 -30.10
N LEU D 343 -26.37 13.06 -29.05
CA LEU D 343 -25.37 12.00 -29.14
C LEU D 343 -26.10 10.67 -29.39
N PRO D 344 -25.36 9.58 -29.66
CA PRO D 344 -26.04 8.34 -30.07
C PRO D 344 -26.92 7.64 -29.03
N HIS D 345 -26.67 7.88 -27.74
CA HIS D 345 -27.42 7.19 -26.68
C HIS D 345 -27.71 8.11 -25.51
N LYS D 346 -28.63 7.69 -24.65
CA LYS D 346 -28.85 8.37 -23.37
C LYS D 346 -28.12 7.59 -22.27
N VAL D 347 -26.99 8.10 -21.80
CA VAL D 347 -26.22 7.40 -20.79
C VAL D 347 -25.25 8.36 -20.12
N THR D 348 -25.11 8.19 -18.82
CA THR D 348 -24.11 8.89 -18.05
C THR D 348 -23.23 7.85 -17.38
N GLU D 349 -21.93 7.93 -17.65
CA GLU D 349 -20.97 6.94 -17.22
C GLU D 349 -19.73 7.58 -16.63
N VAL D 350 -19.17 6.92 -15.63
CA VAL D 350 -17.84 7.23 -15.12
C VAL D 350 -16.99 5.96 -15.33
N ARG D 351 -15.95 6.08 -16.13
CA ARG D 351 -15.14 4.92 -16.49
C ARG D 351 -13.76 5.11 -15.96
N MET D 352 -13.33 4.22 -15.09
CA MET D 352 -12.01 4.34 -14.49
C MET D 352 -11.07 3.26 -15.04
N PHE D 353 -9.96 3.66 -15.63
CA PHE D 353 -8.97 2.73 -16.20
C PHE D 353 -7.93 2.40 -15.17
N LEU D 354 -7.65 1.12 -14.97
CA LEU D 354 -6.56 0.78 -14.05
C LEU D 354 -5.25 0.77 -14.78
N HIS D 355 -4.14 0.91 -14.07
CA HIS D 355 -2.83 0.55 -14.64
C HIS D 355 -2.81 -0.96 -14.96
N HIS D 356 -2.02 -1.31 -15.96
CA HIS D 356 -1.60 -2.70 -16.14
C HIS D 356 -0.78 -3.16 -14.94
N VAL D 357 -0.76 -4.48 -14.75
CA VAL D 357 0.11 -5.06 -13.80
C VAL D 357 1.52 -4.69 -14.26
N PRO D 358 2.37 -4.17 -13.35
CA PRO D 358 3.67 -3.68 -13.78
C PRO D 358 4.67 -4.83 -14.00
N GLY D 359 5.65 -4.59 -14.85
CA GLY D 359 6.74 -5.51 -15.03
C GLY D 359 6.50 -6.64 -16.02
N PHE D 360 7.49 -7.49 -16.16
CA PHE D 360 7.40 -8.72 -16.94
C PHE D 360 7.01 -8.54 -18.41
N SER D 361 7.48 -7.46 -19.04
CA SER D 361 7.35 -7.30 -20.47
CA SER D 361 7.33 -7.30 -20.49
C SER D 361 8.04 -8.43 -21.25
N PHE D 362 9.05 -9.05 -20.65
CA PHE D 362 9.80 -10.15 -21.28
C PHE D 362 9.11 -11.52 -21.19
N LEU D 363 7.92 -11.58 -20.60
CA LEU D 363 7.19 -12.85 -20.53
C LEU D 363 5.85 -12.77 -21.23
N PRO D 364 5.37 -13.92 -21.74
CA PRO D 364 4.04 -13.97 -22.35
C PRO D 364 2.96 -14.09 -21.27
N ASN D 365 1.73 -13.75 -21.64
CA ASN D 365 0.56 -14.02 -20.82
C ASN D 365 0.52 -13.24 -19.52
N ARG D 366 1.12 -12.05 -19.54
CA ARG D 366 1.08 -11.19 -18.39
C ARG D 366 0.36 -9.87 -18.64
N ARG D 367 -0.08 -9.65 -19.88
CA ARG D 367 -0.62 -8.33 -20.25
C ARG D 367 -1.73 -8.38 -21.29
N PRO D 368 -2.97 -8.15 -20.87
CA PRO D 368 -4.07 -8.12 -21.85
C PRO D 368 -3.96 -6.91 -22.76
N PRO D 369 -4.60 -6.95 -23.92
CA PRO D 369 -4.61 -5.78 -24.81
C PRO D 369 -5.15 -4.47 -24.16
N GLU D 370 -6.14 -4.57 -23.29
CA GLU D 370 -6.62 -3.41 -22.54
C GLU D 370 -6.57 -3.68 -21.07
N PRO D 371 -6.28 -2.65 -20.26
CA PRO D 371 -6.18 -2.82 -18.82
C PRO D 371 -7.54 -3.00 -18.21
N ASN D 372 -7.57 -3.48 -16.97
CA ASN D 372 -8.82 -3.59 -16.23
C ASN D 372 -9.53 -2.22 -16.13
N GLN D 373 -10.86 -2.24 -16.06
CA GLN D 373 -11.67 -1.05 -15.93
C GLN D 373 -12.81 -1.22 -14.92
N ILE D 374 -13.06 -0.17 -14.16
CA ILE D 374 -14.22 -0.08 -13.32
C ILE D 374 -15.16 0.90 -13.99
N VAL D 375 -16.36 0.45 -14.32
CA VAL D 375 -17.33 1.31 -14.97
C VAL D 375 -18.56 1.54 -14.13
N LEU D 376 -18.91 2.79 -13.91
CA LEU D 376 -20.12 3.13 -13.17
C LEU D 376 -21.11 3.80 -14.10
N ARG D 377 -22.22 3.12 -14.39
CA ARG D 377 -23.32 3.79 -15.06
C ARG D 377 -24.14 4.56 -14.03
N ILE D 378 -24.16 5.88 -14.14
CA ILE D 378 -24.91 6.77 -13.24
C ILE D 378 -26.41 6.86 -13.64
N ASP D 379 -26.67 6.87 -14.94
CA ASP D 379 -28.04 7.00 -15.47
C ASP D 379 -28.02 6.53 -16.93
N PRO D 380 -29.08 5.86 -17.39
CA PRO D 380 -30.18 5.31 -16.61
C PRO D 380 -29.77 3.97 -16.08
N ASP D 381 -30.62 3.38 -15.26
CA ASP D 381 -30.46 2.03 -14.81
C ASP D 381 -29.05 1.82 -14.20
N PRO D 382 -28.80 2.51 -13.10
CA PRO D 382 -27.46 2.57 -12.53
C PRO D 382 -26.87 1.20 -12.22
N GLY D 383 -25.56 1.09 -12.41
CA GLY D 383 -24.90 -0.18 -12.13
C GLY D 383 -23.40 -0.06 -12.19
N MET D 384 -22.75 -1.19 -11.99
CA MET D 384 -21.31 -1.22 -12.03
C MET D 384 -20.85 -2.39 -12.87
N ARG D 385 -19.82 -2.14 -13.68
CA ARG D 385 -19.18 -3.19 -14.45
C ARG D 385 -17.70 -3.23 -14.15
N LEU D 386 -17.20 -4.40 -13.83
CA LEU D 386 -15.78 -4.61 -13.66
C LEU D 386 -15.26 -5.39 -14.88
N GLN D 387 -14.37 -4.79 -15.66
CA GLN D 387 -13.83 -5.45 -16.84
C GLN D 387 -12.48 -6.08 -16.53
N LEU D 388 -12.39 -7.38 -16.77
CA LEU D 388 -11.20 -8.13 -16.55
C LEU D 388 -10.86 -8.91 -17.80
N SER D 389 -9.78 -9.68 -17.73
CA SER D 389 -9.38 -10.56 -18.83
C SER D 389 -9.23 -12.00 -18.36
N ALA D 390 -9.50 -12.94 -19.25
CA ALA D 390 -9.53 -14.36 -18.87
C ALA D 390 -8.95 -15.22 -19.93
N GLN D 391 -8.39 -16.37 -19.51
CA GLN D 391 -7.91 -17.39 -20.44
C GLN D 391 -8.90 -18.53 -20.51
N VAL D 392 -9.26 -18.91 -21.74
CA VAL D 392 -10.07 -20.11 -21.99
C VAL D 392 -9.41 -20.83 -23.17
N GLY D 393 -8.82 -22.00 -22.89
CA GLY D 393 -7.99 -22.69 -23.87
C GLY D 393 -6.77 -21.87 -24.20
N ASP D 394 -6.46 -21.73 -25.49
CA ASP D 394 -5.38 -20.82 -25.95
C ASP D 394 -5.97 -19.50 -26.44
N SER D 395 -7.15 -19.14 -25.94
CA SER D 395 -7.79 -17.84 -26.21
C SER D 395 -7.73 -16.94 -24.96
N TRP D 396 -7.60 -15.63 -25.17
CA TRP D 396 -7.76 -14.63 -24.10
C TRP D 396 -8.82 -13.61 -24.50
N HIS D 397 -9.71 -13.28 -23.59
CA HIS D 397 -10.82 -12.40 -23.91
C HIS D 397 -11.33 -11.58 -22.75
N ASP D 398 -12.13 -10.57 -23.07
CA ASP D 398 -12.68 -9.69 -22.08
C ASP D 398 -13.77 -10.38 -21.30
N VAL D 399 -13.81 -10.07 -20.01
CA VAL D 399 -14.78 -10.60 -19.10
C VAL D 399 -15.51 -9.40 -18.43
N HIS D 400 -16.84 -9.41 -18.48
CA HIS D 400 -17.66 -8.33 -17.93
C HIS D 400 -18.42 -8.77 -16.69
N LEU D 401 -18.02 -8.26 -15.55
CA LEU D 401 -18.65 -8.58 -14.26
C LEU D 401 -19.62 -7.45 -13.88
N ASP D 402 -20.90 -7.66 -14.17
CA ASP D 402 -21.94 -6.62 -14.13
C ASP D 402 -22.91 -6.78 -12.96
N SER D 403 -23.30 -5.67 -12.36
CA SER D 403 -24.34 -5.65 -11.34
C SER D 403 -25.02 -4.30 -11.27
N SER D 404 -26.20 -4.29 -10.66
CA SER D 404 -27.03 -3.11 -10.46
C SER D 404 -26.91 -2.57 -9.05
N PHE D 405 -27.16 -1.27 -8.90
CA PHE D 405 -27.29 -0.64 -7.57
C PHE D 405 -28.20 0.57 -7.63
N ARG D 414 -39.23 10.99 -12.33
CA ARG D 414 -38.86 10.65 -10.93
C ARG D 414 -37.86 11.61 -10.25
N PRO D 415 -36.84 12.11 -10.98
CA PRO D 415 -35.92 13.00 -10.31
C PRO D 415 -36.56 14.24 -9.71
N TYR D 416 -37.50 14.82 -10.44
CA TYR D 416 -38.15 16.00 -9.95
C TYR D 416 -38.93 15.74 -8.66
N GLU D 417 -39.74 14.69 -8.63
CA GLU D 417 -40.51 14.36 -7.42
C GLU D 417 -39.59 13.99 -6.23
N ARG D 418 -38.51 13.30 -6.53
CA ARG D 418 -37.52 13.00 -5.52
C ARG D 418 -36.95 14.26 -4.87
N LEU D 419 -36.60 15.26 -5.67
CA LEU D 419 -36.08 16.51 -5.14
C LEU D 419 -37.09 17.25 -4.30
N LEU D 420 -38.34 17.27 -4.76
CA LEU D 420 -39.37 17.99 -4.05
C LEU D 420 -39.68 17.37 -2.71
N TYR D 421 -39.77 16.05 -2.71
CA TYR D 421 -39.98 15.32 -1.47
C TYR D 421 -38.80 15.53 -0.49
N ALA D 422 -37.58 15.43 -1.00
CA ALA D 422 -36.41 15.65 -0.17
C ALA D 422 -36.38 17.08 0.41
N ALA D 423 -36.70 18.07 -0.43
CA ALA D 423 -36.72 19.45 0.03
C ALA D 423 -37.70 19.59 1.18
N PHE D 424 -38.88 19.01 1.03
CA PHE D 424 -39.92 19.13 2.05
C PHE D 424 -39.51 18.51 3.37
N ASN D 425 -38.79 17.39 3.29
CA ASN D 425 -38.34 16.66 4.47
C ASN D 425 -36.99 17.15 5.00
N GLY D 426 -36.44 18.22 4.43
CA GLY D 426 -35.17 18.77 4.87
C GLY D 426 -33.95 17.89 4.63
N ASP D 427 -34.02 17.00 3.65
CA ASP D 427 -32.88 16.17 3.27
C ASP D 427 -32.07 16.91 2.20
N ARG D 428 -30.92 17.43 2.58
CA ARG D 428 -30.14 18.34 1.73
C ARG D 428 -29.05 17.67 0.89
N GLN D 429 -29.05 16.35 0.84
CA GLN D 429 -27.98 15.58 0.18
C GLN D 429 -27.90 15.93 -1.30
N LEU D 430 -29.05 16.22 -1.91
CA LEU D 430 -29.11 16.40 -3.36
C LEU D 430 -29.07 17.88 -3.76
N PHE D 431 -28.70 18.74 -2.83
CA PHE D 431 -28.72 20.19 -3.04
C PHE D 431 -27.34 20.76 -2.75
N ALA D 432 -26.69 21.26 -3.78
CA ALA D 432 -25.35 21.78 -3.67
C ALA D 432 -25.27 22.93 -2.66
N ARG D 433 -24.18 22.92 -1.90
CA ARG D 433 -23.96 23.90 -0.88
C ARG D 433 -23.11 25.02 -1.48
N GLU D 434 -23.23 26.20 -0.88
CA GLU D 434 -22.65 27.43 -1.38
C GLU D 434 -21.16 27.36 -1.70
N ASP D 435 -20.39 26.78 -0.79
CA ASP D 435 -18.94 26.66 -0.98
C ASP D 435 -18.61 25.84 -2.25
N ALA D 436 -19.33 24.74 -2.49
CA ALA D 436 -19.16 23.98 -3.70
C ALA D 436 -19.56 24.76 -4.95
N ILE D 437 -20.67 25.47 -4.86
CA ILE D 437 -21.10 26.26 -5.99
C ILE D 437 -20.00 27.22 -6.42
N GLU D 438 -19.45 27.96 -5.47
CA GLU D 438 -18.43 28.95 -5.78
C GLU D 438 -17.15 28.31 -6.31
N GLU D 439 -16.76 27.16 -5.80
CA GLU D 439 -15.59 26.50 -6.34
C GLU D 439 -15.83 26.03 -7.75
N THR D 440 -17.01 25.49 -8.04
CA THR D 440 -17.24 24.96 -9.37
C THR D 440 -17.33 26.09 -10.39
N TRP D 441 -17.83 27.26 -9.97
CA TRP D 441 -17.81 28.41 -10.85
C TRP D 441 -16.36 28.83 -11.11
N ARG D 442 -15.52 28.84 -10.07
CA ARG D 442 -14.11 29.21 -10.27
C ARG D 442 -13.50 28.26 -11.31
N ILE D 443 -13.81 26.98 -11.18
CA ILE D 443 -13.23 25.99 -12.04
C ILE D 443 -13.58 26.24 -13.49
N VAL D 444 -14.86 26.51 -13.78
CA VAL D 444 -15.32 26.63 -15.17
C VAL D 444 -15.12 28.04 -15.75
N GLN D 445 -14.88 29.04 -14.91
CA GLN D 445 -14.89 30.43 -15.38
C GLN D 445 -13.99 30.71 -16.60
N PRO D 446 -12.76 30.16 -16.64
CA PRO D 446 -11.89 30.47 -17.77
C PRO D 446 -12.48 30.08 -19.13
N VAL D 447 -13.21 28.98 -19.17
CA VAL D 447 -13.87 28.52 -20.39
C VAL D 447 -15.05 29.43 -20.76
N LEU D 448 -15.72 29.99 -19.77
CA LEU D 448 -16.78 30.98 -20.02
C LEU D 448 -16.20 32.28 -20.55
N ASP D 449 -15.04 32.69 -20.01
CA ASP D 449 -14.37 33.95 -20.39
C ASP D 449 -13.72 33.84 -21.76
N LYS D 450 -13.03 32.74 -22.05
CA LYS D 450 -12.33 32.59 -23.34
C LYS D 450 -12.77 31.30 -24.01
N PRO D 451 -14.02 31.28 -24.53
CA PRO D 451 -14.55 30.06 -25.13
C PRO D 451 -13.80 29.74 -26.41
N SER D 452 -13.48 28.46 -26.62
CA SER D 452 -12.77 28.05 -27.82
C SER D 452 -13.77 27.94 -28.99
N ARG D 453 -13.26 27.93 -30.22
CA ARG D 453 -14.09 27.96 -31.42
C ARG D 453 -15.05 26.75 -31.48
N ILE D 454 -16.26 26.99 -31.97
CA ILE D 454 -17.28 25.96 -32.10
C ILE D 454 -16.92 24.95 -33.19
N HIS D 455 -17.00 23.66 -32.88
CA HIS D 455 -16.91 22.61 -33.90
C HIS D 455 -18.31 22.03 -34.14
N GLN D 456 -18.72 21.96 -35.39
CA GLN D 456 -20.01 21.36 -35.74
C GLN D 456 -19.88 19.86 -35.68
N TYR D 457 -20.99 19.21 -35.34
CA TYR D 457 -21.06 17.75 -35.40
C TYR D 457 -22.45 17.34 -35.79
N GLU D 458 -22.56 16.18 -36.42
CA GLU D 458 -23.84 15.66 -36.87
C GLU D 458 -24.62 15.08 -35.73
N GLN D 459 -25.93 15.29 -35.77
CA GLN D 459 -26.86 14.70 -34.84
C GLN D 459 -26.72 13.17 -34.96
N GLY D 460 -26.63 12.47 -33.83
CA GLY D 460 -26.46 11.02 -33.83
C GLY D 460 -25.01 10.58 -33.86
N SER D 461 -24.06 11.51 -34.02
CA SER D 461 -22.63 11.17 -33.91
C SER D 461 -22.19 11.28 -32.48
N TRP D 462 -20.93 10.89 -32.21
CA TRP D 462 -20.33 11.05 -30.87
C TRP D 462 -19.79 12.45 -30.62
N GLY D 463 -19.87 13.33 -31.61
CA GLY D 463 -19.42 14.69 -31.43
C GLY D 463 -18.23 15.04 -32.31
N PRO D 464 -17.70 16.25 -32.15
CA PRO D 464 -16.60 16.72 -32.98
C PRO D 464 -15.34 15.85 -32.86
N GLU D 465 -14.63 15.67 -33.97
CA GLU D 465 -13.39 14.89 -34.00
C GLU D 465 -12.29 15.49 -33.13
N ALA D 466 -12.35 16.80 -32.90
CA ALA D 466 -11.37 17.44 -32.01
C ALA D 466 -11.43 16.89 -30.57
N ALA D 467 -12.58 16.34 -30.16
CA ALA D 467 -12.63 15.65 -28.87
C ALA D 467 -11.74 14.37 -28.83
N GLN D 468 -11.49 13.76 -29.98
CA GLN D 468 -10.58 12.60 -30.06
C GLN D 468 -9.15 13.04 -29.80
N ALA D 469 -8.81 14.21 -30.30
CA ALA D 469 -7.44 14.72 -30.16
C ALA D 469 -7.11 15.02 -28.69
N LEU D 470 -8.11 15.42 -27.91
CA LEU D 470 -7.94 15.65 -26.46
C LEU D 470 -7.25 14.49 -25.74
N VAL D 471 -7.60 13.25 -26.11
CA VAL D 471 -7.09 12.05 -25.44
C VAL D 471 -5.96 11.37 -26.19
N HIS D 472 -5.32 12.10 -27.09
CA HIS D 472 -4.36 11.48 -28.02
C HIS D 472 -3.28 10.55 -27.49
N GLY D 473 -2.50 11.00 -26.54
CA GLY D 473 -1.51 10.08 -25.91
C GLY D 473 -2.04 9.26 -24.71
N ARG D 474 -3.36 9.19 -24.56
CA ARG D 474 -4.00 8.56 -23.39
C ARG D 474 -4.90 7.42 -23.85
N HIS D 475 -5.93 7.09 -23.06
CA HIS D 475 -6.88 6.05 -23.44
C HIS D 475 -7.94 6.62 -24.33
N ALA D 476 -8.22 5.92 -25.41
CA ALA D 476 -9.28 6.31 -26.33
C ALA D 476 -10.64 6.36 -25.61
N TRP D 477 -11.52 7.25 -26.06
CA TRP D 477 -12.91 7.21 -25.62
C TRP D 477 -13.51 5.85 -25.99
N GLN D 478 -14.09 5.15 -25.02
CA GLN D 478 -14.63 3.82 -25.20
C GLN D 478 -16.09 3.96 -25.49
N GLN D 479 -16.65 2.91 -26.10
CA GLN D 479 -18.09 2.76 -26.23
C GLN D 479 -18.70 2.61 -24.83
N PRO D 480 -19.69 3.44 -24.49
CA PRO D 480 -20.25 3.37 -23.15
C PRO D 480 -21.02 2.08 -22.88
N TRP D 481 -21.04 1.67 -21.62
CA TRP D 481 -21.82 0.50 -21.18
C TRP D 481 -23.31 0.83 -21.11
N LEU D 482 -24.07 0.29 -22.05
CA LEU D 482 -25.50 0.55 -22.12
C LEU D 482 -26.35 -0.52 -21.42
N PRO D 483 -27.53 -0.11 -20.92
CA PRO D 483 -28.51 -1.08 -20.35
C PRO D 483 -28.98 -2.15 -21.35
C1 GOL E . 64.00 -17.73 13.91
O1 GOL E . 63.02 -17.67 14.96
C2 GOL E . 64.78 -16.42 13.58
O2 GOL E . 65.77 -15.93 14.58
C3 GOL E . 65.61 -16.80 12.32
O3 GOL E . 64.92 -16.87 11.07
C1 GOL F . 44.51 -3.25 11.19
O1 GOL F . 44.85 -4.50 11.80
C2 GOL F . 44.51 -3.54 9.70
O2 GOL F . 43.22 -3.97 9.38
C3 GOL F . 44.82 -2.38 8.80
O3 GOL F . 44.28 -2.73 7.52
CL CL G . 52.39 -13.84 -11.10
CL CL H . -11.89 -7.76 9.47
S SO4 I . -17.30 -36.95 19.46
O1 SO4 I . -16.81 -35.86 20.34
O2 SO4 I . -18.29 -37.80 20.21
O3 SO4 I . -17.91 -36.42 18.22
O4 SO4 I . -16.20 -37.76 18.88
C1 EDO J . 0.59 45.21 18.24
O1 EDO J . 0.97 45.96 17.08
C2 EDO J . -0.22 46.15 19.08
O2 EDO J . 0.56 47.23 19.65
CL CL K . 3.72 -6.32 15.32
CL CL L . 7.77 5.38 31.89
CL CL M . -0.32 1.19 -17.51
#